data_8Q53
# 
_entry.id   8Q53 
# 
_audit_conform.dict_name       mmcif_pdbx.dic 
_audit_conform.dict_version    5.395 
_audit_conform.dict_location   http://mmcif.pdb.org/dictionaries/ascii/mmcif_pdbx.dic 
# 
loop_
_database_2.database_id 
_database_2.database_code 
_database_2.pdbx_database_accession 
_database_2.pdbx_DOI 
PDB   8Q53         pdb_00008q53 10.2210/pdb8q53/pdb 
WWPDB D_1292132593 ?            ?                   
# 
_pdbx_audit_revision_history.ordinal             1 
_pdbx_audit_revision_history.data_content_type   'Structure model' 
_pdbx_audit_revision_history.major_revision      1 
_pdbx_audit_revision_history.minor_revision      0 
_pdbx_audit_revision_history.revision_date       2024-08-21 
# 
_pdbx_audit_revision_details.ordinal             1 
_pdbx_audit_revision_details.revision_ordinal    1 
_pdbx_audit_revision_details.data_content_type   'Structure model' 
_pdbx_audit_revision_details.provider            repository 
_pdbx_audit_revision_details.type                'Initial release' 
_pdbx_audit_revision_details.description         ? 
_pdbx_audit_revision_details.details             ? 
# 
_pdbx_database_status.status_code                     REL 
_pdbx_database_status.status_code_sf                  REL 
_pdbx_database_status.status_code_mr                  ? 
_pdbx_database_status.entry_id                        8Q53 
_pdbx_database_status.recvd_initial_deposition_date   2023-08-08 
_pdbx_database_status.SG_entry                        Y 
_pdbx_database_status.deposit_site                    PDBE 
_pdbx_database_status.process_site                    PDBE 
_pdbx_database_status.status_code_cs                  ? 
_pdbx_database_status.status_code_nmr_data            ? 
_pdbx_database_status.methods_development_category    ? 
_pdbx_database_status.pdb_format_compatible           Y 
# 
_pdbx_contact_author.id                 2 
_pdbx_contact_author.email              knapp@pharmchem.uni-frankfurt.de 
_pdbx_contact_author.name_first         Stefan 
_pdbx_contact_author.name_last          Knapp 
_pdbx_contact_author.name_mi            ? 
_pdbx_contact_author.role               'principal investigator/group leader' 
_pdbx_contact_author.identifier_ORCID   0000-0001-5995-6494 
# 
loop_
_audit_author.name 
_audit_author.pdbx_ordinal 
_audit_author.identifier_ORCID 
'Kumar, A.'                            1 0000-0002-8219-0332 
'Knapp, S.'                            2 0000-0001-5995-6494 
'Structural Genomics Consortium (SGC)' 3 ?                   
# 
_citation.abstract                  ? 
_citation.abstract_id_CAS           ? 
_citation.book_id_ISBN              ? 
_citation.book_publisher            ? 
_citation.book_publisher_city       ? 
_citation.book_title                ? 
_citation.coordinate_linkage        ? 
_citation.country                   ? 
_citation.database_id_Medline       ? 
_citation.details                   ? 
_citation.id                        primary 
_citation.journal_abbrev            'To Be Published' 
_citation.journal_id_ASTM           ? 
_citation.journal_id_CSD            0353 
_citation.journal_id_ISSN           ? 
_citation.journal_full              ? 
_citation.journal_issue             ? 
_citation.journal_volume            ? 
_citation.language                  ? 
_citation.page_first                ? 
_citation.page_last                 ? 
_citation.title                     
'Crystal structure of truncated human Microtubule-associated proteins 1A/1B light chain 3B in apo form' 
_citation.year                      ? 
_citation.database_id_CSD           ? 
_citation.pdbx_database_id_DOI      ? 
_citation.pdbx_database_id_PubMed   ? 
_citation.pdbx_database_id_patent   ? 
_citation.unpublished_flag          ? 
# 
loop_
_citation_author.citation_id 
_citation_author.name 
_citation_author.ordinal 
_citation_author.identifier_ORCID 
primary 'Kumar, A.' 1 0000-0002-8219-0332 
primary 'Knapp, S.' 2 0000-0001-5995-6494 
# 
loop_
_entity.id 
_entity.type 
_entity.src_method 
_entity.pdbx_description 
_entity.formula_weight 
_entity.pdbx_number_of_molecules 
_entity.pdbx_ec 
_entity.pdbx_mutation 
_entity.pdbx_fragment 
_entity.details 
1 polymer     man 'Microtubule-associated proteins 1A/1B light chain 3B' 14797.105 1  ? 'Truncation after Gly120' ? ? 
2 non-polymer syn 1,2-ETHANEDIOL                                         62.068    9  ? ?                         ? ? 
3 non-polymer syn 'CHLORIDE ION'                                         35.453    1  ? ?                         ? ? 
4 water       nat water                                                  18.015    95 ? ?                         ? ? 
# 
_entity_poly.entity_id                      1 
_entity_poly.type                           'polypeptide(L)' 
_entity_poly.nstd_linkage                   no 
_entity_poly.nstd_monomer                   no 
_entity_poly.pdbx_seq_one_letter_code       
;SMPSEKTFKQRRTFEQRVEDVRLIREQHPTKIPVIIERYKGEKQLPVLDKTKFLVPDHVNMSELIKIIRRRLQLNANQAF
FLLVNGHSMVSVSTPISEVYESEKDEDGFLYMVYASQETFGMKLSV
;
_entity_poly.pdbx_seq_one_letter_code_can   
;SMPSEKTFKQRRTFEQRVEDVRLIREQHPTKIPVIIERYKGEKQLPVLDKTKFLVPDHVNMSELIKIIRRRLQLNANQAF
FLLVNGHSMVSVSTPISEVYESEKDEDGFLYMVYASQETFGMKLSV
;
_entity_poly.pdbx_strand_id                 A 
_entity_poly.pdbx_target_identifier         ? 
# 
loop_
_pdbx_entity_nonpoly.entity_id 
_pdbx_entity_nonpoly.name 
_pdbx_entity_nonpoly.comp_id 
2 1,2-ETHANEDIOL EDO 
3 'CHLORIDE ION' CL  
4 water          HOH 
# 
loop_
_entity_poly_seq.entity_id 
_entity_poly_seq.num 
_entity_poly_seq.mon_id 
_entity_poly_seq.hetero 
1 1   SER n 
1 2   MET n 
1 3   PRO n 
1 4   SER n 
1 5   GLU n 
1 6   LYS n 
1 7   THR n 
1 8   PHE n 
1 9   LYS n 
1 10  GLN n 
1 11  ARG n 
1 12  ARG n 
1 13  THR n 
1 14  PHE n 
1 15  GLU n 
1 16  GLN n 
1 17  ARG n 
1 18  VAL n 
1 19  GLU n 
1 20  ASP n 
1 21  VAL n 
1 22  ARG n 
1 23  LEU n 
1 24  ILE n 
1 25  ARG n 
1 26  GLU n 
1 27  GLN n 
1 28  HIS n 
1 29  PRO n 
1 30  THR n 
1 31  LYS n 
1 32  ILE n 
1 33  PRO n 
1 34  VAL n 
1 35  ILE n 
1 36  ILE n 
1 37  GLU n 
1 38  ARG n 
1 39  TYR n 
1 40  LYS n 
1 41  GLY n 
1 42  GLU n 
1 43  LYS n 
1 44  GLN n 
1 45  LEU n 
1 46  PRO n 
1 47  VAL n 
1 48  LEU n 
1 49  ASP n 
1 50  LYS n 
1 51  THR n 
1 52  LYS n 
1 53  PHE n 
1 54  LEU n 
1 55  VAL n 
1 56  PRO n 
1 57  ASP n 
1 58  HIS n 
1 59  VAL n 
1 60  ASN n 
1 61  MET n 
1 62  SER n 
1 63  GLU n 
1 64  LEU n 
1 65  ILE n 
1 66  LYS n 
1 67  ILE n 
1 68  ILE n 
1 69  ARG n 
1 70  ARG n 
1 71  ARG n 
1 72  LEU n 
1 73  GLN n 
1 74  LEU n 
1 75  ASN n 
1 76  ALA n 
1 77  ASN n 
1 78  GLN n 
1 79  ALA n 
1 80  PHE n 
1 81  PHE n 
1 82  LEU n 
1 83  LEU n 
1 84  VAL n 
1 85  ASN n 
1 86  GLY n 
1 87  HIS n 
1 88  SER n 
1 89  MET n 
1 90  VAL n 
1 91  SER n 
1 92  VAL n 
1 93  SER n 
1 94  THR n 
1 95  PRO n 
1 96  ILE n 
1 97  SER n 
1 98  GLU n 
1 99  VAL n 
1 100 TYR n 
1 101 GLU n 
1 102 SER n 
1 103 GLU n 
1 104 LYS n 
1 105 ASP n 
1 106 GLU n 
1 107 ASP n 
1 108 GLY n 
1 109 PHE n 
1 110 LEU n 
1 111 TYR n 
1 112 MET n 
1 113 VAL n 
1 114 TYR n 
1 115 ALA n 
1 116 SER n 
1 117 GLN n 
1 118 GLU n 
1 119 THR n 
1 120 PHE n 
1 121 GLY n 
1 122 MET n 
1 123 LYS n 
1 124 LEU n 
1 125 SER n 
1 126 VAL n 
# 
_entity_src_gen.entity_id                          1 
_entity_src_gen.pdbx_src_id                        1 
_entity_src_gen.pdbx_alt_source_flag               sample 
_entity_src_gen.pdbx_seq_type                      'Biological sequence' 
_entity_src_gen.pdbx_beg_seq_num                   1 
_entity_src_gen.pdbx_end_seq_num                   126 
_entity_src_gen.gene_src_common_name               human 
_entity_src_gen.gene_src_genus                     ? 
_entity_src_gen.pdbx_gene_src_gene                 MAP1LC3B 
_entity_src_gen.gene_src_species                   ? 
_entity_src_gen.gene_src_strain                    ? 
_entity_src_gen.gene_src_tissue                    ? 
_entity_src_gen.gene_src_tissue_fraction           ? 
_entity_src_gen.gene_src_details                   ? 
_entity_src_gen.pdbx_gene_src_fragment             ? 
_entity_src_gen.pdbx_gene_src_scientific_name      'Homo sapiens' 
_entity_src_gen.pdbx_gene_src_ncbi_taxonomy_id     9606 
_entity_src_gen.pdbx_gene_src_variant              ? 
_entity_src_gen.pdbx_gene_src_cell_line            ? 
_entity_src_gen.pdbx_gene_src_atcc                 ? 
_entity_src_gen.pdbx_gene_src_organ                ? 
_entity_src_gen.pdbx_gene_src_organelle            ? 
_entity_src_gen.pdbx_gene_src_cell                 ? 
_entity_src_gen.pdbx_gene_src_cellular_location    ? 
_entity_src_gen.host_org_common_name               ? 
_entity_src_gen.pdbx_host_org_scientific_name      'Escherichia coli BL21(DE3)' 
_entity_src_gen.pdbx_host_org_ncbi_taxonomy_id     469008 
_entity_src_gen.host_org_genus                     ? 
_entity_src_gen.pdbx_host_org_gene                 ? 
_entity_src_gen.pdbx_host_org_organ                ? 
_entity_src_gen.host_org_species                   ? 
_entity_src_gen.pdbx_host_org_tissue               ? 
_entity_src_gen.pdbx_host_org_tissue_fraction      ? 
_entity_src_gen.pdbx_host_org_strain               ? 
_entity_src_gen.pdbx_host_org_variant              Rosetta 
_entity_src_gen.pdbx_host_org_cell_line            ? 
_entity_src_gen.pdbx_host_org_atcc                 ? 
_entity_src_gen.pdbx_host_org_culture_collection   ? 
_entity_src_gen.pdbx_host_org_cell                 ? 
_entity_src_gen.pdbx_host_org_organelle            ? 
_entity_src_gen.pdbx_host_org_cellular_location    ? 
_entity_src_gen.pdbx_host_org_vector_type          ? 
_entity_src_gen.pdbx_host_org_vector               ? 
_entity_src_gen.host_org_details                   ? 
_entity_src_gen.expression_system_id               ? 
_entity_src_gen.plasmid_name                       pNIC28-Bsa4 
_entity_src_gen.plasmid_details                    ? 
_entity_src_gen.pdbx_description                   ? 
# 
loop_
_chem_comp.id 
_chem_comp.type 
_chem_comp.mon_nstd_flag 
_chem_comp.name 
_chem_comp.pdbx_synonyms 
_chem_comp.formula 
_chem_comp.formula_weight 
ALA 'L-peptide linking' y ALANINE         ?                 'C3 H7 N O2'     89.093  
ARG 'L-peptide linking' y ARGININE        ?                 'C6 H15 N4 O2 1' 175.209 
ASN 'L-peptide linking' y ASPARAGINE      ?                 'C4 H8 N2 O3'    132.118 
ASP 'L-peptide linking' y 'ASPARTIC ACID' ?                 'C4 H7 N O4'     133.103 
CL  non-polymer         . 'CHLORIDE ION'  ?                 'Cl -1'          35.453  
EDO non-polymer         . 1,2-ETHANEDIOL  'ETHYLENE GLYCOL' 'C2 H6 O2'       62.068  
GLN 'L-peptide linking' y GLUTAMINE       ?                 'C5 H10 N2 O3'   146.144 
GLU 'L-peptide linking' y 'GLUTAMIC ACID' ?                 'C5 H9 N O4'     147.129 
GLY 'peptide linking'   y GLYCINE         ?                 'C2 H5 N O2'     75.067  
HIS 'L-peptide linking' y HISTIDINE       ?                 'C6 H10 N3 O2 1' 156.162 
HOH non-polymer         . WATER           ?                 'H2 O'           18.015  
ILE 'L-peptide linking' y ISOLEUCINE      ?                 'C6 H13 N O2'    131.173 
LEU 'L-peptide linking' y LEUCINE         ?                 'C6 H13 N O2'    131.173 
LYS 'L-peptide linking' y LYSINE          ?                 'C6 H15 N2 O2 1' 147.195 
MET 'L-peptide linking' y METHIONINE      ?                 'C5 H11 N O2 S'  149.211 
PHE 'L-peptide linking' y PHENYLALANINE   ?                 'C9 H11 N O2'    165.189 
PRO 'L-peptide linking' y PROLINE         ?                 'C5 H9 N O2'     115.130 
SER 'L-peptide linking' y SERINE          ?                 'C3 H7 N O3'     105.093 
THR 'L-peptide linking' y THREONINE       ?                 'C4 H9 N O3'     119.119 
TYR 'L-peptide linking' y TYROSINE        ?                 'C9 H11 N O3'    181.189 
VAL 'L-peptide linking' y VALINE          ?                 'C5 H11 N O2'    117.146 
# 
loop_
_pdbx_poly_seq_scheme.asym_id 
_pdbx_poly_seq_scheme.entity_id 
_pdbx_poly_seq_scheme.seq_id 
_pdbx_poly_seq_scheme.mon_id 
_pdbx_poly_seq_scheme.ndb_seq_num 
_pdbx_poly_seq_scheme.pdb_seq_num 
_pdbx_poly_seq_scheme.auth_seq_num 
_pdbx_poly_seq_scheme.pdb_mon_id 
_pdbx_poly_seq_scheme.auth_mon_id 
_pdbx_poly_seq_scheme.pdb_strand_id 
_pdbx_poly_seq_scheme.pdb_ins_code 
_pdbx_poly_seq_scheme.hetero 
A 1 1   SER 1   0   ?   ?   ?   A . n 
A 1 2   MET 2   1   ?   ?   ?   A . n 
A 1 3   PRO 3   2   ?   ?   ?   A . n 
A 1 4   SER 4   3   ?   ?   ?   A . n 
A 1 5   GLU 5   4   ?   ?   ?   A . n 
A 1 6   LYS 6   5   5   LYS LYS A . n 
A 1 7   THR 7   6   6   THR THR A . n 
A 1 8   PHE 8   7   7   PHE PHE A . n 
A 1 9   LYS 9   8   8   LYS LYS A . n 
A 1 10  GLN 10  9   9   GLN GLN A . n 
A 1 11  ARG 11  10  10  ARG ARG A . n 
A 1 12  ARG 12  11  11  ARG ARG A . n 
A 1 13  THR 13  12  12  THR THR A . n 
A 1 14  PHE 14  13  13  PHE PHE A . n 
A 1 15  GLU 15  14  14  GLU GLU A . n 
A 1 16  GLN 16  15  15  GLN GLN A . n 
A 1 17  ARG 17  16  16  ARG ARG A . n 
A 1 18  VAL 18  17  17  VAL VAL A . n 
A 1 19  GLU 19  18  18  GLU GLU A . n 
A 1 20  ASP 20  19  19  ASP ASP A . n 
A 1 21  VAL 21  20  20  VAL VAL A . n 
A 1 22  ARG 22  21  21  ARG ARG A . n 
A 1 23  LEU 23  22  22  LEU LEU A . n 
A 1 24  ILE 24  23  23  ILE ILE A . n 
A 1 25  ARG 25  24  24  ARG ARG A . n 
A 1 26  GLU 26  25  25  GLU GLU A . n 
A 1 27  GLN 27  26  26  GLN GLN A . n 
A 1 28  HIS 28  27  27  HIS HIS A . n 
A 1 29  PRO 29  28  28  PRO PRO A . n 
A 1 30  THR 30  29  29  THR THR A . n 
A 1 31  LYS 31  30  30  LYS LYS A . n 
A 1 32  ILE 32  31  31  ILE ILE A . n 
A 1 33  PRO 33  32  32  PRO PRO A . n 
A 1 34  VAL 34  33  33  VAL VAL A . n 
A 1 35  ILE 35  34  34  ILE ILE A . n 
A 1 36  ILE 36  35  35  ILE ILE A . n 
A 1 37  GLU 37  36  36  GLU GLU A . n 
A 1 38  ARG 38  37  37  ARG ARG A . n 
A 1 39  TYR 39  38  38  TYR TYR A . n 
A 1 40  LYS 40  39  39  LYS LYS A . n 
A 1 41  GLY 41  40  40  GLY GLY A . n 
A 1 42  GLU 42  41  41  GLU GLU A . n 
A 1 43  LYS 43  42  42  LYS LYS A . n 
A 1 44  GLN 44  43  43  GLN GLN A . n 
A 1 45  LEU 45  44  44  LEU LEU A . n 
A 1 46  PRO 46  45  45  PRO PRO A . n 
A 1 47  VAL 47  46  46  VAL VAL A . n 
A 1 48  LEU 48  47  47  LEU LEU A . n 
A 1 49  ASP 49  48  48  ASP ASP A . n 
A 1 50  LYS 50  49  49  LYS LYS A . n 
A 1 51  THR 51  50  50  THR THR A . n 
A 1 52  LYS 52  51  51  LYS LYS A . n 
A 1 53  PHE 53  52  52  PHE PHE A . n 
A 1 54  LEU 54  53  53  LEU LEU A . n 
A 1 55  VAL 55  54  54  VAL VAL A . n 
A 1 56  PRO 56  55  55  PRO PRO A . n 
A 1 57  ASP 57  56  56  ASP ASP A . n 
A 1 58  HIS 58  57  57  HIS HIS A . n 
A 1 59  VAL 59  58  58  VAL VAL A . n 
A 1 60  ASN 60  59  59  ASN ASN A . n 
A 1 61  MET 61  60  60  MET MET A . n 
A 1 62  SER 62  61  61  SER SER A . n 
A 1 63  GLU 63  62  62  GLU GLU A . n 
A 1 64  LEU 64  63  63  LEU LEU A . n 
A 1 65  ILE 65  64  64  ILE ILE A . n 
A 1 66  LYS 66  65  65  LYS LYS A . n 
A 1 67  ILE 67  66  66  ILE ILE A . n 
A 1 68  ILE 68  67  67  ILE ILE A . n 
A 1 69  ARG 69  68  68  ARG ARG A . n 
A 1 70  ARG 70  69  69  ARG ARG A . n 
A 1 71  ARG 71  70  70  ARG ARG A . n 
A 1 72  LEU 72  71  71  LEU LEU A . n 
A 1 73  GLN 73  72  72  GLN GLN A . n 
A 1 74  LEU 74  73  73  LEU LEU A . n 
A 1 75  ASN 75  74  74  ASN ASN A . n 
A 1 76  ALA 76  75  75  ALA ALA A . n 
A 1 77  ASN 77  76  76  ASN ASN A . n 
A 1 78  GLN 78  77  77  GLN GLN A . n 
A 1 79  ALA 79  78  78  ALA ALA A . n 
A 1 80  PHE 80  79  79  PHE PHE A . n 
A 1 81  PHE 81  80  80  PHE PHE A . n 
A 1 82  LEU 82  81  81  LEU LEU A . n 
A 1 83  LEU 83  82  82  LEU LEU A . n 
A 1 84  VAL 84  83  83  VAL VAL A . n 
A 1 85  ASN 85  84  84  ASN ASN A . n 
A 1 86  GLY 86  85  85  GLY GLY A . n 
A 1 87  HIS 87  86  86  HIS HIS A . n 
A 1 88  SER 88  87  87  SER SER A . n 
A 1 89  MET 89  88  88  MET MET A . n 
A 1 90  VAL 90  89  89  VAL VAL A . n 
A 1 91  SER 91  90  90  SER SER A . n 
A 1 92  VAL 92  91  91  VAL VAL A . n 
A 1 93  SER 93  92  92  SER SER A . n 
A 1 94  THR 94  93  93  THR THR A . n 
A 1 95  PRO 95  94  94  PRO PRO A . n 
A 1 96  ILE 96  95  95  ILE ILE A . n 
A 1 97  SER 97  96  96  SER SER A . n 
A 1 98  GLU 98  97  97  GLU GLU A . n 
A 1 99  VAL 99  98  98  VAL VAL A . n 
A 1 100 TYR 100 99  99  TYR TYR A . n 
A 1 101 GLU 101 100 100 GLU GLU A . n 
A 1 102 SER 102 101 101 SER SER A . n 
A 1 103 GLU 103 102 102 GLU GLU A . n 
A 1 104 LYS 104 103 103 LYS LYS A . n 
A 1 105 ASP 105 104 104 ASP ASP A . n 
A 1 106 GLU 106 105 105 GLU GLU A . n 
A 1 107 ASP 107 106 106 ASP ASP A . n 
A 1 108 GLY 108 107 107 GLY GLY A . n 
A 1 109 PHE 109 108 108 PHE PHE A . n 
A 1 110 LEU 110 109 109 LEU LEU A . n 
A 1 111 TYR 111 110 110 TYR TYR A . n 
A 1 112 MET 112 111 111 MET MET A . n 
A 1 113 VAL 113 112 112 VAL VAL A . n 
A 1 114 TYR 114 113 113 TYR TYR A . n 
A 1 115 ALA 115 114 114 ALA ALA A . n 
A 1 116 SER 116 115 115 SER SER A . n 
A 1 117 GLN 117 116 116 GLN GLN A . n 
A 1 118 GLU 118 117 117 GLU GLU A . n 
A 1 119 THR 119 118 118 THR THR A . n 
A 1 120 PHE 120 119 119 PHE PHE A . n 
A 1 121 GLY 121 120 ?   ?   ?   A . n 
A 1 122 MET 122 121 ?   ?   ?   A . n 
A 1 123 LYS 123 122 ?   ?   ?   A . n 
A 1 124 LEU 124 123 ?   ?   ?   A . n 
A 1 125 SER 125 124 ?   ?   ?   A . n 
A 1 126 VAL 126 125 ?   ?   ?   A . n 
# 
loop_
_pdbx_nonpoly_scheme.asym_id 
_pdbx_nonpoly_scheme.entity_id 
_pdbx_nonpoly_scheme.mon_id 
_pdbx_nonpoly_scheme.ndb_seq_num 
_pdbx_nonpoly_scheme.pdb_seq_num 
_pdbx_nonpoly_scheme.auth_seq_num 
_pdbx_nonpoly_scheme.pdb_mon_id 
_pdbx_nonpoly_scheme.auth_mon_id 
_pdbx_nonpoly_scheme.pdb_strand_id 
_pdbx_nonpoly_scheme.pdb_ins_code 
B 2 EDO 1  201 201 EDO EDO A . 
C 2 EDO 1  202 91  EDO EDO A . 
D 2 EDO 1  203 1   EDO EDO A . 
E 2 EDO 1  204 2   EDO EDO A . 
F 2 EDO 1  205 3   EDO EDO A . 
G 2 EDO 1  206 4   EDO EDO A . 
H 2 EDO 1  207 5   EDO EDO A . 
I 2 EDO 1  208 6   EDO EDO A . 
J 2 EDO 1  209 7   EDO EDO A . 
K 3 CL  1  210 1   CL  CL  A . 
L 4 HOH 1  301 88  HOH HOH A . 
L 4 HOH 2  302 61  HOH HOH A . 
L 4 HOH 3  303 54  HOH HOH A . 
L 4 HOH 4  304 32  HOH HOH A . 
L 4 HOH 5  305 80  HOH HOH A . 
L 4 HOH 6  306 40  HOH HOH A . 
L 4 HOH 7  307 10  HOH HOH A . 
L 4 HOH 8  308 65  HOH HOH A . 
L 4 HOH 9  309 27  HOH HOH A . 
L 4 HOH 10 310 62  HOH HOH A . 
L 4 HOH 11 311 25  HOH HOH A . 
L 4 HOH 12 312 95  HOH HOH A . 
L 4 HOH 13 313 38  HOH HOH A . 
L 4 HOH 14 314 13  HOH HOH A . 
L 4 HOH 15 315 44  HOH HOH A . 
L 4 HOH 16 316 77  HOH HOH A . 
L 4 HOH 17 317 7   HOH HOH A . 
L 4 HOH 18 318 83  HOH HOH A . 
L 4 HOH 19 319 4   HOH HOH A . 
L 4 HOH 20 320 31  HOH HOH A . 
L 4 HOH 21 321 48  HOH HOH A . 
L 4 HOH 22 322 85  HOH HOH A . 
L 4 HOH 23 323 21  HOH HOH A . 
L 4 HOH 24 324 16  HOH HOH A . 
L 4 HOH 25 325 79  HOH HOH A . 
L 4 HOH 26 326 34  HOH HOH A . 
L 4 HOH 27 327 2   HOH HOH A . 
L 4 HOH 28 328 42  HOH HOH A . 
L 4 HOH 29 329 52  HOH HOH A . 
L 4 HOH 30 330 37  HOH HOH A . 
L 4 HOH 31 331 19  HOH HOH A . 
L 4 HOH 32 332 43  HOH HOH A . 
L 4 HOH 33 333 51  HOH HOH A . 
L 4 HOH 34 334 46  HOH HOH A . 
L 4 HOH 35 335 17  HOH HOH A . 
L 4 HOH 36 336 8   HOH HOH A . 
L 4 HOH 37 337 55  HOH HOH A . 
L 4 HOH 38 338 12  HOH HOH A . 
L 4 HOH 39 339 73  HOH HOH A . 
L 4 HOH 40 340 67  HOH HOH A . 
L 4 HOH 41 341 1   HOH HOH A . 
L 4 HOH 42 342 9   HOH HOH A . 
L 4 HOH 43 343 5   HOH HOH A . 
L 4 HOH 44 344 24  HOH HOH A . 
L 4 HOH 45 345 23  HOH HOH A . 
L 4 HOH 46 346 22  HOH HOH A . 
L 4 HOH 47 347 3   HOH HOH A . 
L 4 HOH 48 348 20  HOH HOH A . 
L 4 HOH 49 349 15  HOH HOH A . 
L 4 HOH 50 350 71  HOH HOH A . 
L 4 HOH 51 351 86  HOH HOH A . 
L 4 HOH 52 352 35  HOH HOH A . 
L 4 HOH 53 353 6   HOH HOH A . 
L 4 HOH 54 354 63  HOH HOH A . 
L 4 HOH 55 355 36  HOH HOH A . 
L 4 HOH 56 356 58  HOH HOH A . 
L 4 HOH 57 357 11  HOH HOH A . 
L 4 HOH 58 358 93  HOH HOH A . 
L 4 HOH 59 359 41  HOH HOH A . 
L 4 HOH 60 360 30  HOH HOH A . 
L 4 HOH 61 361 50  HOH HOH A . 
L 4 HOH 62 362 18  HOH HOH A . 
L 4 HOH 63 363 81  HOH HOH A . 
L 4 HOH 64 364 45  HOH HOH A . 
L 4 HOH 65 365 75  HOH HOH A . 
L 4 HOH 66 366 33  HOH HOH A . 
L 4 HOH 67 367 82  HOH HOH A . 
L 4 HOH 68 368 47  HOH HOH A . 
L 4 HOH 69 369 14  HOH HOH A . 
L 4 HOH 70 370 78  HOH HOH A . 
L 4 HOH 71 371 76  HOH HOH A . 
L 4 HOH 72 372 59  HOH HOH A . 
L 4 HOH 73 373 26  HOH HOH A . 
L 4 HOH 74 374 91  HOH HOH A . 
L 4 HOH 75 375 56  HOH HOH A . 
L 4 HOH 76 376 74  HOH HOH A . 
L 4 HOH 77 377 92  HOH HOH A . 
L 4 HOH 78 378 66  HOH HOH A . 
L 4 HOH 79 379 90  HOH HOH A . 
L 4 HOH 80 380 70  HOH HOH A . 
L 4 HOH 81 381 60  HOH HOH A . 
L 4 HOH 82 382 84  HOH HOH A . 
L 4 HOH 83 383 68  HOH HOH A . 
L 4 HOH 84 384 39  HOH HOH A . 
L 4 HOH 85 385 72  HOH HOH A . 
L 4 HOH 86 386 64  HOH HOH A . 
L 4 HOH 87 387 89  HOH HOH A . 
L 4 HOH 88 388 28  HOH HOH A . 
L 4 HOH 89 389 29  HOH HOH A . 
L 4 HOH 90 390 49  HOH HOH A . 
L 4 HOH 91 391 69  HOH HOH A . 
L 4 HOH 92 392 87  HOH HOH A . 
L 4 HOH 93 393 57  HOH HOH A . 
L 4 HOH 94 394 53  HOH HOH A . 
L 4 HOH 95 395 94  HOH HOH A . 
# 
loop_
_pdbx_unobs_or_zero_occ_atoms.id 
_pdbx_unobs_or_zero_occ_atoms.PDB_model_num 
_pdbx_unobs_or_zero_occ_atoms.polymer_flag 
_pdbx_unobs_or_zero_occ_atoms.occupancy_flag 
_pdbx_unobs_or_zero_occ_atoms.auth_asym_id 
_pdbx_unobs_or_zero_occ_atoms.auth_comp_id 
_pdbx_unobs_or_zero_occ_atoms.auth_seq_id 
_pdbx_unobs_or_zero_occ_atoms.PDB_ins_code 
_pdbx_unobs_or_zero_occ_atoms.auth_atom_id 
_pdbx_unobs_or_zero_occ_atoms.label_alt_id 
_pdbx_unobs_or_zero_occ_atoms.label_asym_id 
_pdbx_unobs_or_zero_occ_atoms.label_comp_id 
_pdbx_unobs_or_zero_occ_atoms.label_seq_id 
_pdbx_unobs_or_zero_occ_atoms.label_atom_id 
1 1 Y 1 A GLN 116 ? CG  ? A GLN 117 CG  
2 1 Y 1 A GLN 116 ? CD  ? A GLN 117 CD  
3 1 Y 1 A GLN 116 ? OE1 ? A GLN 117 OE1 
4 1 Y 1 A GLN 116 ? NE2 ? A GLN 117 NE2 
5 1 Y 1 A THR 118 ? OG1 ? A THR 119 OG1 
6 1 Y 1 A THR 118 ? CG2 ? A THR 119 CG2 
# 
loop_
_software.citation_id 
_software.classification 
_software.compiler_name 
_software.compiler_version 
_software.contact_author 
_software.contact_author_email 
_software.date 
_software.description 
_software.dependencies 
_software.hardware 
_software.language 
_software.location 
_software.mods 
_software.name 
_software.os 
_software.os_version 
_software.type 
_software.version 
_software.pdbx_ordinal 
? refinement       ? ? ? ? ? ? ? ? ? ? ? PHENIX ? ? ? '(1.20.1_4487: ???)' 1 
? 'data reduction' ? ? ? ? ? ? ? ? ? ? ? XDS    ? ? ? .                    2 
? phasing          ? ? ? ? ? ? ? ? ? ? ? PHENIX ? ? ? .                    3 
? refinement       ? ? ? ? ? ? ? ? ? ? ? PHENIX ? ? ? 1.20.1-4487          4 
? 'data scaling'   ? ? ? ? ? ? ? ? ? ? ? XDS    ? ? ? .                    5 
# 
_cell.angle_alpha                  90.00 
_cell.angle_alpha_esd              ? 
_cell.angle_beta                   90.00 
_cell.angle_beta_esd               ? 
_cell.angle_gamma                  90.00 
_cell.angle_gamma_esd              ? 
_cell.entry_id                     8Q53 
_cell.details                      ? 
_cell.formula_units_Z              ? 
_cell.length_a                     60.255 
_cell.length_a_esd                 ? 
_cell.length_b                     60.255 
_cell.length_b_esd                 ? 
_cell.length_c                     34.927 
_cell.length_c_esd                 ? 
_cell.volume                       ? 
_cell.volume_esd                   ? 
_cell.Z_PDB                        4 
_cell.reciprocal_angle_alpha       ? 
_cell.reciprocal_angle_beta        ? 
_cell.reciprocal_angle_gamma       ? 
_cell.reciprocal_angle_alpha_esd   ? 
_cell.reciprocal_angle_beta_esd    ? 
_cell.reciprocal_angle_gamma_esd   ? 
_cell.reciprocal_length_a          ? 
_cell.reciprocal_length_b          ? 
_cell.reciprocal_length_c          ? 
_cell.reciprocal_length_a_esd      ? 
_cell.reciprocal_length_b_esd      ? 
_cell.reciprocal_length_c_esd      ? 
_cell.pdbx_unique_axis             ? 
_cell.pdbx_esd_method              ? 
# 
_symmetry.entry_id                         8Q53 
_symmetry.cell_setting                     ? 
_symmetry.Int_Tables_number                78 
_symmetry.space_group_name_Hall            ? 
_symmetry.space_group_name_H-M             'P 43' 
_symmetry.pdbx_full_space_group_name_H-M   ? 
# 
_exptl.absorpt_coefficient_mu     ? 
_exptl.absorpt_correction_T_max   ? 
_exptl.absorpt_correction_T_min   ? 
_exptl.absorpt_correction_type    ? 
_exptl.absorpt_process_details    ? 
_exptl.entry_id                   8Q53 
_exptl.crystals_number            1 
_exptl.details                    ? 
_exptl.method                     'X-RAY DIFFRACTION' 
_exptl.method_details             ? 
# 
_exptl_crystal.colour                       ? 
_exptl_crystal.density_diffrn               ? 
_exptl_crystal.density_Matthews             2.14 
_exptl_crystal.density_method               ? 
_exptl_crystal.density_percent_sol          42.59 
_exptl_crystal.description                  ? 
_exptl_crystal.F_000                        ? 
_exptl_crystal.id                           1 
_exptl_crystal.preparation                  ? 
_exptl_crystal.size_max                     ? 
_exptl_crystal.size_mid                     ? 
_exptl_crystal.size_min                     ? 
_exptl_crystal.size_rad                     ? 
_exptl_crystal.colour_lustre                ? 
_exptl_crystal.colour_modifier              ? 
_exptl_crystal.colour_primary               ? 
_exptl_crystal.density_meas                 ? 
_exptl_crystal.density_meas_esd             ? 
_exptl_crystal.density_meas_gt              ? 
_exptl_crystal.density_meas_lt              ? 
_exptl_crystal.density_meas_temp            ? 
_exptl_crystal.density_meas_temp_esd        ? 
_exptl_crystal.density_meas_temp_gt         ? 
_exptl_crystal.density_meas_temp_lt         ? 
_exptl_crystal.pdbx_crystal_image_url       ? 
_exptl_crystal.pdbx_crystal_image_format    ? 
_exptl_crystal.pdbx_mosaicity               ? 
_exptl_crystal.pdbx_mosaicity_esd           ? 
_exptl_crystal.pdbx_mosaic_method           ? 
_exptl_crystal.pdbx_mosaic_block_size       ? 
_exptl_crystal.pdbx_mosaic_block_size_esd   ? 
# 
_exptl_crystal_grow.apparatus       ? 
_exptl_crystal_grow.atmosphere      ? 
_exptl_crystal_grow.crystal_id      1 
_exptl_crystal_grow.details         ? 
_exptl_crystal_grow.method          'VAPOR DIFFUSION, SITTING DROP' 
_exptl_crystal_grow.method_ref      ? 
_exptl_crystal_grow.pH              4.7 
_exptl_crystal_grow.pressure        ? 
_exptl_crystal_grow.pressure_esd    ? 
_exptl_crystal_grow.seeding         ? 
_exptl_crystal_grow.seeding_ref     ? 
_exptl_crystal_grow.temp_details    ? 
_exptl_crystal_grow.temp_esd        ? 
_exptl_crystal_grow.time            ? 
_exptl_crystal_grow.pdbx_details    '36% PEG 8000, 0.1M acetate pH 4.7' 
_exptl_crystal_grow.pdbx_pH_range   ? 
_exptl_crystal_grow.temp            293 
# 
_diffrn.ambient_environment              ? 
_diffrn.ambient_temp                     100 
_diffrn.ambient_temp_details             ? 
_diffrn.ambient_temp_esd                 ? 
_diffrn.crystal_id                       1 
_diffrn.crystal_support                  ? 
_diffrn.crystal_treatment                ? 
_diffrn.details                          ? 
_diffrn.id                               1 
_diffrn.ambient_pressure                 ? 
_diffrn.ambient_pressure_esd             ? 
_diffrn.ambient_pressure_gt              ? 
_diffrn.ambient_pressure_lt              ? 
_diffrn.ambient_temp_gt                  ? 
_diffrn.ambient_temp_lt                  ? 
_diffrn.pdbx_serial_crystal_experiment   N 
# 
_diffrn_detector.details                      ? 
_diffrn_detector.detector                     PIXEL 
_diffrn_detector.diffrn_id                    1 
_diffrn_detector.type                         'DECTRIS EIGER X 16M' 
_diffrn_detector.area_resol_mean              ? 
_diffrn_detector.dtime                        ? 
_diffrn_detector.pdbx_frames_total            ? 
_diffrn_detector.pdbx_collection_time_total   ? 
_diffrn_detector.pdbx_collection_date         2022-12-04 
_diffrn_detector.pdbx_frequency               ? 
_diffrn_detector.id                           ? 
_diffrn_detector.number_of_axes               ? 
# 
_diffrn_radiation.collimation                      ? 
_diffrn_radiation.diffrn_id                        1 
_diffrn_radiation.filter_edge                      ? 
_diffrn_radiation.inhomogeneity                    ? 
_diffrn_radiation.monochromator                    ? 
_diffrn_radiation.polarisn_norm                    ? 
_diffrn_radiation.polarisn_ratio                   ? 
_diffrn_radiation.probe                            ? 
_diffrn_radiation.type                             ? 
_diffrn_radiation.xray_symbol                      ? 
_diffrn_radiation.wavelength_id                    1 
_diffrn_radiation.pdbx_monochromatic_or_laue_m_l   M 
_diffrn_radiation.pdbx_wavelength_list             ? 
_diffrn_radiation.pdbx_wavelength                  ? 
_diffrn_radiation.pdbx_diffrn_protocol             'SINGLE WAVELENGTH' 
_diffrn_radiation.pdbx_analyzer                    ? 
_diffrn_radiation.pdbx_scattering_type             x-ray 
# 
_diffrn_radiation_wavelength.id           1 
_diffrn_radiation_wavelength.wavelength   0.99999 
_diffrn_radiation_wavelength.wt           1.0 
# 
_diffrn_source.current                     ? 
_diffrn_source.details                     ? 
_diffrn_source.diffrn_id                   1 
_diffrn_source.power                       ? 
_diffrn_source.size                        ? 
_diffrn_source.source                      SYNCHROTRON 
_diffrn_source.target                      ? 
_diffrn_source.type                        'SLS BEAMLINE X06SA' 
_diffrn_source.voltage                     ? 
_diffrn_source.take-off_angle              ? 
_diffrn_source.pdbx_wavelength_list        0.99999 
_diffrn_source.pdbx_wavelength             ? 
_diffrn_source.pdbx_synchrotron_beamline   X06SA 
_diffrn_source.pdbx_synchrotron_site       SLS 
# 
_reflns.B_iso_Wilson_estimate                          ? 
_reflns.entry_id                                       8Q53 
_reflns.data_reduction_details                         ? 
_reflns.data_reduction_method                          ? 
_reflns.d_resolution_high                              1.36 
_reflns.d_resolution_low                               42.61 
_reflns.details                                        ? 
_reflns.limit_h_max                                    ? 
_reflns.limit_h_min                                    ? 
_reflns.limit_k_max                                    ? 
_reflns.limit_k_min                                    ? 
_reflns.limit_l_max                                    ? 
_reflns.limit_l_min                                    ? 
_reflns.number_all                                     ? 
_reflns.number_obs                                     26382 
_reflns.observed_criterion                             ? 
_reflns.observed_criterion_F_max                       ? 
_reflns.observed_criterion_F_min                       ? 
_reflns.observed_criterion_I_max                       ? 
_reflns.observed_criterion_I_min                       ? 
_reflns.observed_criterion_sigma_F                     ? 
_reflns.observed_criterion_sigma_I                     ? 
_reflns.percent_possible_obs                           97.08 
_reflns.R_free_details                                 ? 
_reflns.Rmerge_F_all                                   ? 
_reflns.Rmerge_F_obs                                   ? 
_reflns.Friedel_coverage                               ? 
_reflns.number_gt                                      ? 
_reflns.threshold_expression                           ? 
_reflns.pdbx_redundancy                                6.9 
_reflns.pdbx_netI_over_av_sigmaI                       ? 
_reflns.pdbx_netI_over_sigmaI                          21.11 
_reflns.pdbx_res_netI_over_av_sigmaI_2                 ? 
_reflns.pdbx_res_netI_over_sigmaI_2                    ? 
_reflns.pdbx_chi_squared                               ? 
_reflns.pdbx_scaling_rejects                           ? 
_reflns.pdbx_d_res_high_opt                            ? 
_reflns.pdbx_d_res_low_opt                             ? 
_reflns.pdbx_d_res_opt_method                          ? 
_reflns.phase_calculation_details                      ? 
_reflns.pdbx_Rrim_I_all                                0.04575 
_reflns.pdbx_Rpim_I_all                                0.01733 
_reflns.pdbx_d_opt                                     ? 
_reflns.pdbx_number_measured_all                       ? 
_reflns.pdbx_diffrn_id                                 1 
_reflns.pdbx_ordinal                                   1 
_reflns.pdbx_CC_half                                   0.999 
_reflns.pdbx_CC_star                                   ? 
_reflns.pdbx_R_split                                   ? 
_reflns.pdbx_Rmerge_I_obs                              0.04224 
_reflns.pdbx_Rmerge_I_all                              ? 
_reflns.pdbx_Rsym_value                                ? 
_reflns.pdbx_CC_split_method                           ? 
_reflns.pdbx_aniso_diffraction_limit_axis_1_ortho[1]   ? 
_reflns.pdbx_aniso_diffraction_limit_axis_1_ortho[2]   ? 
_reflns.pdbx_aniso_diffraction_limit_axis_1_ortho[3]   ? 
_reflns.pdbx_aniso_diffraction_limit_axis_2_ortho[1]   ? 
_reflns.pdbx_aniso_diffraction_limit_axis_2_ortho[2]   ? 
_reflns.pdbx_aniso_diffraction_limit_axis_2_ortho[3]   ? 
_reflns.pdbx_aniso_diffraction_limit_axis_3_ortho[1]   ? 
_reflns.pdbx_aniso_diffraction_limit_axis_3_ortho[2]   ? 
_reflns.pdbx_aniso_diffraction_limit_axis_3_ortho[3]   ? 
_reflns.pdbx_aniso_diffraction_limit_1                 ? 
_reflns.pdbx_aniso_diffraction_limit_2                 ? 
_reflns.pdbx_aniso_diffraction_limit_3                 ? 
_reflns.pdbx_aniso_B_tensor_eigenvector_1_ortho[1]     ? 
_reflns.pdbx_aniso_B_tensor_eigenvector_1_ortho[2]     ? 
_reflns.pdbx_aniso_B_tensor_eigenvector_1_ortho[3]     ? 
_reflns.pdbx_aniso_B_tensor_eigenvector_2_ortho[1]     ? 
_reflns.pdbx_aniso_B_tensor_eigenvector_2_ortho[2]     ? 
_reflns.pdbx_aniso_B_tensor_eigenvector_2_ortho[3]     ? 
_reflns.pdbx_aniso_B_tensor_eigenvector_3_ortho[1]     ? 
_reflns.pdbx_aniso_B_tensor_eigenvector_3_ortho[2]     ? 
_reflns.pdbx_aniso_B_tensor_eigenvector_3_ortho[3]     ? 
_reflns.pdbx_aniso_B_tensor_eigenvalue_1               ? 
_reflns.pdbx_aniso_B_tensor_eigenvalue_2               ? 
_reflns.pdbx_aniso_B_tensor_eigenvalue_3               ? 
_reflns.pdbx_orthogonalization_convention              ? 
_reflns.pdbx_percent_possible_ellipsoidal              ? 
_reflns.pdbx_percent_possible_spherical                ? 
_reflns.pdbx_percent_possible_ellipsoidal_anomalous    ? 
_reflns.pdbx_percent_possible_spherical_anomalous      ? 
_reflns.pdbx_redundancy_anomalous                      ? 
_reflns.pdbx_CC_half_anomalous                         ? 
_reflns.pdbx_absDiff_over_sigma_anomalous              ? 
_reflns.pdbx_percent_possible_anomalous                ? 
_reflns.pdbx_observed_signal_threshold                 ? 
_reflns.pdbx_signal_type                               ? 
_reflns.pdbx_signal_details                            ? 
_reflns.pdbx_signal_software_id                        ? 
# 
_reflns_shell.d_res_high                                    1.36 
_reflns_shell.d_res_low                                     1.409 
_reflns_shell.meanI_over_sigI_all                           ? 
_reflns_shell.meanI_over_sigI_obs                           2.40 
_reflns_shell.number_measured_all                           ? 
_reflns_shell.number_measured_obs                           ? 
_reflns_shell.number_possible                               ? 
_reflns_shell.number_unique_all                             ? 
_reflns_shell.number_unique_obs                             2575 
_reflns_shell.percent_possible_obs                          ? 
_reflns_shell.Rmerge_F_all                                  ? 
_reflns_shell.Rmerge_F_obs                                  ? 
_reflns_shell.meanI_over_sigI_gt                            ? 
_reflns_shell.meanI_over_uI_all                             ? 
_reflns_shell.meanI_over_uI_gt                              ? 
_reflns_shell.number_measured_gt                            ? 
_reflns_shell.number_unique_gt                              ? 
_reflns_shell.percent_possible_gt                           ? 
_reflns_shell.Rmerge_F_gt                                   ? 
_reflns_shell.Rmerge_I_gt                                   ? 
_reflns_shell.pdbx_redundancy                               6.8 
_reflns_shell.pdbx_chi_squared                              ? 
_reflns_shell.pdbx_netI_over_sigmaI_all                     ? 
_reflns_shell.pdbx_netI_over_sigmaI_obs                     ? 
_reflns_shell.pdbx_Rrim_I_all                               0.794 
_reflns_shell.pdbx_Rpim_I_all                               0.3021 
_reflns_shell.pdbx_rejects                                  ? 
_reflns_shell.pdbx_ordinal                                  1 
_reflns_shell.pdbx_diffrn_id                                1 
_reflns_shell.pdbx_CC_half                                  0.825 
_reflns_shell.pdbx_CC_star                                  ? 
_reflns_shell.pdbx_R_split                                  ? 
_reflns_shell.percent_possible_all                          96.12 
_reflns_shell.Rmerge_I_all                                  ? 
_reflns_shell.Rmerge_I_obs                                  0.7331 
_reflns_shell.pdbx_Rsym_value                               ? 
_reflns_shell.pdbx_percent_possible_ellipsoidal             ? 
_reflns_shell.pdbx_percent_possible_spherical               ? 
_reflns_shell.pdbx_percent_possible_ellipsoidal_anomalous   ? 
_reflns_shell.pdbx_percent_possible_spherical_anomalous     ? 
_reflns_shell.pdbx_redundancy_anomalous                     ? 
_reflns_shell.pdbx_CC_half_anomalous                        ? 
_reflns_shell.pdbx_absDiff_over_sigma_anomalous             ? 
_reflns_shell.pdbx_percent_possible_anomalous               ? 
# 
_refine.aniso_B[1][1]                            ? 
_refine.aniso_B[1][2]                            ? 
_refine.aniso_B[1][3]                            ? 
_refine.aniso_B[2][2]                            ? 
_refine.aniso_B[2][3]                            ? 
_refine.aniso_B[3][3]                            ? 
_refine.B_iso_max                                ? 
_refine.B_iso_mean                               ? 
_refine.B_iso_min                                ? 
_refine.correlation_coeff_Fo_to_Fc               ? 
_refine.correlation_coeff_Fo_to_Fc_free          ? 
_refine.details                                  ? 
_refine.diff_density_max                         ? 
_refine.diff_density_max_esd                     ? 
_refine.diff_density_min                         ? 
_refine.diff_density_min_esd                     ? 
_refine.diff_density_rms                         ? 
_refine.diff_density_rms_esd                     ? 
_refine.entry_id                                 8Q53 
_refine.pdbx_refine_id                           'X-RAY DIFFRACTION' 
_refine.ls_abs_structure_details                 ? 
_refine.ls_abs_structure_Flack                   ? 
_refine.ls_abs_structure_Flack_esd               ? 
_refine.ls_abs_structure_Rogers                  ? 
_refine.ls_abs_structure_Rogers_esd              ? 
_refine.ls_d_res_high                            1.36 
_refine.ls_d_res_low                             42.61 
_refine.ls_extinction_coef                       ? 
_refine.ls_extinction_coef_esd                   ? 
_refine.ls_extinction_expression                 ? 
_refine.ls_extinction_method                     ? 
_refine.ls_goodness_of_fit_all                   ? 
_refine.ls_goodness_of_fit_all_esd               ? 
_refine.ls_goodness_of_fit_obs                   ? 
_refine.ls_goodness_of_fit_obs_esd               ? 
_refine.ls_hydrogen_treatment                    ? 
_refine.ls_matrix_type                           ? 
_refine.ls_number_constraints                    ? 
_refine.ls_number_parameters                     ? 
_refine.ls_number_reflns_all                     ? 
_refine.ls_number_reflns_obs                     26378 
_refine.ls_number_reflns_R_free                  3668 
_refine.ls_number_reflns_R_work                  ? 
_refine.ls_number_restraints                     ? 
_refine.ls_percent_reflns_obs                    95.39 
_refine.ls_percent_reflns_R_free                 7.25 
_refine.ls_R_factor_all                          ? 
_refine.ls_R_factor_obs                          0.1918 
_refine.ls_R_factor_R_free                       0.2098 
_refine.ls_R_factor_R_free_error                 ? 
_refine.ls_R_factor_R_free_error_details         ? 
_refine.ls_R_factor_R_work                       0.1904 
_refine.ls_R_Fsqd_factor_obs                     ? 
_refine.ls_R_I_factor_obs                        ? 
_refine.ls_redundancy_reflns_all                 ? 
_refine.ls_redundancy_reflns_obs                 ? 
_refine.ls_restrained_S_all                      ? 
_refine.ls_restrained_S_obs                      ? 
_refine.ls_shift_over_esd_max                    ? 
_refine.ls_shift_over_esd_mean                   ? 
_refine.ls_structure_factor_coef                 ? 
_refine.ls_weighting_details                     ? 
_refine.ls_weighting_scheme                      ? 
_refine.ls_wR_factor_all                         ? 
_refine.ls_wR_factor_obs                         ? 
_refine.ls_wR_factor_R_free                      ? 
_refine.ls_wR_factor_R_work                      ? 
_refine.occupancy_max                            ? 
_refine.occupancy_min                            ? 
_refine.solvent_model_details                    'FLAT BULK SOLVENT MODEL' 
_refine.solvent_model_param_bsol                 ? 
_refine.solvent_model_param_ksol                 ? 
_refine.pdbx_R_complete                          ? 
_refine.ls_R_factor_gt                           ? 
_refine.ls_goodness_of_fit_gt                    ? 
_refine.ls_goodness_of_fit_ref                   ? 
_refine.ls_shift_over_su_max                     ? 
_refine.ls_shift_over_su_max_lt                  ? 
_refine.ls_shift_over_su_mean                    ? 
_refine.ls_shift_over_su_mean_lt                 ? 
_refine.pdbx_ls_sigma_I                          ? 
_refine.pdbx_ls_sigma_F                          1.35 
_refine.pdbx_ls_sigma_Fsqd                       ? 
_refine.pdbx_data_cutoff_high_absF               ? 
_refine.pdbx_data_cutoff_high_rms_absF           ? 
_refine.pdbx_data_cutoff_low_absF                ? 
_refine.pdbx_isotropic_thermal_model             ? 
_refine.pdbx_ls_cross_valid_method               'FREE R-VALUE' 
_refine.pdbx_method_to_determine_struct          'MOLECULAR REPLACEMENT' 
_refine.pdbx_starting_model                      ? 
_refine.pdbx_stereochemistry_target_values       ML 
_refine.pdbx_R_Free_selection_details            ? 
_refine.pdbx_stereochem_target_val_spec_case     ? 
_refine.pdbx_overall_ESU_R                       ? 
_refine.pdbx_overall_ESU_R_Free                  ? 
_refine.pdbx_solvent_vdw_probe_radii             1.10 
_refine.pdbx_solvent_ion_probe_radii             ? 
_refine.pdbx_solvent_shrinkage_radii             0.90 
_refine.pdbx_real_space_R                        ? 
_refine.pdbx_density_correlation                 ? 
_refine.pdbx_pd_number_of_powder_patterns        ? 
_refine.pdbx_pd_number_of_points                 ? 
_refine.pdbx_pd_meas_number_of_points            ? 
_refine.pdbx_pd_proc_ls_prof_R_factor            ? 
_refine.pdbx_pd_proc_ls_prof_wR_factor           ? 
_refine.pdbx_pd_Marquardt_correlation_coeff      ? 
_refine.pdbx_pd_Fsqrd_R_factor                   ? 
_refine.pdbx_pd_ls_matrix_band_width             ? 
_refine.pdbx_overall_phase_error                 24.77 
_refine.pdbx_overall_SU_R_free_Cruickshank_DPI   ? 
_refine.pdbx_overall_SU_R_free_Blow_DPI          ? 
_refine.pdbx_overall_SU_R_Blow_DPI               ? 
_refine.pdbx_TLS_residual_ADP_flag               ? 
_refine.pdbx_diffrn_id                           1 
_refine.overall_SU_B                             ? 
_refine.overall_SU_ML                            0.17 
_refine.overall_SU_R_Cruickshank_DPI             ? 
_refine.overall_SU_R_free                        ? 
_refine.overall_FOM_free_R_set                   ? 
_refine.overall_FOM_work_R_set                   ? 
_refine.pdbx_average_fsc_overall                 ? 
_refine.pdbx_average_fsc_work                    ? 
_refine.pdbx_average_fsc_free                    ? 
# 
_refine_hist.pdbx_refine_id                   'X-RAY DIFFRACTION' 
_refine_hist.cycle_id                         LAST 
_refine_hist.pdbx_number_atoms_protein        954 
_refine_hist.pdbx_number_atoms_nucleic_acid   0 
_refine_hist.pdbx_number_atoms_ligand         37 
_refine_hist.number_atoms_solvent             95 
_refine_hist.number_atoms_total               1086 
_refine_hist.d_res_high                       1.36 
_refine_hist.d_res_low                        42.61 
# 
loop_
_refine_ls_restr.pdbx_refine_id 
_refine_ls_restr.criterion 
_refine_ls_restr.dev_ideal 
_refine_ls_restr.dev_ideal_target 
_refine_ls_restr.number 
_refine_ls_restr.rejects 
_refine_ls_restr.type 
_refine_ls_restr.weight 
_refine_ls_restr.pdbx_restraint_function 
'X-RAY DIFFRACTION' ? 0.007 ? 1056 ? f_bond_d           ? ? 
'X-RAY DIFFRACTION' ? 0.978 ? 1414 ? f_angle_d          ? ? 
'X-RAY DIFFRACTION' ? 7.777 ? 152  ? f_dihedral_angle_d ? ? 
'X-RAY DIFFRACTION' ? 0.084 ? 156  ? f_chiral_restr     ? ? 
'X-RAY DIFFRACTION' ? 0.013 ? 182  ? f_plane_restr      ? ? 
# 
loop_
_refine_ls_shell.pdbx_refine_id 
_refine_ls_shell.d_res_high 
_refine_ls_shell.d_res_low 
_refine_ls_shell.number_reflns_all 
_refine_ls_shell.number_reflns_obs 
_refine_ls_shell.number_reflns_R_free 
_refine_ls_shell.number_reflns_R_work 
_refine_ls_shell.percent_reflns_obs 
_refine_ls_shell.percent_reflns_R_free 
_refine_ls_shell.R_factor_all 
_refine_ls_shell.R_factor_obs 
_refine_ls_shell.R_factor_R_free_error 
_refine_ls_shell.R_factor_R_work 
_refine_ls_shell.redundancy_reflns_all 
_refine_ls_shell.redundancy_reflns_obs 
_refine_ls_shell.wR_factor_all 
_refine_ls_shell.wR_factor_obs 
_refine_ls_shell.wR_factor_R_free 
_refine_ls_shell.wR_factor_R_work 
_refine_ls_shell.pdbx_R_complete 
_refine_ls_shell.pdbx_total_number_of_bins_used 
_refine_ls_shell.pdbx_phase_error 
_refine_ls_shell.pdbx_fsc_work 
_refine_ls_shell.pdbx_fsc_free 
_refine_ls_shell.R_factor_R_free 
'X-RAY DIFFRACTION' 1.36 1.38  . . 130 1789 92.00 . . . . 0.3170 . . . . . . . . . . . 0.3292 
'X-RAY DIFFRACTION' 1.38 1.39  . . 156 1764 94.00 . . . . 0.3021 . . . . . . . . . . . 0.3579 
'X-RAY DIFFRACTION' 1.39 1.41  . . 136 1732 94.00 . . . . 0.2750 . . . . . . . . . . . 0.3006 
'X-RAY DIFFRACTION' 1.41 1.44  . . 125 1811 94.00 . . . . 0.2659 . . . . . . . . . . . 0.2762 
'X-RAY DIFFRACTION' 1.44 1.46  . . 121 1678 87.00 . . . . 0.2486 . . . . . . . . . . . 0.2984 
'X-RAY DIFFRACTION' 1.46 1.48  . . 136 1763 95.00 . . . . 0.2417 . . . . . . . . . . . 0.2680 
'X-RAY DIFFRACTION' 1.48 1.51  . . 143 1798 94.00 . . . . 0.2429 . . . . . . . . . . . 0.2490 
'X-RAY DIFFRACTION' 1.51 1.54  . . 130 1802 96.00 . . . . 0.2479 . . . . . . . . . . . 0.2809 
'X-RAY DIFFRACTION' 1.54 1.56  . . 147 1831 95.00 . . . . 0.2284 . . . . . . . . . . . 0.2974 
'X-RAY DIFFRACTION' 1.56 1.60  . . 138 1774 94.00 . . . . 0.2202 . . . . . . . . . . . 0.2344 
'X-RAY DIFFRACTION' 1.60 1.63  . . 147 1810 97.00 . . . . 0.2289 . . . . . . . . . . . 0.2876 
'X-RAY DIFFRACTION' 1.63 1.67  . . 139 1824 95.00 . . . . 0.2131 . . . . . . . . . . . 0.2445 
'X-RAY DIFFRACTION' 1.67 1.71  . . 142 1797 97.00 . . . . 0.1999 . . . . . . . . . . . 0.1979 
'X-RAY DIFFRACTION' 1.71 1.76  . . 141 1807 96.00 . . . . 0.2006 . . . . . . . . . . . 0.1874 
'X-RAY DIFFRACTION' 1.76 1.81  . . 144 1846 97.00 . . . . 0.2089 . . . . . . . . . . . 0.1994 
'X-RAY DIFFRACTION' 1.81 1.87  . . 148 1793 97.00 . . . . 0.2173 . . . . . . . . . . . 0.2231 
'X-RAY DIFFRACTION' 1.87 1.93  . . 148 1866 95.00 . . . . 0.2017 . . . . . . . . . . . 0.1883 
'X-RAY DIFFRACTION' 1.93 2.01  . . 135 1663 90.00 . . . . 0.1821 . . . . . . . . . . . 0.2391 
'X-RAY DIFFRACTION' 2.01 2.10  . . 147 1822 97.00 . . . . 0.1921 . . . . . . . . . . . 0.2224 
'X-RAY DIFFRACTION' 2.10 2.21  . . 141 1852 97.00 . . . . 0.1933 . . . . . . . . . . . 0.1997 
'X-RAY DIFFRACTION' 2.21 2.35  . . 141 1854 98.00 . . . . 0.1855 . . . . . . . . . . . 0.2241 
'X-RAY DIFFRACTION' 2.35 2.53  . . 151 1856 98.00 . . . . 0.1824 . . . . . . . . . . . 0.2112 
'X-RAY DIFFRACTION' 2.53 2.79  . . 143 1887 99.00 . . . . 0.1907 . . . . . . . . . . . 0.2160 
'X-RAY DIFFRACTION' 2.79 3.19  . . 146 1864 99.00 . . . . 0.1875 . . . . . . . . . . . 0.1601 
'X-RAY DIFFRACTION' 3.19 4.02  . . 141 1748 93.00 . . . . 0.1696 . . . . . . . . . . . 0.1859 
'X-RAY DIFFRACTION' 4.02 42.61 . . 152 1876 99.00 . . . . 0.1591 . . . . . . . . . . . 0.2012 
# 
_struct.entry_id                     8Q53 
_struct.title                        
'Crystal structure of truncated human Microtubule-associated proteins 1A/1B light chain 3B (MAP1LC3B) in apo form' 
_struct.pdbx_model_details           ? 
_struct.pdbx_formula_weight          ? 
_struct.pdbx_formula_weight_method   ? 
_struct.pdbx_model_type_details      ? 
_struct.pdbx_CASP_flag               N 
# 
_struct_keywords.entry_id        8Q53 
_struct_keywords.text            'autophagy, SGC, Structural Genomics, Structural Genomics Consortium, PROTEIN BINDING' 
_struct_keywords.pdbx_keywords   'PROTEIN BINDING' 
# 
loop_
_struct_asym.id 
_struct_asym.pdbx_blank_PDB_chainid_flag 
_struct_asym.pdbx_modified 
_struct_asym.entity_id 
_struct_asym.details 
A N N 1 ? 
B N N 2 ? 
C N N 2 ? 
D N N 2 ? 
E N N 2 ? 
F N N 2 ? 
G N N 2 ? 
H N N 2 ? 
I N N 2 ? 
J N N 2 ? 
K N N 3 ? 
L N N 4 ? 
# 
_struct_ref.id                         1 
_struct_ref.db_name                    UNP 
_struct_ref.db_code                    MLP3B_HUMAN 
_struct_ref.pdbx_db_accession          Q9GZQ8 
_struct_ref.pdbx_db_isoform            ? 
_struct_ref.entity_id                  1 
_struct_ref.pdbx_seq_one_letter_code   
;MPSEKTFKQRRTFEQRVEDVRLIREQHPTKIPVIIERYKGEKQLPVLDKTKFLVPDHVNMSELIKIIRRRLQLNANQAFF
LLVNGHSMVSVSTPISEVYESEKDEDGFLYMVYASQETFGMKLSV
;
_struct_ref.pdbx_align_begin           1 
# 
_struct_ref_seq.align_id                      1 
_struct_ref_seq.ref_id                        1 
_struct_ref_seq.pdbx_PDB_id_code              8Q53 
_struct_ref_seq.pdbx_strand_id                A 
_struct_ref_seq.seq_align_beg                 2 
_struct_ref_seq.pdbx_seq_align_beg_ins_code   ? 
_struct_ref_seq.seq_align_end                 126 
_struct_ref_seq.pdbx_seq_align_end_ins_code   ? 
_struct_ref_seq.pdbx_db_accession             Q9GZQ8 
_struct_ref_seq.db_align_beg                  1 
_struct_ref_seq.pdbx_db_align_beg_ins_code    ? 
_struct_ref_seq.db_align_end                  125 
_struct_ref_seq.pdbx_db_align_end_ins_code    ? 
_struct_ref_seq.pdbx_auth_seq_align_beg       1 
_struct_ref_seq.pdbx_auth_seq_align_end       125 
# 
_struct_ref_seq_dif.align_id                     1 
_struct_ref_seq_dif.pdbx_pdb_id_code             8Q53 
_struct_ref_seq_dif.mon_id                       SER 
_struct_ref_seq_dif.pdbx_pdb_strand_id           A 
_struct_ref_seq_dif.seq_num                      1 
_struct_ref_seq_dif.pdbx_pdb_ins_code            ? 
_struct_ref_seq_dif.pdbx_seq_db_name             UNP 
_struct_ref_seq_dif.pdbx_seq_db_accession_code   Q9GZQ8 
_struct_ref_seq_dif.db_mon_id                    ? 
_struct_ref_seq_dif.pdbx_seq_db_seq_num          ? 
_struct_ref_seq_dif.details                      'expression tag' 
_struct_ref_seq_dif.pdbx_auth_seq_num            0 
_struct_ref_seq_dif.pdbx_ordinal                 1 
# 
_pdbx_struct_assembly.id                   1 
_pdbx_struct_assembly.details              author_defined_assembly 
_pdbx_struct_assembly.method_details       ? 
_pdbx_struct_assembly.oligomeric_details   monomeric 
_pdbx_struct_assembly.oligomeric_count     1 
# 
loop_
_pdbx_struct_assembly_prop.biol_id 
_pdbx_struct_assembly_prop.type 
_pdbx_struct_assembly_prop.value 
_pdbx_struct_assembly_prop.details 
1 'ABSA (A^2)' 1680 ? 
1 MORE         12   ? 
1 'SSA (A^2)'  7280 ? 
# 
_pdbx_struct_assembly_gen.assembly_id       1 
_pdbx_struct_assembly_gen.oper_expression   1 
_pdbx_struct_assembly_gen.asym_id_list      A,B,C,D,E,F,G,H,I,J,K,L 
# 
_pdbx_struct_assembly_auth_evidence.id                     1 
_pdbx_struct_assembly_auth_evidence.assembly_id            1 
_pdbx_struct_assembly_auth_evidence.experimental_support   'gel filtration' 
_pdbx_struct_assembly_auth_evidence.details                ? 
# 
_pdbx_struct_oper_list.id                   1 
_pdbx_struct_oper_list.type                 'identity operation' 
_pdbx_struct_oper_list.name                 1_555 
_pdbx_struct_oper_list.symmetry_operation   x,y,z 
_pdbx_struct_oper_list.matrix[1][1]         1.0000000000 
_pdbx_struct_oper_list.matrix[1][2]         0.0000000000 
_pdbx_struct_oper_list.matrix[1][3]         0.0000000000 
_pdbx_struct_oper_list.vector[1]            0.0000000000 
_pdbx_struct_oper_list.matrix[2][1]         0.0000000000 
_pdbx_struct_oper_list.matrix[2][2]         1.0000000000 
_pdbx_struct_oper_list.matrix[2][3]         0.0000000000 
_pdbx_struct_oper_list.vector[2]            0.0000000000 
_pdbx_struct_oper_list.matrix[3][1]         0.0000000000 
_pdbx_struct_oper_list.matrix[3][2]         0.0000000000 
_pdbx_struct_oper_list.matrix[3][3]         1.0000000000 
_pdbx_struct_oper_list.vector[3]            0.0000000000 
# 
loop_
_struct_conf.conf_type_id 
_struct_conf.id 
_struct_conf.pdbx_PDB_helix_id 
_struct_conf.beg_label_comp_id 
_struct_conf.beg_label_asym_id 
_struct_conf.beg_label_seq_id 
_struct_conf.pdbx_beg_PDB_ins_code 
_struct_conf.end_label_comp_id 
_struct_conf.end_label_asym_id 
_struct_conf.end_label_seq_id 
_struct_conf.pdbx_end_PDB_ins_code 
_struct_conf.beg_auth_comp_id 
_struct_conf.beg_auth_asym_id 
_struct_conf.beg_auth_seq_id 
_struct_conf.end_auth_comp_id 
_struct_conf.end_auth_asym_id 
_struct_conf.end_auth_seq_id 
_struct_conf.pdbx_PDB_helix_class 
_struct_conf.details 
_struct_conf.pdbx_PDB_helix_length 
HELX_P HELX_P1 AA1 THR A 7  ? ARG A 12  ? THR A 6  ARG A 11  1 ? 6  
HELX_P HELX_P2 AA2 THR A 13 ? HIS A 28  ? THR A 12 HIS A 27  1 ? 16 
HELX_P HELX_P3 AA3 ASN A 60 ? LEU A 72  ? ASN A 59 LEU A 71  1 ? 13 
HELX_P HELX_P4 AA4 PRO A 95 ? LYS A 104 ? PRO A 94 LYS A 103 1 ? 10 
# 
_struct_conf_type.id          HELX_P 
_struct_conf_type.criteria    ? 
_struct_conf_type.reference   ? 
# 
_struct_sheet.id               AA1 
_struct_sheet.type             ? 
_struct_sheet.number_strands   5 
_struct_sheet.details          ? 
# 
loop_
_struct_sheet_order.sheet_id 
_struct_sheet_order.range_id_1 
_struct_sheet_order.range_id_2 
_struct_sheet_order.offset 
_struct_sheet_order.sense 
AA1 1 2 ? anti-parallel 
AA1 2 3 ? parallel      
AA1 3 4 ? anti-parallel 
AA1 4 5 ? anti-parallel 
# 
loop_
_struct_sheet_range.sheet_id 
_struct_sheet_range.id 
_struct_sheet_range.beg_label_comp_id 
_struct_sheet_range.beg_label_asym_id 
_struct_sheet_range.beg_label_seq_id 
_struct_sheet_range.pdbx_beg_PDB_ins_code 
_struct_sheet_range.end_label_comp_id 
_struct_sheet_range.end_label_asym_id 
_struct_sheet_range.end_label_seq_id 
_struct_sheet_range.pdbx_end_PDB_ins_code 
_struct_sheet_range.beg_auth_comp_id 
_struct_sheet_range.beg_auth_asym_id 
_struct_sheet_range.beg_auth_seq_id 
_struct_sheet_range.end_auth_comp_id 
_struct_sheet_range.end_auth_asym_id 
_struct_sheet_range.end_auth_seq_id 
AA1 1 LYS A 52  ? PRO A 56  ? LYS A 51  PRO A 55  
AA1 2 LYS A 31  ? ARG A 38  ? LYS A 30  ARG A 37  
AA1 3 LEU A 110 ? ALA A 115 ? LEU A 109 ALA A 114 
AA1 4 PHE A 81  ? VAL A 84  ? PHE A 80  VAL A 83  
AA1 5 HIS A 87  ? SER A 88  ? HIS A 86  SER A 87  
# 
loop_
_pdbx_struct_sheet_hbond.sheet_id 
_pdbx_struct_sheet_hbond.range_id_1 
_pdbx_struct_sheet_hbond.range_id_2 
_pdbx_struct_sheet_hbond.range_1_label_atom_id 
_pdbx_struct_sheet_hbond.range_1_label_comp_id 
_pdbx_struct_sheet_hbond.range_1_label_asym_id 
_pdbx_struct_sheet_hbond.range_1_label_seq_id 
_pdbx_struct_sheet_hbond.range_1_PDB_ins_code 
_pdbx_struct_sheet_hbond.range_1_auth_atom_id 
_pdbx_struct_sheet_hbond.range_1_auth_comp_id 
_pdbx_struct_sheet_hbond.range_1_auth_asym_id 
_pdbx_struct_sheet_hbond.range_1_auth_seq_id 
_pdbx_struct_sheet_hbond.range_2_label_atom_id 
_pdbx_struct_sheet_hbond.range_2_label_comp_id 
_pdbx_struct_sheet_hbond.range_2_label_asym_id 
_pdbx_struct_sheet_hbond.range_2_label_seq_id 
_pdbx_struct_sheet_hbond.range_2_PDB_ins_code 
_pdbx_struct_sheet_hbond.range_2_auth_atom_id 
_pdbx_struct_sheet_hbond.range_2_auth_comp_id 
_pdbx_struct_sheet_hbond.range_2_auth_asym_id 
_pdbx_struct_sheet_hbond.range_2_auth_seq_id 
AA1 1 2 O VAL A 55  ? O VAL A 54  N ILE A 32  ? N ILE A 31  
AA1 2 3 N ILE A 35  ? N ILE A 34  O MET A 112 ? O MET A 111 
AA1 3 4 O VAL A 113 ? O VAL A 112 N LEU A 83  ? N LEU A 82  
AA1 4 5 N VAL A 84  ? N VAL A 83  O HIS A 87  ? O HIS A 86  
# 
loop_
_pdbx_validate_close_contact.id 
_pdbx_validate_close_contact.PDB_model_num 
_pdbx_validate_close_contact.auth_atom_id_1 
_pdbx_validate_close_contact.auth_asym_id_1 
_pdbx_validate_close_contact.auth_comp_id_1 
_pdbx_validate_close_contact.auth_seq_id_1 
_pdbx_validate_close_contact.PDB_ins_code_1 
_pdbx_validate_close_contact.label_alt_id_1 
_pdbx_validate_close_contact.auth_atom_id_2 
_pdbx_validate_close_contact.auth_asym_id_2 
_pdbx_validate_close_contact.auth_comp_id_2 
_pdbx_validate_close_contact.auth_seq_id_2 
_pdbx_validate_close_contact.PDB_ins_code_2 
_pdbx_validate_close_contact.label_alt_id_2 
_pdbx_validate_close_contact.dist 
1 1 O   A HOH 312 ? ? O A HOH 374 ? ? 1.81 
2 1 O   A HOH 380 ? ? O A HOH 383 ? ? 1.86 
3 1 O   A HOH 322 ? ? O A HOH 351 ? ? 1.91 
4 1 O   A HOH 322 ? ? O A HOH 377 ? ? 1.94 
5 1 NH2 A ARG 10  ? B O A HOH 301 ? ? 1.98 
6 1 O   A HOH 325 ? ? O A HOH 370 ? ? 2.09 
7 1 O   A HOH 372 ? ? O A HOH 381 ? ? 2.13 
8 1 OE2 A GLU 97  ? ? O A HOH 302 ? ? 2.14 
9 1 O   A HOH 350 ? ? O A HOH 376 ? ? 2.19 
# 
_pdbx_validate_symm_contact.id                1 
_pdbx_validate_symm_contact.PDB_model_num     1 
_pdbx_validate_symm_contact.auth_atom_id_1    O 
_pdbx_validate_symm_contact.auth_asym_id_1    A 
_pdbx_validate_symm_contact.auth_comp_id_1    HOH 
_pdbx_validate_symm_contact.auth_seq_id_1     364 
_pdbx_validate_symm_contact.PDB_ins_code_1    ? 
_pdbx_validate_symm_contact.label_alt_id_1    ? 
_pdbx_validate_symm_contact.site_symmetry_1   1_555 
_pdbx_validate_symm_contact.auth_atom_id_2    O 
_pdbx_validate_symm_contact.auth_asym_id_2    A 
_pdbx_validate_symm_contact.auth_comp_id_2    HOH 
_pdbx_validate_symm_contact.auth_seq_id_2     377 
_pdbx_validate_symm_contact.PDB_ins_code_2    ? 
_pdbx_validate_symm_contact.label_alt_id_2    ? 
_pdbx_validate_symm_contact.site_symmetry_2   1_556 
_pdbx_validate_symm_contact.dist              2.14 
# 
_pdbx_validate_torsion.id              1 
_pdbx_validate_torsion.PDB_model_num   1 
_pdbx_validate_torsion.auth_comp_id    THR 
_pdbx_validate_torsion.auth_asym_id    A 
_pdbx_validate_torsion.auth_seq_id     118 
_pdbx_validate_torsion.PDB_ins_code    ? 
_pdbx_validate_torsion.label_alt_id    ? 
_pdbx_validate_torsion.phi             -108.57 
_pdbx_validate_torsion.psi             65.91 
# 
_pdbx_SG_project.id                    1 
_pdbx_SG_project.project_name          ? 
_pdbx_SG_project.full_name_of_center   'Structural Genomics Consortium' 
_pdbx_SG_project.initial_of_center     SGC 
# 
_pdbx_entry_details.entry_id                 8Q53 
_pdbx_entry_details.has_ligand_of_interest   N 
_pdbx_entry_details.compound_details         ? 
_pdbx_entry_details.source_details           ? 
_pdbx_entry_details.nonpolymer_details       ? 
_pdbx_entry_details.sequence_details         ? 
# 
loop_
_pdbx_unobs_or_zero_occ_residues.id 
_pdbx_unobs_or_zero_occ_residues.PDB_model_num 
_pdbx_unobs_or_zero_occ_residues.polymer_flag 
_pdbx_unobs_or_zero_occ_residues.occupancy_flag 
_pdbx_unobs_or_zero_occ_residues.auth_asym_id 
_pdbx_unobs_or_zero_occ_residues.auth_comp_id 
_pdbx_unobs_or_zero_occ_residues.auth_seq_id 
_pdbx_unobs_or_zero_occ_residues.PDB_ins_code 
_pdbx_unobs_or_zero_occ_residues.label_asym_id 
_pdbx_unobs_or_zero_occ_residues.label_comp_id 
_pdbx_unobs_or_zero_occ_residues.label_seq_id 
1  1 Y 1 A SER 0   ? A SER 1   
2  1 Y 1 A MET 1   ? A MET 2   
3  1 Y 1 A PRO 2   ? A PRO 3   
4  1 Y 1 A SER 3   ? A SER 4   
5  1 Y 1 A GLU 4   ? A GLU 5   
6  1 Y 1 A GLY 120 ? A GLY 121 
7  1 Y 1 A MET 121 ? A MET 122 
8  1 Y 1 A LYS 122 ? A LYS 123 
9  1 Y 1 A LEU 123 ? A LEU 124 
10 1 Y 1 A SER 124 ? A SER 125 
11 1 Y 1 A VAL 125 ? A VAL 126 
# 
loop_
_chem_comp_atom.comp_id 
_chem_comp_atom.atom_id 
_chem_comp_atom.type_symbol 
_chem_comp_atom.pdbx_aromatic_flag 
_chem_comp_atom.pdbx_stereo_config 
_chem_comp_atom.pdbx_ordinal 
ALA N    N  N N 1   
ALA CA   C  N S 2   
ALA C    C  N N 3   
ALA O    O  N N 4   
ALA CB   C  N N 5   
ALA OXT  O  N N 6   
ALA H    H  N N 7   
ALA H2   H  N N 8   
ALA HA   H  N N 9   
ALA HB1  H  N N 10  
ALA HB2  H  N N 11  
ALA HB3  H  N N 12  
ALA HXT  H  N N 13  
ARG N    N  N N 14  
ARG CA   C  N S 15  
ARG C    C  N N 16  
ARG O    O  N N 17  
ARG CB   C  N N 18  
ARG CG   C  N N 19  
ARG CD   C  N N 20  
ARG NE   N  N N 21  
ARG CZ   C  N N 22  
ARG NH1  N  N N 23  
ARG NH2  N  N N 24  
ARG OXT  O  N N 25  
ARG H    H  N N 26  
ARG H2   H  N N 27  
ARG HA   H  N N 28  
ARG HB2  H  N N 29  
ARG HB3  H  N N 30  
ARG HG2  H  N N 31  
ARG HG3  H  N N 32  
ARG HD2  H  N N 33  
ARG HD3  H  N N 34  
ARG HE   H  N N 35  
ARG HH11 H  N N 36  
ARG HH12 H  N N 37  
ARG HH21 H  N N 38  
ARG HH22 H  N N 39  
ARG HXT  H  N N 40  
ASN N    N  N N 41  
ASN CA   C  N S 42  
ASN C    C  N N 43  
ASN O    O  N N 44  
ASN CB   C  N N 45  
ASN CG   C  N N 46  
ASN OD1  O  N N 47  
ASN ND2  N  N N 48  
ASN OXT  O  N N 49  
ASN H    H  N N 50  
ASN H2   H  N N 51  
ASN HA   H  N N 52  
ASN HB2  H  N N 53  
ASN HB3  H  N N 54  
ASN HD21 H  N N 55  
ASN HD22 H  N N 56  
ASN HXT  H  N N 57  
ASP N    N  N N 58  
ASP CA   C  N S 59  
ASP C    C  N N 60  
ASP O    O  N N 61  
ASP CB   C  N N 62  
ASP CG   C  N N 63  
ASP OD1  O  N N 64  
ASP OD2  O  N N 65  
ASP OXT  O  N N 66  
ASP H    H  N N 67  
ASP H2   H  N N 68  
ASP HA   H  N N 69  
ASP HB2  H  N N 70  
ASP HB3  H  N N 71  
ASP HD2  H  N N 72  
ASP HXT  H  N N 73  
CL  CL   CL N N 74  
EDO C1   C  N N 75  
EDO O1   O  N N 76  
EDO C2   C  N N 77  
EDO O2   O  N N 78  
EDO H11  H  N N 79  
EDO H12  H  N N 80  
EDO HO1  H  N N 81  
EDO H21  H  N N 82  
EDO H22  H  N N 83  
EDO HO2  H  N N 84  
GLN N    N  N N 85  
GLN CA   C  N S 86  
GLN C    C  N N 87  
GLN O    O  N N 88  
GLN CB   C  N N 89  
GLN CG   C  N N 90  
GLN CD   C  N N 91  
GLN OE1  O  N N 92  
GLN NE2  N  N N 93  
GLN OXT  O  N N 94  
GLN H    H  N N 95  
GLN H2   H  N N 96  
GLN HA   H  N N 97  
GLN HB2  H  N N 98  
GLN HB3  H  N N 99  
GLN HG2  H  N N 100 
GLN HG3  H  N N 101 
GLN HE21 H  N N 102 
GLN HE22 H  N N 103 
GLN HXT  H  N N 104 
GLU N    N  N N 105 
GLU CA   C  N S 106 
GLU C    C  N N 107 
GLU O    O  N N 108 
GLU CB   C  N N 109 
GLU CG   C  N N 110 
GLU CD   C  N N 111 
GLU OE1  O  N N 112 
GLU OE2  O  N N 113 
GLU OXT  O  N N 114 
GLU H    H  N N 115 
GLU H2   H  N N 116 
GLU HA   H  N N 117 
GLU HB2  H  N N 118 
GLU HB3  H  N N 119 
GLU HG2  H  N N 120 
GLU HG3  H  N N 121 
GLU HE2  H  N N 122 
GLU HXT  H  N N 123 
GLY N    N  N N 124 
GLY CA   C  N N 125 
GLY C    C  N N 126 
GLY O    O  N N 127 
GLY OXT  O  N N 128 
GLY H    H  N N 129 
GLY H2   H  N N 130 
GLY HA2  H  N N 131 
GLY HA3  H  N N 132 
GLY HXT  H  N N 133 
HIS N    N  N N 134 
HIS CA   C  N S 135 
HIS C    C  N N 136 
HIS O    O  N N 137 
HIS CB   C  N N 138 
HIS CG   C  Y N 139 
HIS ND1  N  Y N 140 
HIS CD2  C  Y N 141 
HIS CE1  C  Y N 142 
HIS NE2  N  Y N 143 
HIS OXT  O  N N 144 
HIS H    H  N N 145 
HIS H2   H  N N 146 
HIS HA   H  N N 147 
HIS HB2  H  N N 148 
HIS HB3  H  N N 149 
HIS HD1  H  N N 150 
HIS HD2  H  N N 151 
HIS HE1  H  N N 152 
HIS HE2  H  N N 153 
HIS HXT  H  N N 154 
HOH O    O  N N 155 
HOH H1   H  N N 156 
HOH H2   H  N N 157 
ILE N    N  N N 158 
ILE CA   C  N S 159 
ILE C    C  N N 160 
ILE O    O  N N 161 
ILE CB   C  N S 162 
ILE CG1  C  N N 163 
ILE CG2  C  N N 164 
ILE CD1  C  N N 165 
ILE OXT  O  N N 166 
ILE H    H  N N 167 
ILE H2   H  N N 168 
ILE HA   H  N N 169 
ILE HB   H  N N 170 
ILE HG12 H  N N 171 
ILE HG13 H  N N 172 
ILE HG21 H  N N 173 
ILE HG22 H  N N 174 
ILE HG23 H  N N 175 
ILE HD11 H  N N 176 
ILE HD12 H  N N 177 
ILE HD13 H  N N 178 
ILE HXT  H  N N 179 
LEU N    N  N N 180 
LEU CA   C  N S 181 
LEU C    C  N N 182 
LEU O    O  N N 183 
LEU CB   C  N N 184 
LEU CG   C  N N 185 
LEU CD1  C  N N 186 
LEU CD2  C  N N 187 
LEU OXT  O  N N 188 
LEU H    H  N N 189 
LEU H2   H  N N 190 
LEU HA   H  N N 191 
LEU HB2  H  N N 192 
LEU HB3  H  N N 193 
LEU HG   H  N N 194 
LEU HD11 H  N N 195 
LEU HD12 H  N N 196 
LEU HD13 H  N N 197 
LEU HD21 H  N N 198 
LEU HD22 H  N N 199 
LEU HD23 H  N N 200 
LEU HXT  H  N N 201 
LYS N    N  N N 202 
LYS CA   C  N S 203 
LYS C    C  N N 204 
LYS O    O  N N 205 
LYS CB   C  N N 206 
LYS CG   C  N N 207 
LYS CD   C  N N 208 
LYS CE   C  N N 209 
LYS NZ   N  N N 210 
LYS OXT  O  N N 211 
LYS H    H  N N 212 
LYS H2   H  N N 213 
LYS HA   H  N N 214 
LYS HB2  H  N N 215 
LYS HB3  H  N N 216 
LYS HG2  H  N N 217 
LYS HG3  H  N N 218 
LYS HD2  H  N N 219 
LYS HD3  H  N N 220 
LYS HE2  H  N N 221 
LYS HE3  H  N N 222 
LYS HZ1  H  N N 223 
LYS HZ2  H  N N 224 
LYS HZ3  H  N N 225 
LYS HXT  H  N N 226 
MET N    N  N N 227 
MET CA   C  N S 228 
MET C    C  N N 229 
MET O    O  N N 230 
MET CB   C  N N 231 
MET CG   C  N N 232 
MET SD   S  N N 233 
MET CE   C  N N 234 
MET OXT  O  N N 235 
MET H    H  N N 236 
MET H2   H  N N 237 
MET HA   H  N N 238 
MET HB2  H  N N 239 
MET HB3  H  N N 240 
MET HG2  H  N N 241 
MET HG3  H  N N 242 
MET HE1  H  N N 243 
MET HE2  H  N N 244 
MET HE3  H  N N 245 
MET HXT  H  N N 246 
PHE N    N  N N 247 
PHE CA   C  N S 248 
PHE C    C  N N 249 
PHE O    O  N N 250 
PHE CB   C  N N 251 
PHE CG   C  Y N 252 
PHE CD1  C  Y N 253 
PHE CD2  C  Y N 254 
PHE CE1  C  Y N 255 
PHE CE2  C  Y N 256 
PHE CZ   C  Y N 257 
PHE OXT  O  N N 258 
PHE H    H  N N 259 
PHE H2   H  N N 260 
PHE HA   H  N N 261 
PHE HB2  H  N N 262 
PHE HB3  H  N N 263 
PHE HD1  H  N N 264 
PHE HD2  H  N N 265 
PHE HE1  H  N N 266 
PHE HE2  H  N N 267 
PHE HZ   H  N N 268 
PHE HXT  H  N N 269 
PRO N    N  N N 270 
PRO CA   C  N S 271 
PRO C    C  N N 272 
PRO O    O  N N 273 
PRO CB   C  N N 274 
PRO CG   C  N N 275 
PRO CD   C  N N 276 
PRO OXT  O  N N 277 
PRO H    H  N N 278 
PRO HA   H  N N 279 
PRO HB2  H  N N 280 
PRO HB3  H  N N 281 
PRO HG2  H  N N 282 
PRO HG3  H  N N 283 
PRO HD2  H  N N 284 
PRO HD3  H  N N 285 
PRO HXT  H  N N 286 
SER N    N  N N 287 
SER CA   C  N S 288 
SER C    C  N N 289 
SER O    O  N N 290 
SER CB   C  N N 291 
SER OG   O  N N 292 
SER OXT  O  N N 293 
SER H    H  N N 294 
SER H2   H  N N 295 
SER HA   H  N N 296 
SER HB2  H  N N 297 
SER HB3  H  N N 298 
SER HG   H  N N 299 
SER HXT  H  N N 300 
THR N    N  N N 301 
THR CA   C  N S 302 
THR C    C  N N 303 
THR O    O  N N 304 
THR CB   C  N R 305 
THR OG1  O  N N 306 
THR CG2  C  N N 307 
THR OXT  O  N N 308 
THR H    H  N N 309 
THR H2   H  N N 310 
THR HA   H  N N 311 
THR HB   H  N N 312 
THR HG1  H  N N 313 
THR HG21 H  N N 314 
THR HG22 H  N N 315 
THR HG23 H  N N 316 
THR HXT  H  N N 317 
TYR N    N  N N 318 
TYR CA   C  N S 319 
TYR C    C  N N 320 
TYR O    O  N N 321 
TYR CB   C  N N 322 
TYR CG   C  Y N 323 
TYR CD1  C  Y N 324 
TYR CD2  C  Y N 325 
TYR CE1  C  Y N 326 
TYR CE2  C  Y N 327 
TYR CZ   C  Y N 328 
TYR OH   O  N N 329 
TYR OXT  O  N N 330 
TYR H    H  N N 331 
TYR H2   H  N N 332 
TYR HA   H  N N 333 
TYR HB2  H  N N 334 
TYR HB3  H  N N 335 
TYR HD1  H  N N 336 
TYR HD2  H  N N 337 
TYR HE1  H  N N 338 
TYR HE2  H  N N 339 
TYR HH   H  N N 340 
TYR HXT  H  N N 341 
VAL N    N  N N 342 
VAL CA   C  N S 343 
VAL C    C  N N 344 
VAL O    O  N N 345 
VAL CB   C  N N 346 
VAL CG1  C  N N 347 
VAL CG2  C  N N 348 
VAL OXT  O  N N 349 
VAL H    H  N N 350 
VAL H2   H  N N 351 
VAL HA   H  N N 352 
VAL HB   H  N N 353 
VAL HG11 H  N N 354 
VAL HG12 H  N N 355 
VAL HG13 H  N N 356 
VAL HG21 H  N N 357 
VAL HG22 H  N N 358 
VAL HG23 H  N N 359 
VAL HXT  H  N N 360 
# 
loop_
_chem_comp_bond.comp_id 
_chem_comp_bond.atom_id_1 
_chem_comp_bond.atom_id_2 
_chem_comp_bond.value_order 
_chem_comp_bond.pdbx_aromatic_flag 
_chem_comp_bond.pdbx_stereo_config 
_chem_comp_bond.pdbx_ordinal 
ALA N   CA   sing N N 1   
ALA N   H    sing N N 2   
ALA N   H2   sing N N 3   
ALA CA  C    sing N N 4   
ALA CA  CB   sing N N 5   
ALA CA  HA   sing N N 6   
ALA C   O    doub N N 7   
ALA C   OXT  sing N N 8   
ALA CB  HB1  sing N N 9   
ALA CB  HB2  sing N N 10  
ALA CB  HB3  sing N N 11  
ALA OXT HXT  sing N N 12  
ARG N   CA   sing N N 13  
ARG N   H    sing N N 14  
ARG N   H2   sing N N 15  
ARG CA  C    sing N N 16  
ARG CA  CB   sing N N 17  
ARG CA  HA   sing N N 18  
ARG C   O    doub N N 19  
ARG C   OXT  sing N N 20  
ARG CB  CG   sing N N 21  
ARG CB  HB2  sing N N 22  
ARG CB  HB3  sing N N 23  
ARG CG  CD   sing N N 24  
ARG CG  HG2  sing N N 25  
ARG CG  HG3  sing N N 26  
ARG CD  NE   sing N N 27  
ARG CD  HD2  sing N N 28  
ARG CD  HD3  sing N N 29  
ARG NE  CZ   sing N N 30  
ARG NE  HE   sing N N 31  
ARG CZ  NH1  sing N N 32  
ARG CZ  NH2  doub N N 33  
ARG NH1 HH11 sing N N 34  
ARG NH1 HH12 sing N N 35  
ARG NH2 HH21 sing N N 36  
ARG NH2 HH22 sing N N 37  
ARG OXT HXT  sing N N 38  
ASN N   CA   sing N N 39  
ASN N   H    sing N N 40  
ASN N   H2   sing N N 41  
ASN CA  C    sing N N 42  
ASN CA  CB   sing N N 43  
ASN CA  HA   sing N N 44  
ASN C   O    doub N N 45  
ASN C   OXT  sing N N 46  
ASN CB  CG   sing N N 47  
ASN CB  HB2  sing N N 48  
ASN CB  HB3  sing N N 49  
ASN CG  OD1  doub N N 50  
ASN CG  ND2  sing N N 51  
ASN ND2 HD21 sing N N 52  
ASN ND2 HD22 sing N N 53  
ASN OXT HXT  sing N N 54  
ASP N   CA   sing N N 55  
ASP N   H    sing N N 56  
ASP N   H2   sing N N 57  
ASP CA  C    sing N N 58  
ASP CA  CB   sing N N 59  
ASP CA  HA   sing N N 60  
ASP C   O    doub N N 61  
ASP C   OXT  sing N N 62  
ASP CB  CG   sing N N 63  
ASP CB  HB2  sing N N 64  
ASP CB  HB3  sing N N 65  
ASP CG  OD1  doub N N 66  
ASP CG  OD2  sing N N 67  
ASP OD2 HD2  sing N N 68  
ASP OXT HXT  sing N N 69  
EDO C1  O1   sing N N 70  
EDO C1  C2   sing N N 71  
EDO C1  H11  sing N N 72  
EDO C1  H12  sing N N 73  
EDO O1  HO1  sing N N 74  
EDO C2  O2   sing N N 75  
EDO C2  H21  sing N N 76  
EDO C2  H22  sing N N 77  
EDO O2  HO2  sing N N 78  
GLN N   CA   sing N N 79  
GLN N   H    sing N N 80  
GLN N   H2   sing N N 81  
GLN CA  C    sing N N 82  
GLN CA  CB   sing N N 83  
GLN CA  HA   sing N N 84  
GLN C   O    doub N N 85  
GLN C   OXT  sing N N 86  
GLN CB  CG   sing N N 87  
GLN CB  HB2  sing N N 88  
GLN CB  HB3  sing N N 89  
GLN CG  CD   sing N N 90  
GLN CG  HG2  sing N N 91  
GLN CG  HG3  sing N N 92  
GLN CD  OE1  doub N N 93  
GLN CD  NE2  sing N N 94  
GLN NE2 HE21 sing N N 95  
GLN NE2 HE22 sing N N 96  
GLN OXT HXT  sing N N 97  
GLU N   CA   sing N N 98  
GLU N   H    sing N N 99  
GLU N   H2   sing N N 100 
GLU CA  C    sing N N 101 
GLU CA  CB   sing N N 102 
GLU CA  HA   sing N N 103 
GLU C   O    doub N N 104 
GLU C   OXT  sing N N 105 
GLU CB  CG   sing N N 106 
GLU CB  HB2  sing N N 107 
GLU CB  HB3  sing N N 108 
GLU CG  CD   sing N N 109 
GLU CG  HG2  sing N N 110 
GLU CG  HG3  sing N N 111 
GLU CD  OE1  doub N N 112 
GLU CD  OE2  sing N N 113 
GLU OE2 HE2  sing N N 114 
GLU OXT HXT  sing N N 115 
GLY N   CA   sing N N 116 
GLY N   H    sing N N 117 
GLY N   H2   sing N N 118 
GLY CA  C    sing N N 119 
GLY CA  HA2  sing N N 120 
GLY CA  HA3  sing N N 121 
GLY C   O    doub N N 122 
GLY C   OXT  sing N N 123 
GLY OXT HXT  sing N N 124 
HIS N   CA   sing N N 125 
HIS N   H    sing N N 126 
HIS N   H2   sing N N 127 
HIS CA  C    sing N N 128 
HIS CA  CB   sing N N 129 
HIS CA  HA   sing N N 130 
HIS C   O    doub N N 131 
HIS C   OXT  sing N N 132 
HIS CB  CG   sing N N 133 
HIS CB  HB2  sing N N 134 
HIS CB  HB3  sing N N 135 
HIS CG  ND1  sing Y N 136 
HIS CG  CD2  doub Y N 137 
HIS ND1 CE1  doub Y N 138 
HIS ND1 HD1  sing N N 139 
HIS CD2 NE2  sing Y N 140 
HIS CD2 HD2  sing N N 141 
HIS CE1 NE2  sing Y N 142 
HIS CE1 HE1  sing N N 143 
HIS NE2 HE2  sing N N 144 
HIS OXT HXT  sing N N 145 
HOH O   H1   sing N N 146 
HOH O   H2   sing N N 147 
ILE N   CA   sing N N 148 
ILE N   H    sing N N 149 
ILE N   H2   sing N N 150 
ILE CA  C    sing N N 151 
ILE CA  CB   sing N N 152 
ILE CA  HA   sing N N 153 
ILE C   O    doub N N 154 
ILE C   OXT  sing N N 155 
ILE CB  CG1  sing N N 156 
ILE CB  CG2  sing N N 157 
ILE CB  HB   sing N N 158 
ILE CG1 CD1  sing N N 159 
ILE CG1 HG12 sing N N 160 
ILE CG1 HG13 sing N N 161 
ILE CG2 HG21 sing N N 162 
ILE CG2 HG22 sing N N 163 
ILE CG2 HG23 sing N N 164 
ILE CD1 HD11 sing N N 165 
ILE CD1 HD12 sing N N 166 
ILE CD1 HD13 sing N N 167 
ILE OXT HXT  sing N N 168 
LEU N   CA   sing N N 169 
LEU N   H    sing N N 170 
LEU N   H2   sing N N 171 
LEU CA  C    sing N N 172 
LEU CA  CB   sing N N 173 
LEU CA  HA   sing N N 174 
LEU C   O    doub N N 175 
LEU C   OXT  sing N N 176 
LEU CB  CG   sing N N 177 
LEU CB  HB2  sing N N 178 
LEU CB  HB3  sing N N 179 
LEU CG  CD1  sing N N 180 
LEU CG  CD2  sing N N 181 
LEU CG  HG   sing N N 182 
LEU CD1 HD11 sing N N 183 
LEU CD1 HD12 sing N N 184 
LEU CD1 HD13 sing N N 185 
LEU CD2 HD21 sing N N 186 
LEU CD2 HD22 sing N N 187 
LEU CD2 HD23 sing N N 188 
LEU OXT HXT  sing N N 189 
LYS N   CA   sing N N 190 
LYS N   H    sing N N 191 
LYS N   H2   sing N N 192 
LYS CA  C    sing N N 193 
LYS CA  CB   sing N N 194 
LYS CA  HA   sing N N 195 
LYS C   O    doub N N 196 
LYS C   OXT  sing N N 197 
LYS CB  CG   sing N N 198 
LYS CB  HB2  sing N N 199 
LYS CB  HB3  sing N N 200 
LYS CG  CD   sing N N 201 
LYS CG  HG2  sing N N 202 
LYS CG  HG3  sing N N 203 
LYS CD  CE   sing N N 204 
LYS CD  HD2  sing N N 205 
LYS CD  HD3  sing N N 206 
LYS CE  NZ   sing N N 207 
LYS CE  HE2  sing N N 208 
LYS CE  HE3  sing N N 209 
LYS NZ  HZ1  sing N N 210 
LYS NZ  HZ2  sing N N 211 
LYS NZ  HZ3  sing N N 212 
LYS OXT HXT  sing N N 213 
MET N   CA   sing N N 214 
MET N   H    sing N N 215 
MET N   H2   sing N N 216 
MET CA  C    sing N N 217 
MET CA  CB   sing N N 218 
MET CA  HA   sing N N 219 
MET C   O    doub N N 220 
MET C   OXT  sing N N 221 
MET CB  CG   sing N N 222 
MET CB  HB2  sing N N 223 
MET CB  HB3  sing N N 224 
MET CG  SD   sing N N 225 
MET CG  HG2  sing N N 226 
MET CG  HG3  sing N N 227 
MET SD  CE   sing N N 228 
MET CE  HE1  sing N N 229 
MET CE  HE2  sing N N 230 
MET CE  HE3  sing N N 231 
MET OXT HXT  sing N N 232 
PHE N   CA   sing N N 233 
PHE N   H    sing N N 234 
PHE N   H2   sing N N 235 
PHE CA  C    sing N N 236 
PHE CA  CB   sing N N 237 
PHE CA  HA   sing N N 238 
PHE C   O    doub N N 239 
PHE C   OXT  sing N N 240 
PHE CB  CG   sing N N 241 
PHE CB  HB2  sing N N 242 
PHE CB  HB3  sing N N 243 
PHE CG  CD1  doub Y N 244 
PHE CG  CD2  sing Y N 245 
PHE CD1 CE1  sing Y N 246 
PHE CD1 HD1  sing N N 247 
PHE CD2 CE2  doub Y N 248 
PHE CD2 HD2  sing N N 249 
PHE CE1 CZ   doub Y N 250 
PHE CE1 HE1  sing N N 251 
PHE CE2 CZ   sing Y N 252 
PHE CE2 HE2  sing N N 253 
PHE CZ  HZ   sing N N 254 
PHE OXT HXT  sing N N 255 
PRO N   CA   sing N N 256 
PRO N   CD   sing N N 257 
PRO N   H    sing N N 258 
PRO CA  C    sing N N 259 
PRO CA  CB   sing N N 260 
PRO CA  HA   sing N N 261 
PRO C   O    doub N N 262 
PRO C   OXT  sing N N 263 
PRO CB  CG   sing N N 264 
PRO CB  HB2  sing N N 265 
PRO CB  HB3  sing N N 266 
PRO CG  CD   sing N N 267 
PRO CG  HG2  sing N N 268 
PRO CG  HG3  sing N N 269 
PRO CD  HD2  sing N N 270 
PRO CD  HD3  sing N N 271 
PRO OXT HXT  sing N N 272 
SER N   CA   sing N N 273 
SER N   H    sing N N 274 
SER N   H2   sing N N 275 
SER CA  C    sing N N 276 
SER CA  CB   sing N N 277 
SER CA  HA   sing N N 278 
SER C   O    doub N N 279 
SER C   OXT  sing N N 280 
SER CB  OG   sing N N 281 
SER CB  HB2  sing N N 282 
SER CB  HB3  sing N N 283 
SER OG  HG   sing N N 284 
SER OXT HXT  sing N N 285 
THR N   CA   sing N N 286 
THR N   H    sing N N 287 
THR N   H2   sing N N 288 
THR CA  C    sing N N 289 
THR CA  CB   sing N N 290 
THR CA  HA   sing N N 291 
THR C   O    doub N N 292 
THR C   OXT  sing N N 293 
THR CB  OG1  sing N N 294 
THR CB  CG2  sing N N 295 
THR CB  HB   sing N N 296 
THR OG1 HG1  sing N N 297 
THR CG2 HG21 sing N N 298 
THR CG2 HG22 sing N N 299 
THR CG2 HG23 sing N N 300 
THR OXT HXT  sing N N 301 
TYR N   CA   sing N N 302 
TYR N   H    sing N N 303 
TYR N   H2   sing N N 304 
TYR CA  C    sing N N 305 
TYR CA  CB   sing N N 306 
TYR CA  HA   sing N N 307 
TYR C   O    doub N N 308 
TYR C   OXT  sing N N 309 
TYR CB  CG   sing N N 310 
TYR CB  HB2  sing N N 311 
TYR CB  HB3  sing N N 312 
TYR CG  CD1  doub Y N 313 
TYR CG  CD2  sing Y N 314 
TYR CD1 CE1  sing Y N 315 
TYR CD1 HD1  sing N N 316 
TYR CD2 CE2  doub Y N 317 
TYR CD2 HD2  sing N N 318 
TYR CE1 CZ   doub Y N 319 
TYR CE1 HE1  sing N N 320 
TYR CE2 CZ   sing Y N 321 
TYR CE2 HE2  sing N N 322 
TYR CZ  OH   sing N N 323 
TYR OH  HH   sing N N 324 
TYR OXT HXT  sing N N 325 
VAL N   CA   sing N N 326 
VAL N   H    sing N N 327 
VAL N   H2   sing N N 328 
VAL CA  C    sing N N 329 
VAL CA  CB   sing N N 330 
VAL CA  HA   sing N N 331 
VAL C   O    doub N N 332 
VAL C   OXT  sing N N 333 
VAL CB  CG1  sing N N 334 
VAL CB  CG2  sing N N 335 
VAL CB  HB   sing N N 336 
VAL CG1 HG11 sing N N 337 
VAL CG1 HG12 sing N N 338 
VAL CG1 HG13 sing N N 339 
VAL CG2 HG21 sing N N 340 
VAL CG2 HG22 sing N N 341 
VAL CG2 HG23 sing N N 342 
VAL OXT HXT  sing N N 343 
# 
_pdbx_audit_support.funding_organization   'European Union (EU)' 
_pdbx_audit_support.country                'European Union' 
_pdbx_audit_support.grant_number           875510 
_pdbx_audit_support.ordinal                1 
# 
_pdbx_initial_refinement_model.id               1 
_pdbx_initial_refinement_model.entity_id_list   ? 
_pdbx_initial_refinement_model.type             'experimental model' 
_pdbx_initial_refinement_model.source_name      PDB 
_pdbx_initial_refinement_model.accession_code   5D94 
_pdbx_initial_refinement_model.details          ? 
# 
_atom_sites.entry_id                    8Q53 
_atom_sites.Cartn_transf_matrix[1][1]   ? 
_atom_sites.Cartn_transf_matrix[1][2]   ? 
_atom_sites.Cartn_transf_matrix[1][3]   ? 
_atom_sites.Cartn_transf_matrix[2][1]   ? 
_atom_sites.Cartn_transf_matrix[2][2]   ? 
_atom_sites.Cartn_transf_matrix[2][3]   ? 
_atom_sites.Cartn_transf_matrix[3][1]   ? 
_atom_sites.Cartn_transf_matrix[3][2]   ? 
_atom_sites.Cartn_transf_matrix[3][3]   ? 
_atom_sites.Cartn_transf_vector[1]      ? 
_atom_sites.Cartn_transf_vector[2]      ? 
_atom_sites.Cartn_transf_vector[3]      ? 
_atom_sites.Cartn_transform_axes        ? 
_atom_sites.fract_transf_matrix[1][1]   -0.00504508 
_atom_sites.fract_transf_matrix[1][2]   -0.01098418 
_atom_sites.fract_transf_matrix[1][3]   0.01137199 
_atom_sites.fract_transf_matrix[2][1]   0.00523669 
_atom_sites.fract_transf_matrix[2][2]   -0.01242405 
_atom_sites.fract_transf_matrix[2][3]   -0.00967715 
_atom_sites.fract_transf_matrix[3][1]   0.02573643 
_atom_sites.fract_transf_matrix[3][2]   0.00111535 
_atom_sites.fract_transf_matrix[3][3]   0.01249506 
_atom_sites.fract_transf_vector[1]      0.184842 
_atom_sites.fract_transf_vector[2]      -0.377605 
_atom_sites.fract_transf_vector[3]      0.021719 
_atom_sites.solution_primary            ? 
_atom_sites.solution_secondary          ? 
_atom_sites.solution_hydrogens          ? 
_atom_sites.special_details             ? 
# 
loop_
_atom_type.symbol 
C  
CL 
N  
O  
S  
# 
loop_
_atom_site.group_PDB 
_atom_site.id 
_atom_site.type_symbol 
_atom_site.label_atom_id 
_atom_site.label_alt_id 
_atom_site.label_comp_id 
_atom_site.label_asym_id 
_atom_site.label_entity_id 
_atom_site.label_seq_id 
_atom_site.pdbx_PDB_ins_code 
_atom_site.Cartn_x 
_atom_site.Cartn_y 
_atom_site.Cartn_z 
_atom_site.occupancy 
_atom_site.B_iso_or_equiv 
_atom_site.pdbx_formal_charge 
_atom_site.auth_seq_id 
_atom_site.auth_comp_id 
_atom_site.auth_asym_id 
_atom_site.auth_atom_id 
_atom_site.pdbx_PDB_model_num 
ATOM   1    N  N   . LYS A 1 6   ? -4.130  0.962   -16.461 1.00 44.03 ? 5   LYS A N   1 
ATOM   2    C  CA  . LYS A 1 6   ? -3.584  -0.205  -15.774 1.00 40.62 ? 5   LYS A CA  1 
ATOM   3    C  C   . LYS A 1 6   ? -3.471  -0.004  -14.256 1.00 28.37 ? 5   LYS A C   1 
ATOM   4    O  O   . LYS A 1 6   ? -3.852  -0.890  -13.498 1.00 35.79 ? 5   LYS A O   1 
ATOM   5    C  CB  . LYS A 1 6   ? -2.236  -0.622  -16.372 1.00 44.92 ? 5   LYS A CB  1 
ATOM   6    C  CG  . LYS A 1 6   ? -2.350  -1.566  -17.558 1.00 53.77 ? 5   LYS A CG  1 
ATOM   7    C  CD  . LYS A 1 6   ? -1.968  -2.988  -17.172 1.00 50.41 ? 5   LYS A CD  1 
ATOM   8    C  CE  . LYS A 1 6   ? -1.851  -3.886  -18.393 1.00 57.80 ? 5   LYS A CE  1 
ATOM   9    N  NZ  . LYS A 1 6   ? -2.878  -3.572  -19.424 1.00 63.80 ? 5   LYS A NZ  1 
ATOM   10   N  N   . THR A 1 7   ? -2.964  1.152   -13.825 1.00 29.52 ? 6   THR A N   1 
ATOM   11   C  CA  . THR A 1 7   ? -2.880  1.458   -12.398 1.00 24.76 ? 6   THR A CA  1 
ATOM   12   C  C   . THR A 1 7   ? -4.265  1.755   -11.825 1.00 26.22 ? 6   THR A C   1 
ATOM   13   O  O   . THR A 1 7   ? -5.213  2.076   -12.547 1.00 23.22 ? 6   THR A O   1 
ATOM   14   C  CB  . THR A 1 7   ? -1.911  2.618   -12.121 1.00 28.48 ? 6   THR A CB  1 
ATOM   15   O  OG1 . THR A 1 7   ? -2.566  3.883   -12.301 1.00 28.18 ? 6   THR A OG1 1 
ATOM   16   C  CG2 . THR A 1 7   ? -0.680  2.538   -13.013 1.00 32.05 ? 6   THR A CG2 1 
ATOM   17   N  N   . PHE A 1 8   ? -4.375  1.628   -10.500 1.00 22.57 ? 7   PHE A N   1 
ATOM   18   C  CA  . PHE A 1 8   ? -5.631  1.909   -9.812  1.00 20.87 ? 7   PHE A CA  1 
ATOM   19   C  C   . PHE A 1 8   ? -6.193  3.275   -10.193 1.00 19.88 ? 7   PHE A C   1 
ATOM   20   O  O   . PHE A 1 8   ? -7.383  3.402   -10.510 1.00 18.52 ? 7   PHE A O   1 
ATOM   21   C  CB  . PHE A 1 8   ? -5.410  1.821   -8.305  1.00 20.82 ? 7   PHE A CB  1 
ATOM   22   C  CG  . PHE A 1 8   ? -6.668  1.920   -7.508  1.00 17.47 ? 7   PHE A CG  1 
ATOM   23   C  CD1 . PHE A 1 8   ? -7.590  0.886   -7.492  1.00 17.94 ? 7   PHE A CD1 1 
ATOM   24   C  CD2 . PHE A 1 8   ? -6.946  3.071   -6.790  1.00 18.41 ? 7   PHE A CD2 1 
ATOM   25   C  CE1 . PHE A 1 8   ? -8.744  1.003   -6.754  1.00 19.70 ? 7   PHE A CE1 1 
ATOM   26   C  CE2 . PHE A 1 8   ? -8.095  3.182   -6.052  1.00 19.07 ? 7   PHE A CE2 1 
ATOM   27   C  CZ  . PHE A 1 8   ? -8.994  2.162   -6.029  1.00 20.89 ? 7   PHE A CZ  1 
ATOM   28   N  N   . LYS A 1 9   ? -5.361  4.326   -10.146 1.00 20.40 ? 8   LYS A N   1 
ATOM   29   C  CA  . LYS A 1 9   ? -5.865  5.663   -10.458 1.00 20.35 ? 8   LYS A CA  1 
ATOM   30   C  C   . LYS A 1 9   ? -6.306  5.787   -11.909 1.00 23.77 ? 8   LYS A C   1 
ATOM   31   O  O   . LYS A 1 9   ? -7.159  6.625   -12.224 1.00 25.09 ? 8   LYS A O   1 
ATOM   32   C  CB  . LYS A 1 9   ? -4.818  6.737   -10.179 1.00 20.48 ? 8   LYS A CB  1 
ATOM   33   C  CG  . LYS A 1 9   ? -4.634  7.063   -8.701  1.00 20.67 ? 8   LYS A CG  1 
ATOM   34   C  CD  . LYS A 1 9   ? -3.868  8.377   -8.514  1.00 18.57 ? 8   LYS A CD  1 
ATOM   35   C  CE  . LYS A 1 9   ? -3.784  8.771   -7.060  1.00 18.49 ? 8   LYS A CE  1 
ATOM   36   N  NZ  . LYS A 1 9   ? -2.978  10.012  -6.924  1.00 21.26 ? 8   LYS A NZ  1 
ATOM   37   N  N   . GLN A 1 10  ? -5.714  5.001   -12.807 1.00 21.32 ? 9   GLN A N   1 
ATOM   38   C  CA  . GLN A 1 10  ? -6.154  5.004   -14.198 1.00 25.04 ? 9   GLN A CA  1 
ATOM   39   C  C   . GLN A 1 10  ? -7.422  4.192   -14.425 1.00 26.31 ? 9   GLN A C   1 
ATOM   40   O  O   . GLN A 1 10  ? -8.047  4.338   -15.481 1.00 28.71 ? 9   GLN A O   1 
ATOM   41   C  CB  . GLN A 1 10  ? -5.045  4.496   -15.134 1.00 26.53 ? 9   GLN A CB  1 
ATOM   42   C  CG  . GLN A 1 10  ? -3.815  5.387   -15.208 1.00 32.17 ? 9   GLN A CG  1 
ATOM   43   C  CD  . GLN A 1 10  ? -2.558  4.648   -15.656 1.00 33.53 ? 9   GLN A CD  1 
ATOM   44   O  OE1 . GLN A 1 10  ? -2.482  3.421   -15.611 1.00 32.32 ? 9   GLN A OE1 1 
ATOM   45   N  NE2 . GLN A 1 10  ? -1.563  5.405   -16.096 1.00 46.98 ? 9   GLN A NE2 1 
ATOM   46   N  N   . ARG A 1 11  ? -7.813  3.343   -13.476 1.00 20.53 ? 10  ARG A N   1 
ATOM   47   C  CA  A ARG A 1 11  ? -8.991  2.493   -13.622 0.65 21.86 ? 10  ARG A CA  1 
ATOM   48   C  CA  B ARG A 1 11  ? -8.991  2.498   -13.633 0.35 21.92 ? 10  ARG A CA  1 
ATOM   49   C  C   . ARG A 1 11  ? -10.230 3.038   -12.931 1.00 20.96 ? 10  ARG A C   1 
ATOM   50   O  O   . ARG A 1 11  ? -11.336 2.579   -13.233 1.00 23.20 ? 10  ARG A O   1 
ATOM   51   C  CB  A ARG A 1 11  ? -8.738  1.092   -13.046 0.65 26.47 ? 10  ARG A CB  1 
ATOM   52   C  CB  B ARG A 1 11  ? -8.721  1.086   -13.097 0.35 26.47 ? 10  ARG A CB  1 
ATOM   53   C  CG  A ARG A 1 11  ? -7.655  0.282   -13.713 0.65 27.95 ? 10  ARG A CG  1 
ATOM   54   C  CG  B ARG A 1 11  ? -7.573  0.346   -13.759 0.35 27.97 ? 10  ARG A CG  1 
ATOM   55   C  CD  A ARG A 1 11  ? -7.700  -1.145  -13.183 0.65 31.58 ? 10  ARG A CD  1 
ATOM   56   C  CD  B ARG A 1 11  ? -7.334  -0.975  -13.051 0.35 32.35 ? 10  ARG A CD  1 
ATOM   57   N  NE  A ARG A 1 11  ? -6.945  -1.266  -11.941 0.65 34.82 ? 10  ARG A NE  1 
ATOM   58   N  NE  B ARG A 1 11  ? -6.129  -0.930  -12.232 0.35 34.73 ? 10  ARG A NE  1 
ATOM   59   C  CZ  A ARG A 1 11  ? -7.159  -2.187  -11.011 0.65 37.53 ? 10  ARG A CZ  1 
ATOM   60   C  CZ  B ARG A 1 11  ? -6.021  -1.481  -11.030 0.35 27.82 ? 10  ARG A CZ  1 
ATOM   61   N  NH1 A ARG A 1 11  ? -8.097  -3.109  -11.154 0.65 41.91 ? 10  ARG A NH1 1 
ATOM   62   N  NH1 B ARG A 1 11  ? -7.025  -2.146  -10.481 0.35 35.74 ? 10  ARG A NH1 1 
ATOM   63   N  NH2 A ARG A 1 11  ? -6.409  -2.183  -9.911  0.65 29.35 ? 10  ARG A NH2 1 
ATOM   64   N  NH2 B ARG A 1 11  ? -4.880  -1.354  -10.360 0.35 33.52 ? 10  ARG A NH2 1 
ATOM   65   N  N   . ARG A 1 12  ? -10.082 3.972   -11.987 1.00 17.83 ? 11  ARG A N   1 
ATOM   66   C  CA  . ARG A 1 12  ? -11.226 4.472   -11.238 1.00 16.99 ? 11  ARG A CA  1 
ATOM   67   C  C   . ARG A 1 12  ? -11.175 5.989   -11.220 1.00 18.15 ? 11  ARG A C   1 
ATOM   68   O  O   . ARG A 1 12  ? -10.095 6.571   -11.063 1.00 18.62 ? 11  ARG A O   1 
ATOM   69   C  CB  . ARG A 1 12  ? -11.188 3.976   -9.784  1.00 18.56 ? 11  ARG A CB  1 
ATOM   70   C  CG  . ARG A 1 12  ? -11.069 2.462   -9.651  1.00 23.62 ? 11  ARG A CG  1 
ATOM   71   C  CD  . ARG A 1 12  ? -12.388 1.758   -9.891  1.00 31.05 ? 11  ARG A CD  1 
ATOM   72   N  NE  . ARG A 1 12  ? -13.361 1.971   -8.834  1.00 35.61 ? 11  ARG A NE  1 
ATOM   73   C  CZ  . ARG A 1 12  ? -14.665 1.779   -8.977  1.00 38.73 ? 11  ARG A CZ  1 
ATOM   74   N  NH1 . ARG A 1 12  ? -15.176 1.350   -10.119 1.00 40.12 ? 11  ARG A NH1 1 
ATOM   75   N  NH2 . ARG A 1 12  ? -15.474 2.015   -7.947  1.00 36.85 ? 11  ARG A NH2 1 
ATOM   76   N  N   . THR A 1 13  ? -12.337 6.627   -11.357 1.00 16.00 ? 12  THR A N   1 
ATOM   77   C  CA  . THR A 1 13  ? -12.364 8.080   -11.368 1.00 14.83 ? 12  THR A CA  1 
ATOM   78   C  C   . THR A 1 13  ? -12.072 8.606   -9.965  1.00 15.55 ? 12  THR A C   1 
ATOM   79   O  O   . THR A 1 13  ? -12.188 7.889   -8.961  1.00 15.43 ? 12  THR A O   1 
ATOM   80   C  CB  . THR A 1 13  ? -13.726 8.611   -11.825 1.00 15.61 ? 12  THR A CB  1 
ATOM   81   O  OG1 . THR A 1 13  ? -14.720 8.279   -10.853 1.00 16.63 ? 12  THR A OG1 1 
ATOM   82   C  CG2 . THR A 1 13  ? -14.136 8.010   -13.183 1.00 18.60 ? 12  THR A CG2 1 
ATOM   83   N  N   . PHE A 1 14  ? -11.674 9.867   -9.889  1.00 15.32 ? 13  PHE A N   1 
ATOM   84   C  CA  . PHE A 1 14  ? -11.447 10.457  -8.575  1.00 15.69 ? 13  PHE A CA  1 
ATOM   85   C  C   . PHE A 1 14  ? -12.691 10.333  -7.701  1.00 16.80 ? 13  PHE A C   1 
ATOM   86   O  O   . PHE A 1 14  ? -12.598 9.949   -6.529  1.00 16.44 ? 13  PHE A O   1 
ATOM   87   C  CB  . PHE A 1 14  ? -11.015 11.923  -8.716  1.00 16.73 ? 13  PHE A CB  1 
ATOM   88   C  CG  . PHE A 1 14  ? -10.700 12.584  -7.409  1.00 16.02 ? 13  PHE A CG  1 
ATOM   89   C  CD1 . PHE A 1 14  ? -9.437  12.450  -6.841  1.00 18.14 ? 13  PHE A CD1 1 
ATOM   90   C  CD2 . PHE A 1 14  ? -11.664 13.304  -6.735  1.00 16.22 ? 13  PHE A CD2 1 
ATOM   91   C  CE1 . PHE A 1 14  ? -9.151  13.060  -5.619  1.00 18.43 ? 13  PHE A CE1 1 
ATOM   92   C  CE2 . PHE A 1 14  ? -11.384 13.911  -5.523  1.00 18.51 ? 13  PHE A CE2 1 
ATOM   93   C  CZ  . PHE A 1 14  ? -10.125 13.775  -4.972  1.00 18.46 ? 13  PHE A CZ  1 
ATOM   94   N  N   . GLU A 1 15  ? -13.867 10.620  -8.269  1.00 16.14 ? 14  GLU A N   1 
ATOM   95   C  CA  . GLU A 1 15  ? -15.126 10.469  -7.546  1.00 17.22 ? 14  GLU A CA  1 
ATOM   96   C  C   . GLU A 1 15  ? -15.307 9.045   -7.033  1.00 15.97 ? 14  GLU A C   1 
ATOM   97   O  O   . GLU A 1 15  ? -15.696 8.840   -5.882  1.00 18.06 ? 14  GLU A O   1 
ATOM   98   C  CB  . GLU A 1 15  ? -16.273 10.826  -8.486  1.00 17.75 ? 14  GLU A CB  1 
ATOM   99   C  CG  . GLU A 1 15  ? -17.635 10.731  -7.844  1.00 19.71 ? 14  GLU A CG  1 
ATOM   100  C  CD  . GLU A 1 15  ? -18.744 11.243  -8.735  1.00 21.77 ? 14  GLU A CD  1 
ATOM   101  O  OE1 . GLU A 1 15  ? -18.655 11.008  -9.964  1.00 22.15 ? 14  GLU A OE1 1 
ATOM   102  O  OE2 . GLU A 1 15  ? -19.754 11.760  -8.211  1.00 24.90 ? 14  GLU A OE2 1 
ATOM   103  N  N   . GLN A 1 16  ? -15.071 8.047   -7.890  1.00 15.05 ? 15  GLN A N   1 
ATOM   104  C  CA  . GLN A 1 16  ? -15.191 6.654   -7.458  1.00 15.80 ? 15  GLN A CA  1 
ATOM   105  C  C   . GLN A 1 16  ? -14.226 6.336   -6.323  1.00 17.13 ? 15  GLN A C   1 
ATOM   106  O  O   . GLN A 1 16  ? -14.588 5.625   -5.376  1.00 18.04 ? 15  GLN A O   1 
ATOM   107  C  CB  . GLN A 1 16  ? -14.904 5.715   -8.618  1.00 15.33 ? 15  GLN A CB  1 
ATOM   108  C  CG  . GLN A 1 16  ? -16.079 5.585   -9.584  1.00 16.71 ? 15  GLN A CG  1 
ATOM   109  C  CD  . GLN A 1 16  ? -15.729 4.817   -10.835 1.00 18.18 ? 15  GLN A CD  1 
ATOM   110  O  OE1 . GLN A 1 16  ? -14.579 4.813   -11.285 1.00 17.80 ? 15  GLN A OE1 1 
ATOM   111  N  NE2 . GLN A 1 16  ? -16.724 4.148   -11.406 1.00 20.30 ? 15  GLN A NE2 1 
ATOM   112  N  N   A ARG A 1 17  ? -12.990 6.842   -6.404  0.30 15.28 ? 16  ARG A N   1 
ATOM   113  N  N   B ARG A 1 17  ? -12.993 6.841   -6.396  0.70 15.30 ? 16  ARG A N   1 
ATOM   114  C  CA  A ARG A 1 17  ? -11.999 6.560   -5.366  0.30 16.05 ? 16  ARG A CA  1 
ATOM   115  C  CA  B ARG A 1 17  ? -12.021 6.539   -5.346  0.70 15.99 ? 16  ARG A CA  1 
ATOM   116  C  C   A ARG A 1 17  ? -12.399 7.182   -4.031  0.30 17.44 ? 16  ARG A C   1 
ATOM   117  C  C   B ARG A 1 17  ? -12.413 7.180   -4.021  0.70 17.50 ? 16  ARG A C   1 
ATOM   118  O  O   A ARG A 1 17  ? -12.351 6.519   -2.985  0.30 16.92 ? 16  ARG A O   1 
ATOM   119  O  O   B ARG A 1 17  ? -12.381 6.524   -2.966  0.70 16.82 ? 16  ARG A O   1 
ATOM   120  C  CB  A ARG A 1 17  ? -10.610 7.036   -5.812  0.30 15.03 ? 16  ARG A CB  1 
ATOM   121  C  CB  B ARG A 1 17  ? -10.620 6.952   -5.798  0.70 15.07 ? 16  ARG A CB  1 
ATOM   122  C  CG  A ARG A 1 17  ? -10.111 6.331   -7.072  0.30 17.22 ? 16  ARG A CG  1 
ATOM   123  C  CG  B ARG A 1 17  ? -10.166 6.065   -6.939  0.70 17.26 ? 16  ARG A CG  1 
ATOM   124  C  CD  A ARG A 1 17  ? -8.634  6.582   -7.385  0.30 16.67 ? 16  ARG A CD  1 
ATOM   125  C  CD  B ARG A 1 17  ? -8.768  6.363   -7.428  0.70 15.79 ? 16  ARG A CD  1 
ATOM   126  N  NE  A ARG A 1 17  ? -8.289  8.001   -7.404  0.30 20.14 ? 16  ARG A NE  1 
ATOM   127  N  NE  B ARG A 1 17  ? -8.843  7.240   -8.590  0.70 17.57 ? 16  ARG A NE  1 
ATOM   128  C  CZ  A ARG A 1 17  ? -8.023  8.702   -8.500  0.30 18.66 ? 16  ARG A CZ  1 
ATOM   129  C  CZ  B ARG A 1 17  ? -8.376  8.479   -8.610  0.70 19.54 ? 16  ARG A CZ  1 
ATOM   130  N  NH1 A ARG A 1 17  ? -8.138  8.173   -9.709  0.30 18.68 ? 16  ARG A NH1 1 
ATOM   131  N  NH1 B ARG A 1 17  ? -7.818  9.025   -7.538  0.70 19.59 ? 16  ARG A NH1 1 
ATOM   132  N  NH2 A ARG A 1 17  ? -7.640  9.972   -8.380  0.30 21.30 ? 16  ARG A NH2 1 
ATOM   133  N  NH2 B ARG A 1 17  ? -8.468  9.186   -9.735  0.70 22.75 ? 16  ARG A NH2 1 
ATOM   134  N  N   . VAL A 1 18  ? -12.801 8.453   -4.051  1.00 15.23 ? 17  VAL A N   1 
ATOM   135  C  CA  . VAL A 1 18  ? -13.250 9.141   -2.840  1.00 17.27 ? 17  VAL A CA  1 
ATOM   136  C  C   . VAL A 1 18  ? -14.447 8.431   -2.223  1.00 19.16 ? 17  VAL A C   1 
ATOM   137  O  O   . VAL A 1 18  ? -14.520 8.242   -1.002  1.00 20.54 ? 17  VAL A O   1 
ATOM   138  C  CB  . VAL A 1 18  ? -13.602 10.601  -3.170  1.00 18.62 ? 17  VAL A CB  1 
ATOM   139  C  CG1 . VAL A 1 18  ? -14.414 11.231  -2.038  1.00 19.71 ? 17  VAL A CG1 1 
ATOM   140  C  CG2 . VAL A 1 18  ? -12.349 11.378  -3.418  1.00 19.41 ? 17  VAL A CG2 1 
ATOM   141  N  N   . GLU A 1 19  ? -15.415 8.050   -3.051  1.00 18.82 ? 18  GLU A N   1 
ATOM   142  C  CA  . GLU A 1 19  ? -16.614 7.425   -2.524  1.00 19.74 ? 18  GLU A CA  1 
ATOM   143  C  C   . GLU A 1 19  ? -16.295 6.081   -1.907  1.00 23.27 ? 18  GLU A C   1 
ATOM   144  O  O   . GLU A 1 19  ? -16.908 5.692   -0.902  1.00 23.18 ? 18  GLU A O   1 
ATOM   145  C  CB  . GLU A 1 19  ? -17.649 7.306   -3.643  1.00 19.20 ? 18  GLU A CB  1 
ATOM   146  C  CG  . GLU A 1 19  ? -18.536 8.512   -3.676  1.00 33.44 ? 18  GLU A CG  1 
ATOM   147  C  CD  . GLU A 1 19  ? -19.245 8.711   -2.361  1.00 34.04 ? 18  GLU A CD  1 
ATOM   148  O  OE1 . GLU A 1 19  ? -19.949 7.772   -1.921  1.00 45.97 ? 18  GLU A OE1 1 
ATOM   149  O  OE2 . GLU A 1 19  ? -19.072 9.789   -1.758  1.00 43.11 ? 18  GLU A OE2 1 
ATOM   150  N  N   . ASP A 1 20  ? -15.316 5.372   -2.454  1.00 18.96 ? 19  ASP A N   1 
ATOM   151  C  CA  . ASP A 1 20  ? -14.928 4.117   -1.833  1.00 19.83 ? 19  ASP A CA  1 
ATOM   152  C  C   . ASP A 1 20  ? -14.262 4.345   -0.480  1.00 20.00 ? 19  ASP A C   1 
ATOM   153  O  O   . ASP A 1 20  ? -14.559 3.632   0.484   1.00 19.63 ? 19  ASP A O   1 
ATOM   154  C  CB  . ASP A 1 20  ? -14.001 3.348   -2.735  1.00 17.39 ? 19  ASP A CB  1 
ATOM   155  C  CG  . ASP A 1 20  ? -14.013 1.885   -2.437  1.00 28.59 ? 19  ASP A CG  1 
ATOM   156  O  OD1 . ASP A 1 20  ? -15.094 1.362   -2.089  1.00 30.13 ? 19  ASP A OD1 1 
ATOM   157  O  OD2 . ASP A 1 20  ? -12.931 1.274   -2.476  1.00 26.46 ? 19  ASP A OD2 1 
ATOM   158  N  N   . VAL A 1 21  ? -13.345 5.310   -0.381  1.00 18.38 ? 20  VAL A N   1 
ATOM   159  C  CA  . VAL A 1 21  ? -12.751 5.630   0.918   1.00 18.33 ? 20  VAL A CA  1 
ATOM   160  C  C   . VAL A 1 21  ? -13.829 6.012   1.928   1.00 21.30 ? 20  VAL A C   1 
ATOM   161  O  O   . VAL A 1 21  ? -13.770 5.626   3.107   1.00 21.07 ? 20  VAL A O   1 
ATOM   162  C  CB  . VAL A 1 21  ? -11.707 6.747   0.750   1.00 15.27 ? 20  VAL A CB  1 
ATOM   163  C  CG1 . VAL A 1 21  ? -11.246 7.244   2.119   1.00 18.04 ? 20  VAL A CG1 1 
ATOM   164  C  CG2 . VAL A 1 21  ? -10.539 6.241   -0.070  1.00 16.60 ? 20  VAL A CG2 1 
ATOM   165  N  N   . ARG A 1 22  ? -14.818 6.794   1.494   1.00 22.03 ? 21  ARG A N   1 
ATOM   166  C  CA  . ARG A 1 22  ? -15.890 7.209   2.395   1.00 21.99 ? 21  ARG A CA  1 
ATOM   167  C  C   . ARG A 1 22  ? -16.697 6.005   2.859   1.00 21.54 ? 21  ARG A C   1 
ATOM   168  O  O   . ARG A 1 22  ? -17.056 5.906   4.042   1.00 21.42 ? 21  ARG A O   1 
ATOM   169  C  CB  . ARG A 1 22  ? -16.767 8.235   1.680   1.00 20.71 ? 21  ARG A CB  1 
ATOM   170  C  CG  . ARG A 1 22  ? -16.105 9.605   1.536   1.00 24.87 ? 21  ARG A CG  1 
ATOM   171  C  CD  . ARG A 1 22  ? -17.011 10.573  0.782   1.00 22.60 ? 21  ARG A CD  1 
ATOM   172  N  NE  . ARG A 1 22  ? -16.394 11.882  0.612   1.00 33.60 ? 21  ARG A NE  1 
ATOM   173  C  CZ  . ARG A 1 22  ? -16.890 12.841  -0.157  1.00 43.69 ? 21  ARG A CZ  1 
ATOM   174  N  NH1 . ARG A 1 22  ? -18.000 12.660  -0.854  1.00 40.99 ? 21  ARG A NH1 1 
ATOM   175  N  NH2 . ARG A 1 22  ? -16.252 14.006  -0.234  1.00 52.11 ? 21  ARG A NH2 1 
ATOM   176  N  N   . LEU A 1 23  ? -16.949 5.062   1.948   1.00 22.14 ? 22  LEU A N   1 
ATOM   177  C  CA  . LEU A 1 23  ? -17.615 3.818   2.311   1.00 27.44 ? 22  LEU A CA  1 
ATOM   178  C  C   . LEU A 1 23  ? -16.804 3.045   3.336   1.00 24.16 ? 22  LEU A C   1 
ATOM   179  O  O   . LEU A 1 23  ? -17.363 2.485   4.288   1.00 21.74 ? 22  LEU A O   1 
ATOM   180  C  CB  . LEU A 1 23  ? -17.836 2.973   1.056   1.00 25.09 ? 22  LEU A CB  1 
ATOM   181  C  CG  . LEU A 1 23  ? -18.437 1.590   1.301   1.00 28.09 ? 22  LEU A CG  1 
ATOM   182  C  CD1 . LEU A 1 23  ? -19.886 1.770   1.695   1.00 28.00 ? 22  LEU A CD1 1 
ATOM   183  C  CD2 . LEU A 1 23  ? -18.308 0.716   0.069   1.00 32.88 ? 22  LEU A CD2 1 
ATOM   184  N  N   . ILE A 1 24  ? -15.483 2.998   3.147   1.00 18.98 ? 23  ILE A N   1 
ATOM   185  C  CA  . ILE A 1 24  ? -14.603 2.280   4.069   1.00 19.10 ? 23  ILE A CA  1 
ATOM   186  C  C   . ILE A 1 24  ? -14.613 2.928   5.447   1.00 16.07 ? 23  ILE A C   1 
ATOM   187  O  O   . ILE A 1 24  ? -14.588 2.227   6.465   1.00 19.75 ? 23  ILE A O   1 
ATOM   188  C  CB  . ILE A 1 24  ? -13.189 2.125   3.462   1.00 16.58 ? 23  ILE A CB  1 
ATOM   189  C  CG1 . ILE A 1 24  ? -13.247 1.299   2.172   1.00 20.53 ? 23  ILE A CG1 1 
ATOM   190  C  CG2 . ILE A 1 24  ? -12.222 1.472   4.462   1.00 18.80 ? 23  ILE A CG2 1 
ATOM   191  C  CD1 . ILE A 1 24  ? -12.009 1.421   1.251   1.00 21.62 ? 23  ILE A CD1 1 
ATOM   192  N  N   . ARG A 1 25  ? -14.697 4.266   5.514   1.00 19.41 ? 24  ARG A N   1 
ATOM   193  C  CA  . ARG A 1 25  ? -14.814 4.918   6.819   1.00 21.46 ? 24  ARG A CA  1 
ATOM   194  C  C   . ARG A 1 25  ? -16.111 4.519   7.494   1.00 23.63 ? 24  ARG A C   1 
ATOM   195  O  O   . ARG A 1 25  ? -16.159 4.349   8.719   1.00 20.86 ? 24  ARG A O   1 
ATOM   196  C  CB  . ARG A 1 25  ? -14.833 6.426   6.639   1.00 19.43 ? 24  ARG A CB  1 
ATOM   197  C  CG  . ARG A 1 25  ? -13.457 6.970   6.486   1.00 21.46 ? 24  ARG A CG  1 
ATOM   198  C  CD  . ARG A 1 25  ? -13.545 8.373   6.049   1.00 25.08 ? 24  ARG A CD  1 
ATOM   199  N  NE  . ARG A 1 25  ? -12.221 8.781   5.630   1.00 31.61 ? 24  ARG A NE  1 
ATOM   200  C  CZ  . ARG A 1 25  ? -12.014 9.693   4.697   1.00 30.54 ? 24  ARG A CZ  1 
ATOM   201  N  NH1 . ARG A 1 25  ? -12.994 10.474  4.266   1.00 39.52 ? 24  ARG A NH1 1 
ATOM   202  N  NH2 . ARG A 1 25  ? -10.813 9.782   4.140   1.00 44.51 ? 24  ARG A NH2 1 
ATOM   203  N  N   . GLU A 1 26  ? -17.181 4.366   6.710   1.00 20.90 ? 25  GLU A N   1 
ATOM   204  C  CA  . GLU A 1 26  ? -18.478 4.095   7.312   1.00 23.57 ? 25  GLU A CA  1 
ATOM   205  C  C   . GLU A 1 26  ? -18.603 2.644   7.760   1.00 23.78 ? 25  GLU A C   1 
ATOM   206  O  O   . GLU A 1 26  ? -19.098 2.380   8.865   1.00 25.06 ? 25  GLU A O   1 
ATOM   207  C  CB  . GLU A 1 26  ? -19.608 4.527   6.375   1.00 26.17 ? 25  GLU A CB  1 
ATOM   208  C  CG  . GLU A 1 26  ? -20.975 4.166   6.914   1.00 25.80 ? 25  GLU A CG  1 
ATOM   209  C  CD  . GLU A 1 26  ? -21.631 5.326   7.626   1.00 36.82 ? 25  GLU A CD  1 
ATOM   210  O  OE1 . GLU A 1 26  ? -20.920 6.314   7.915   1.00 32.55 ? 25  GLU A OE1 1 
ATOM   211  O  OE2 . GLU A 1 26  ? -22.844 5.247   7.915   1.00 47.63 ? 25  GLU A OE2 1 
ATOM   212  N  N   . GLN A 1 27  ? -18.132 1.694   6.950   1.00 20.34 ? 26  GLN A N   1 
ATOM   213  C  CA  . GLN A 1 27  ? -18.301 0.274   7.249   1.00 23.36 ? 26  GLN A CA  1 
ATOM   214  C  C   . GLN A 1 27  ? -17.094 -0.419  7.872   1.00 24.71 ? 26  GLN A C   1 
ATOM   215  O  O   . GLN A 1 27  ? -17.264 -1.477  8.490   1.00 26.04 ? 26  GLN A O   1 
ATOM   216  C  CB  . GLN A 1 27  ? -18.718 -0.516  6.008   1.00 31.65 ? 26  GLN A CB  1 
ATOM   217  C  CG  . GLN A 1 27  ? -19.852 0.079   5.229   1.00 33.13 ? 26  GLN A CG  1 
ATOM   218  C  CD  . GLN A 1 27  ? -20.044 -0.649  3.923   1.00 44.85 ? 26  GLN A CD  1 
ATOM   219  O  OE1 . GLN A 1 27  ? -19.086 -1.175  3.342   1.00 43.25 ? 26  GLN A OE1 1 
ATOM   220  N  NE2 . GLN A 1 27  ? -21.291 -0.731  3.474   1.00 44.01 ? 26  GLN A NE2 1 
ATOM   221  N  N   . HIS A 1 28  ? -15.883 0.108   7.702   1.00 20.94 ? 27  HIS A N   1 
ATOM   222  C  CA  . HIS A 1 28  ? -14.677 -0.484  8.282   1.00 23.89 ? 27  HIS A CA  1 
ATOM   223  C  C   . HIS A 1 28  ? -13.887 0.608   8.973   1.00 19.52 ? 27  HIS A C   1 
ATOM   224  O  O   . HIS A 1 28  ? -12.747 0.912   8.600   1.00 17.60 ? 27  HIS A O   1 
ATOM   225  C  CB  . HIS A 1 28  ? -13.845 -1.167  7.203   1.00 26.43 ? 27  HIS A CB  1 
ATOM   226  C  CG  . HIS A 1 28  ? -14.606 -2.205  6.450   1.00 26.41 ? 27  HIS A CG  1 
ATOM   227  N  ND1 . HIS A 1 28  ? -14.771 -3.483  6.933   1.00 29.84 ? 27  HIS A ND1 1 
ATOM   228  C  CD2 . HIS A 1 28  ? -15.236 -2.166  5.253   1.00 26.54 ? 27  HIS A CD2 1 
ATOM   229  C  CE1 . HIS A 1 28  ? -15.481 -4.188  6.070   1.00 35.31 ? 27  HIS A CE1 1 
ATOM   230  N  NE2 . HIS A 1 28  ? -15.771 -3.414  5.040   1.00 35.09 ? 27  HIS A NE2 1 
ATOM   231  N  N   . PRO A 1 29  ? -14.475 1.240   9.982   1.00 18.63 ? 28  PRO A N   1 
ATOM   232  C  CA  . PRO A 1 29  ? -13.892 2.477   10.514  1.00 19.81 ? 28  PRO A CA  1 
ATOM   233  C  C   . PRO A 1 29  ? -12.510 2.321   11.103  1.00 16.23 ? 28  PRO A C   1 
ATOM   234  O  O   . PRO A 1 29  ? -11.804 3.328   11.173  1.00 16.72 ? 28  PRO A O   1 
ATOM   235  C  CB  . PRO A 1 29  ? -14.905 2.929   11.577  1.00 19.14 ? 28  PRO A CB  1 
ATOM   236  C  CG  . PRO A 1 29  ? -15.673 1.685   11.919  1.00 21.96 ? 28  PRO A CG  1 
ATOM   237  C  CD  . PRO A 1 29  ? -15.745 0.891   10.650  1.00 18.03 ? 28  PRO A CD  1 
ATOM   238  N  N   . THR A 1 30  ? -12.118 1.124   11.564  1.00 16.74 ? 29  THR A N   1 
ATOM   239  C  CA  . THR A 1 30  ? -10.813 0.971   12.212  1.00 16.43 ? 29  THR A CA  1 
ATOM   240  C  C   . THR A 1 30  ? -9.695  0.607   11.240  1.00 16.82 ? 29  THR A C   1 
ATOM   241  O  O   . THR A 1 30  ? -8.565  0.374   11.683  1.00 18.50 ? 29  THR A O   1 
ATOM   242  C  CB  . THR A 1 30  ? -10.858 -0.058  13.359  1.00 18.54 ? 29  THR A CB  1 
ATOM   243  O  OG1 . THR A 1 30  ? -10.952 -1.386  12.846  1.00 18.48 ? 29  THR A OG1 1 
ATOM   244  C  CG2 . THR A 1 30  ? -12.040 0.214   14.300  1.00 17.43 ? 29  THR A CG2 1 
ATOM   245  N  N   . LYS A 1 31  ? -9.986  0.536   9.937   1.00 15.47 ? 30  LYS A N   1 
ATOM   246  C  CA  . LYS A 1 31  ? -9.038  0.112   8.922   1.00 16.57 ? 30  LYS A CA  1 
ATOM   247  C  C   . LYS A 1 31  ? -8.520  1.290   8.117   1.00 14.13 ? 30  LYS A C   1 
ATOM   248  O  O   . LYS A 1 31  ? -9.250  2.243   7.832   1.00 15.76 ? 30  LYS A O   1 
ATOM   249  C  CB  . LYS A 1 31  ? -9.664  -0.925  7.986   1.00 16.73 ? 30  LYS A CB  1 
ATOM   250  C  CG  . LYS A 1 31  ? -10.352 -2.059  8.764   1.00 18.59 ? 30  LYS A CG  1 
ATOM   251  C  CD  . LYS A 1 31  ? -9.343  -2.853  9.570   1.00 21.39 ? 30  LYS A CD  1 
ATOM   252  C  CE  . LYS A 1 31  ? -10.030 -3.942  10.390  1.00 24.81 ? 30  LYS A CE  1 
ATOM   253  N  NZ  . LYS A 1 31  ? -10.669 -4.934  9.500   1.00 34.40 ? 30  LYS A NZ  1 
ATOM   254  N  N   . ILE A 1 32  ? -7.250  1.181   7.725   1.00 15.45 ? 31  ILE A N   1 
ATOM   255  C  CA  . ILE A 1 32  ? -6.636  2.125   6.793   1.00 15.71 ? 31  ILE A CA  1 
ATOM   256  C  C   . ILE A 1 32  ? -6.823  1.605   5.373   1.00 15.09 ? 31  ILE A C   1 
ATOM   257  O  O   . ILE A 1 32  ? -6.484  0.447   5.102   1.00 15.66 ? 31  ILE A O   1 
ATOM   258  C  CB  . ILE A 1 32  ? -5.144  2.326   7.112   1.00 14.40 ? 31  ILE A CB  1 
ATOM   259  C  CG1 . ILE A 1 32  ? -4.951  2.862   8.538   1.00 17.96 ? 31  ILE A CG1 1 
ATOM   260  C  CG2 . ILE A 1 32  ? -4.471  3.260   6.084   1.00 14.14 ? 31  ILE A CG2 1 
ATOM   261  C  CD1 . ILE A 1 32  ? -5.695  4.115   8.846   1.00 17.83 ? 31  ILE A CD1 1 
ATOM   262  N  N   . PRO A 1 33  ? -7.326  2.426   4.446   1.00 14.56 ? 32  PRO A N   1 
ATOM   263  C  CA  . PRO A 1 33  ? -7.480  2.000   3.045   1.00 13.59 ? 32  PRO A CA  1 
ATOM   264  C  C   . PRO A 1 33  ? -6.179  2.173   2.274   1.00 13.72 ? 32  PRO A C   1 
ATOM   265  O  O   . PRO A 1 33  ? -5.701  3.293   2.077   1.00 15.03 ? 32  PRO A O   1 
ATOM   266  C  CB  . PRO A 1 33  ? -8.585  2.935   2.523   1.00 15.99 ? 32  PRO A CB  1 
ATOM   267  C  CG  . PRO A 1 33  ? -8.370  4.204   3.278   1.00 15.59 ? 32  PRO A CG  1 
ATOM   268  C  CD  . PRO A 1 33  ? -7.902  3.766   4.678   1.00 14.92 ? 32  PRO A CD  1 
ATOM   269  N  N   . VAL A 1 34  ? -5.593  1.059   1.849   1.00 15.14 ? 33  VAL A N   1 
ATOM   270  C  CA  . VAL A 1 34  ? -4.267  1.044   1.238   1.00 13.81 ? 33  VAL A CA  1 
ATOM   271  C  C   . VAL A 1 34  ? -4.365  0.470   -0.169  1.00 15.04 ? 33  VAL A C   1 
ATOM   272  O  O   . VAL A 1 34  ? -4.995  -0.570  -0.383  1.00 16.54 ? 33  VAL A O   1 
ATOM   273  C  CB  . VAL A 1 34  ? -3.255  0.264   2.101   1.00 14.10 ? 33  VAL A CB  1 
ATOM   274  C  CG1 . VAL A 1 34  ? -1.855  0.395   1.542   1.00 16.57 ? 33  VAL A CG1 1 
ATOM   275  C  CG2 . VAL A 1 34  ? -3.240  0.798   3.513   1.00 15.98 ? 33  VAL A CG2 1 
ATOM   276  N  N   . ILE A 1 35  ? -3.721  1.144   -1.122  1.00 14.50 ? 34  ILE A N   1 
ATOM   277  C  CA  . ILE A 1 35  ? -3.555  0.647   -2.484  1.00 14.56 ? 34  ILE A CA  1 
ATOM   278  C  C   . ILE A 1 35  ? -2.107  0.182   -2.609  1.00 14.64 ? 34  ILE A C   1 
ATOM   279  O  O   . ILE A 1 35  ? -1.181  0.951   -2.326  1.00 16.37 ? 34  ILE A O   1 
ATOM   280  C  CB  . ILE A 1 35  ? -3.866  1.754   -3.508  1.00 14.47 ? 34  ILE A CB  1 
ATOM   281  C  CG1 . ILE A 1 35  ? -5.327  2.226   -3.453  1.00 15.46 ? 34  ILE A CG1 1 
ATOM   282  C  CG2 . ILE A 1 35  ? -3.486  1.285   -4.924  1.00 16.34 ? 34  ILE A CG2 1 
ATOM   283  C  CD1 . ILE A 1 35  ? -6.369  1.134   -3.672  1.00 15.96 ? 34  ILE A CD1 1 
ATOM   284  N  N   . ILE A 1 36  ? -1.903  -1.072  -2.993  1.00 16.13 ? 35  ILE A N   1 
ATOM   285  C  CA  . ILE A 1 36  ? -0.561  -1.644  -3.091  1.00 16.30 ? 35  ILE A CA  1 
ATOM   286  C  C   . ILE A 1 36  ? -0.391  -2.191  -4.496  1.00 18.95 ? 35  ILE A C   1 
ATOM   287  O  O   . ILE A 1 36  ? -1.153  -3.069  -4.916  1.00 20.05 ? 35  ILE A O   1 
ATOM   288  C  CB  . ILE A 1 36  ? -0.318  -2.746  -2.047  1.00 17.82 ? 35  ILE A CB  1 
ATOM   289  C  CG1 . ILE A 1 36  ? -0.620  -2.208  -0.641  1.00 17.70 ? 35  ILE A CG1 1 
ATOM   290  C  CG2 . ILE A 1 36  ? 1.134   -3.229  -2.128  1.00 18.85 ? 35  ILE A CG2 1 
ATOM   291  C  CD1 . ILE A 1 36  ? -0.533  -3.253  0.463   1.00 20.46 ? 35  ILE A CD1 1 
ATOM   292  N  N   . GLU A 1 37  ? 0.606   -1.682  -5.213  1.00 17.40 ? 36  GLU A N   1 
ATOM   293  C  CA  . GLU A 1 37  ? 0.804   -2.033  -6.612  1.00 18.78 ? 36  GLU A CA  1 
ATOM   294  C  C   . GLU A 1 37  ? 2.258   -2.399  -6.856  1.00 18.74 ? 36  GLU A C   1 
ATOM   295  O  O   . GLU A 1 37  ? 3.170   -1.863  -6.225  1.00 19.73 ? 36  GLU A O   1 
ATOM   296  C  CB  . GLU A 1 37  ? 0.384   -0.884  -7.530  1.00 19.62 ? 36  GLU A CB  1 
ATOM   297  C  CG  . GLU A 1 37  ? -1.078  -0.542  -7.361  1.00 22.33 ? 36  GLU A CG  1 
ATOM   298  C  CD  . GLU A 1 37  ? -1.528  0.595   -8.239  1.00 26.00 ? 36  GLU A CD  1 
ATOM   299  O  OE1 . GLU A 1 37  ? -1.280  1.765   -7.886  1.00 24.57 ? 36  GLU A OE1 1 
ATOM   300  O  OE2 . GLU A 1 37  ? -2.179  0.307   -9.266  1.00 28.28 ? 36  GLU A OE2 1 
ATOM   301  N  N   . ARG A 1 38  ? 2.469   -3.321  -7.784  1.00 20.44 ? 37  ARG A N   1 
ATOM   302  C  CA  . ARG A 1 38  ? 3.820   -3.665  -8.186  1.00 22.28 ? 37  ARG A CA  1 
ATOM   303  C  C   . ARG A 1 38  ? 4.390   -2.592  -9.106  1.00 24.04 ? 37  ARG A C   1 
ATOM   304  O  O   . ARG A 1 38  ? 3.705   -2.085  -9.996  1.00 23.50 ? 37  ARG A O   1 
ATOM   305  C  CB  . ARG A 1 38  ? 3.831   -5.021  -8.887  1.00 25.11 ? 37  ARG A CB  1 
ATOM   306  C  CG  . ARG A 1 38  ? 5.243   -5.470  -9.184  1.00 25.31 ? 37  ARG A CG  1 
ATOM   307  C  CD  . ARG A 1 38  ? 5.300   -6.834  -9.801  1.00 33.94 ? 37  ARG A CD  1 
ATOM   308  N  NE  . ARG A 1 38  ? 4.856   -6.810  -11.186 1.00 32.97 ? 37  ARG A NE  1 
ATOM   309  C  CZ  . ARG A 1 38  ? 4.985   -7.831  -12.017 1.00 39.70 ? 37  ARG A CZ  1 
ATOM   310  N  NH1 . ARG A 1 38  ? 5.576   -8.955  -11.644 1.00 38.48 ? 37  ARG A NH1 1 
ATOM   311  N  NH2 . ARG A 1 38  ? 4.510   -7.720  -13.254 1.00 35.05 ? 37  ARG A NH2 1 
ATOM   312  N  N   . TYR A 1 39  ? 5.649   -2.229  -8.859  1.00 22.62 ? 38  TYR A N   1 
ATOM   313  C  CA  . TYR A 1 39  ? 6.386   -1.335  -9.740  1.00 29.30 ? 38  TYR A CA  1 
ATOM   314  C  C   . TYR A 1 39  ? 6.269   -1.814  -11.183 1.00 27.51 ? 38  TYR A C   1 
ATOM   315  O  O   . TYR A 1 39  ? 6.401   -3.006  -11.467 1.00 30.50 ? 38  TYR A O   1 
ATOM   316  C  CB  . TYR A 1 39  ? 7.853   -1.340  -9.307  1.00 27.98 ? 38  TYR A CB  1 
ATOM   317  C  CG  . TYR A 1 39  ? 8.799   -0.733  -10.311 1.00 36.64 ? 38  TYR A CG  1 
ATOM   318  C  CD1 . TYR A 1 39  ? 8.638   0.578   -10.742 1.00 43.16 ? 38  TYR A CD1 1 
ATOM   319  C  CD2 . TYR A 1 39  ? 9.868   -1.464  -10.809 1.00 41.96 ? 38  TYR A CD2 1 
ATOM   320  C  CE1 . TYR A 1 39  ? 9.504   1.140   -11.659 1.00 45.41 ? 38  TYR A CE1 1 
ATOM   321  C  CE2 . TYR A 1 39  ? 10.746  -0.909  -11.724 1.00 48.55 ? 38  TYR A CE2 1 
ATOM   322  C  CZ  . TYR A 1 39  ? 10.557  0.394   -12.147 1.00 53.76 ? 38  TYR A CZ  1 
ATOM   323  O  OH  . TYR A 1 39  ? 11.425  0.953   -13.060 1.00 68.10 ? 38  TYR A OH  1 
ATOM   324  N  N   . LYS A 1 40  ? 6.008   -0.869  -12.091 1.00 31.71 ? 39  LYS A N   1 
ATOM   325  C  CA  . LYS A 1 40  ? 5.674   -1.219  -13.471 1.00 37.23 ? 39  LYS A CA  1 
ATOM   326  C  C   . LYS A 1 40  ? 6.816   -1.933  -14.189 1.00 40.98 ? 39  LYS A C   1 
ATOM   327  O  O   . LYS A 1 40  ? 6.573   -2.702  -15.124 1.00 43.54 ? 39  LYS A O   1 
ATOM   328  C  CB  . LYS A 1 40  ? 5.230   0.035   -14.225 1.00 38.50 ? 39  LYS A CB  1 
ATOM   329  C  CG  . LYS A 1 40  ? 6.359   1.004   -14.537 1.00 45.72 ? 39  LYS A CG  1 
ATOM   330  C  CD  . LYS A 1 40  ? 6.222   1.590   -15.940 1.00 54.65 ? 39  LYS A CD  1 
ATOM   331  C  CE  . LYS A 1 40  ? 6.943   0.734   -16.977 1.00 58.41 ? 39  LYS A CE  1 
ATOM   332  N  NZ  . LYS A 1 40  ? 7.132   1.446   -18.274 1.00 51.62 ? 39  LYS A NZ  1 
ATOM   333  N  N   . GLY A 1 41  ? 8.055   -1.708  -13.775 1.00 33.84 ? 40  GLY A N   1 
ATOM   334  C  CA  . GLY A 1 41  ? 9.156   -2.406  -14.404 1.00 41.84 ? 40  GLY A CA  1 
ATOM   335  C  C   . GLY A 1 41  ? 9.637   -3.642  -13.678 1.00 41.03 ? 40  GLY A C   1 
ATOM   336  O  O   . GLY A 1 41  ? 10.682  -4.192  -14.042 1.00 40.49 ? 40  GLY A O   1 
ATOM   337  N  N   . GLU A 1 42  ? 8.907   -4.105  -12.669 1.00 32.58 ? 41  GLU A N   1 
ATOM   338  C  CA  . GLU A 1 42  ? 9.384   -5.202  -11.841 1.00 28.67 ? 41  GLU A CA  1 
ATOM   339  C  C   . GLU A 1 42  ? 9.358   -6.523  -12.598 1.00 37.93 ? 41  GLU A C   1 
ATOM   340  O  O   . GLU A 1 42  ? 8.368   -6.862  -13.254 1.00 37.29 ? 41  GLU A O   1 
ATOM   341  C  CB  . GLU A 1 42  ? 8.545   -5.293  -10.568 1.00 30.32 ? 41  GLU A CB  1 
ATOM   342  C  CG  . GLU A 1 42  ? 8.852   -6.513  -9.724  1.00 26.88 ? 41  GLU A CG  1 
ATOM   343  C  CD  . GLU A 1 42  ? 10.221  -6.446  -9.105  1.00 29.24 ? 41  GLU A CD  1 
ATOM   344  O  OE1 . GLU A 1 42  ? 10.709  -5.330  -8.852  1.00 30.95 ? 41  GLU A OE1 1 
ATOM   345  O  OE2 . GLU A 1 42  ? 10.826  -7.516  -8.888  1.00 32.79 ? 41  GLU A OE2 1 
ATOM   346  N  N   . LYS A 1 43  ? 10.451  -7.278  -12.483 1.00 37.58 ? 42  LYS A N   1 
ATOM   347  C  CA  . LYS A 1 43  ? 10.628  -8.509  -13.235 1.00 43.82 ? 42  LYS A CA  1 
ATOM   348  C  C   . LYS A 1 43  ? 10.784  -9.752  -12.368 1.00 43.49 ? 42  LYS A C   1 
ATOM   349  O  O   . LYS A 1 43  ? 10.700  -10.864 -12.900 1.00 47.76 ? 42  LYS A O   1 
ATOM   350  C  CB  . LYS A 1 43  ? 11.846  -8.392  -14.170 1.00 38.14 ? 42  LYS A CB  1 
ATOM   351  C  CG  . LYS A 1 43  ? 11.566  -7.659  -15.484 1.00 47.30 ? 42  LYS A CG  1 
ATOM   352  C  CD  . LYS A 1 43  ? 10.077  -7.618  -15.809 1.00 50.78 ? 42  LYS A CD  1 
ATOM   353  C  CE  . LYS A 1 43  ? 9.812   -7.066  -17.201 1.00 61.28 ? 42  LYS A CE  1 
ATOM   354  N  NZ  . LYS A 1 43  ? 8.535   -6.287  -17.246 1.00 57.75 ? 42  LYS A NZ  1 
ATOM   355  N  N   . GLN A 1 44  ? 11.003  -9.606  -11.061 1.00 32.84 ? 43  GLN A N   1 
ATOM   356  C  CA  . GLN A 1 44  ? 11.263  -10.737 -10.180 1.00 34.07 ? 43  GLN A CA  1 
ATOM   357  C  C   . GLN A 1 44  ? 10.089  -11.067 -9.269  1.00 38.05 ? 43  GLN A C   1 
ATOM   358  O  O   . GLN A 1 44  ? 9.708   -12.235 -9.144  1.00 36.24 ? 43  GLN A O   1 
ATOM   359  C  CB  . GLN A 1 44  ? 12.515  -10.459 -9.334  1.00 35.06 ? 43  GLN A CB  1 
ATOM   360  C  CG  . GLN A 1 44  ? 13.751  -10.089 -10.149 1.00 53.59 ? 43  GLN A CG  1 
ATOM   361  C  CD  . GLN A 1 44  ? 14.428  -11.292 -10.787 1.00 68.19 ? 43  GLN A CD  1 
ATOM   362  O  OE1 . GLN A 1 44  ? 15.013  -12.128 -10.098 1.00 72.41 ? 43  GLN A OE1 1 
ATOM   363  N  NE2 . GLN A 1 44  ? 14.355  -11.379 -12.113 1.00 61.54 ? 43  GLN A NE2 1 
ATOM   364  N  N   . LEU A 1 45  ? 9.498   -10.062 -8.630  1.00 31.41 ? 44  LEU A N   1 
ATOM   365  C  CA  . LEU A 1 45  ? 8.422   -10.274 -7.675  1.00 29.49 ? 44  LEU A CA  1 
ATOM   366  C  C   . LEU A 1 45  ? 7.089   -10.481 -8.394  1.00 26.41 ? 44  LEU A C   1 
ATOM   367  O  O   . LEU A 1 45  ? 6.833   -9.873  -9.440  1.00 26.83 ? 44  LEU A O   1 
ATOM   368  C  CB  . LEU A 1 45  ? 8.313   -9.063  -6.750  1.00 24.64 ? 44  LEU A CB  1 
ATOM   369  C  CG  . LEU A 1 45  ? 9.510   -8.814  -5.838  1.00 27.52 ? 44  LEU A CG  1 
ATOM   370  C  CD1 . LEU A 1 45  ? 9.304   -7.532  -5.059  1.00 26.30 ? 44  LEU A CD1 1 
ATOM   371  C  CD2 . LEU A 1 45  ? 9.712   -9.982  -4.897  1.00 33.07 ? 44  LEU A CD2 1 
ATOM   372  N  N   . PRO A 1 46  ? 6.225   -11.328 -7.844  1.00 29.29 ? 45  PRO A N   1 
ATOM   373  C  CA  . PRO A 1 46  ? 4.910   -11.563 -8.445  1.00 27.56 ? 45  PRO A CA  1 
ATOM   374  C  C   . PRO A 1 46  ? 3.974   -10.395 -8.170  1.00 28.13 ? 45  PRO A C   1 
ATOM   375  O  O   . PRO A 1 46  ? 4.230   -9.540  -7.323  1.00 28.86 ? 45  PRO A O   1 
ATOM   376  C  CB  . PRO A 1 46  ? 4.393   -12.816 -7.725  1.00 33.50 ? 45  PRO A CB  1 
ATOM   377  C  CG  . PRO A 1 46  ? 5.312   -13.072 -6.584  1.00 40.04 ? 45  PRO A CG  1 
ATOM   378  C  CD  . PRO A 1 46  ? 6.465   -12.127 -6.631  1.00 29.13 ? 45  PRO A CD  1 
ATOM   379  N  N   . VAL A 1 47  ? 2.876   -10.373 -8.915  1.00 30.21 ? 46  VAL A N   1 
ATOM   380  C  CA  . VAL A 1 47  ? 1.801   -9.419  -8.659  1.00 30.36 ? 46  VAL A CA  1 
ATOM   381  C  C   . VAL A 1 47  ? 0.942   -9.932  -7.512  1.00 33.51 ? 46  VAL A C   1 
ATOM   382  O  O   . VAL A 1 47  ? 0.791   -11.141 -7.312  1.00 30.77 ? 46  VAL A O   1 
ATOM   383  C  CB  . VAL A 1 47  ? 0.957   -9.179  -9.927  1.00 36.92 ? 46  VAL A CB  1 
ATOM   384  C  CG1 . VAL A 1 47  ? 1.798   -8.532  -11.016 1.00 39.22 ? 46  VAL A CG1 1 
ATOM   385  C  CG2 . VAL A 1 47  ? 0.342   -10.480 -10.409 1.00 39.47 ? 46  VAL A CG2 1 
ATOM   386  N  N   . LEU A 1 48  ? 0.381   -9.002  -6.738  1.00 26.96 ? 47  LEU A N   1 
ATOM   387  C  CA  . LEU A 1 48  ? -0.524  -9.392  -5.671  1.00 26.85 ? 47  LEU A CA  1 
ATOM   388  C  C   . LEU A 1 48  ? -1.854  -9.850  -6.244  1.00 26.94 ? 47  LEU A C   1 
ATOM   389  O  O   . LEU A 1 48  ? -2.215  -9.542  -7.382  1.00 28.14 ? 47  LEU A O   1 
ATOM   390  C  CB  . LEU A 1 48  ? -0.807  -8.228  -4.722  1.00 27.64 ? 47  LEU A CB  1 
ATOM   391  C  CG  . LEU A 1 48  ? 0.297   -7.831  -3.755  1.00 22.38 ? 47  LEU A CG  1 
ATOM   392  C  CD1 . LEU A 1 48  ? 0.019   -6.450  -3.234  1.00 23.79 ? 47  LEU A CD1 1 
ATOM   393  C  CD2 . LEU A 1 48  ? 0.393   -8.814  -2.615  1.00 24.30 ? 47  LEU A CD2 1 
ATOM   394  N  N   . ASP A 1 49  ? -2.609  -10.567 -5.411  1.00 25.18 ? 48  ASP A N   1 
ATOM   395  C  CA  . ASP A 1 49  ? -3.900  -11.087 -5.839  1.00 26.29 ? 48  ASP A CA  1 
ATOM   396  C  C   . ASP A 1 49  ? -4.958  -9.998  -5.909  1.00 25.70 ? 48  ASP A C   1 
ATOM   397  O  O   . ASP A 1 49  ? -6.010  -10.207 -6.518  1.00 27.00 ? 48  ASP A O   1 
ATOM   398  C  CB  . ASP A 1 49  ? -4.396  -12.153 -4.868  1.00 26.45 ? 48  ASP A CB  1 
ATOM   399  C  CG  . ASP A 1 49  ? -4.405  -11.668 -3.424  1.00 26.85 ? 48  ASP A CG  1 
ATOM   400  O  OD1 . ASP A 1 49  ? -5.486  -11.719 -2.804  1.00 32.08 ? 48  ASP A OD1 1 
ATOM   401  O  OD2 . ASP A 1 49  ? -3.333  -11.288 -2.893  1.00 30.40 ? 48  ASP A OD2 1 
ATOM   402  N  N   . LYS A 1 50  ? -4.718  -8.855  -5.277  1.00 23.34 ? 49  LYS A N   1 
ATOM   403  C  CA  . LYS A 1 50  ? -5.644  -7.739  -5.341  1.00 22.28 ? 49  LYS A CA  1 
ATOM   404  C  C   . LYS A 1 50  ? -4.843  -6.466  -5.122  1.00 19.68 ? 49  LYS A C   1 
ATOM   405  O  O   . LYS A 1 50  ? -3.630  -6.499  -4.905  1.00 22.01 ? 49  LYS A O   1 
ATOM   406  C  CB  . LYS A 1 50  ? -6.785  -7.902  -4.330  1.00 26.13 ? 49  LYS A CB  1 
ATOM   407  C  CG  . LYS A 1 50  ? -6.334  -7.946  -2.878  1.00 22.88 ? 49  LYS A CG  1 
ATOM   408  C  CD  . LYS A 1 50  ? -7.537  -7.898  -1.941  1.00 24.93 ? 49  LYS A CD  1 
ATOM   409  C  CE  . LYS A 1 50  ? -7.111  -7.649  -0.498  1.00 27.61 ? 49  LYS A CE  1 
ATOM   410  N  NZ  . LYS A 1 50  ? -8.302  -7.649  0.404   1.00 34.85 ? 49  LYS A NZ  1 
ATOM   411  N  N   A THR A 1 51  ? -5.521  -5.326  -5.189  0.12 19.26 ? 50  THR A N   1 
ATOM   412  N  N   B THR A 1 51  ? -5.545  -5.346  -5.180  0.88 19.03 ? 50  THR A N   1 
ATOM   413  C  CA  A THR A 1 51  ? -4.834  -4.049  -5.039  0.12 19.73 ? 50  THR A CA  1 
ATOM   414  C  CA  B THR A 1 51  ? -4.952  -4.018  -5.139  0.88 19.79 ? 50  THR A CA  1 
ATOM   415  C  C   A THR A 1 51  ? -5.287  -3.230  -3.841  0.12 17.78 ? 50  THR A C   1 
ATOM   416  C  C   B THR A 1 51  ? -5.295  -3.253  -3.870  0.88 17.65 ? 50  THR A C   1 
ATOM   417  O  O   A THR A 1 51  ? -4.492  -2.443  -3.323  0.12 17.72 ? 50  THR A O   1 
ATOM   418  O  O   B THR A 1 51  ? -4.433  -2.567  -3.315  0.88 17.70 ? 50  THR A O   1 
ATOM   419  C  CB  A THR A 1 51  ? -4.973  -3.191  -6.306  0.12 21.67 ? 50  THR A CB  1 
ATOM   420  C  CB  B THR A 1 51  ? -5.430  -3.233  -6.371  0.88 20.86 ? 50  THR A CB  1 
ATOM   421  O  OG1 A THR A 1 51  ? -4.486  -1.870  -6.044  0.12 20.87 ? 50  THR A OG1 1 
ATOM   422  O  OG1 B THR A 1 51  ? -4.941  -3.883  -7.556  0.88 25.00 ? 50  THR A OG1 1 
ATOM   423  C  CG2 A THR A 1 51  ? -6.421  -3.102  -6.715  0.12 21.62 ? 50  THR A CG2 1 
ATOM   424  C  CG2 B THR A 1 51  ? -4.932  -1.801  -6.360  0.88 20.28 ? 50  THR A CG2 1 
ATOM   425  N  N   . LYS A 1 52  ? -6.529  -3.382  -3.390  1.00 17.64 ? 51  LYS A N   1 
ATOM   426  C  CA  . LYS A 1 52  ? -7.040  -2.609  -2.273  1.00 16.24 ? 51  LYS A CA  1 
ATOM   427  C  C   . LYS A 1 52  ? -7.031  -3.468  -1.018  1.00 18.55 ? 51  LYS A C   1 
ATOM   428  O  O   . LYS A 1 52  ? -7.605  -4.564  -1.009  1.00 19.56 ? 51  LYS A O   1 
ATOM   429  C  CB  . LYS A 1 52  ? -8.462  -2.162  -2.595  1.00 18.68 ? 51  LYS A CB  1 
ATOM   430  C  CG  . LYS A 1 52  ? -9.060  -1.249  -1.551  1.00 21.41 ? 51  LYS A CG  1 
ATOM   431  C  CD  . LYS A 1 52  ? -10.406 -0.718  -1.991  1.00 22.73 ? 51  LYS A CD  1 
ATOM   432  C  CE  . LYS A 1 52  ? -11.480 -1.791  -1.897  1.00 28.33 ? 51  LYS A CE  1 
ATOM   433  N  NZ  . LYS A 1 52  ? -12.629 -1.476  -2.786  1.00 33.09 ? 51  LYS A NZ  1 
ATOM   434  N  N   . PHE A 1 53  ? -6.402  -2.953  0.043   1.00 17.69 ? 52  PHE A N   1 
ATOM   435  C  CA  . PHE A 1 53  ? -6.204  -3.652  1.305   1.00 17.95 ? 52  PHE A CA  1 
ATOM   436  C  C   . PHE A 1 53  ? -6.755  -2.803  2.439   1.00 20.59 ? 52  PHE A C   1 
ATOM   437  O  O   . PHE A 1 53  ? -6.606  -1.578  2.435   1.00 22.16 ? 52  PHE A O   1 
ATOM   438  C  CB  . PHE A 1 53  ? -4.707  -3.880  1.503   1.00 20.77 ? 52  PHE A CB  1 
ATOM   439  C  CG  . PHE A 1 53  ? -4.142  -4.869  0.536   1.00 19.09 ? 52  PHE A CG  1 
ATOM   440  C  CD1 . PHE A 1 53  ? -3.758  -4.472  -0.725  1.00 18.65 ? 52  PHE A CD1 1 
ATOM   441  C  CD2 . PHE A 1 53  ? -4.056  -6.212  0.872   1.00 27.29 ? 52  PHE A CD2 1 
ATOM   442  C  CE1 . PHE A 1 53  ? -3.274  -5.388  -1.638  1.00 21.87 ? 52  PHE A CE1 1 
ATOM   443  C  CE2 . PHE A 1 53  ? -3.561  -7.132  -0.033  1.00 26.44 ? 52  PHE A CE2 1 
ATOM   444  C  CZ  . PHE A 1 53  ? -3.168  -6.722  -1.283  1.00 24.33 ? 52  PHE A CZ  1 
ATOM   445  N  N   . LEU A 1 54  ? -7.414  -3.447  3.393   1.00 19.54 ? 53  LEU A N   1 
ATOM   446  C  CA  . LEU A 1 54  ? -7.910  -2.774  4.591   1.00 17.96 ? 53  LEU A CA  1 
ATOM   447  C  C   . LEU A 1 54  ? -7.005  -3.191  5.743   1.00 18.39 ? 53  LEU A C   1 
ATOM   448  O  O   . LEU A 1 54  ? -7.071  -4.329  6.222   1.00 20.40 ? 53  LEU A O   1 
ATOM   449  C  CB  . LEU A 1 54  ? -9.378  -3.104  4.845   1.00 18.02 ? 53  LEU A CB  1 
ATOM   450  C  CG  . LEU A 1 54  ? -10.388 -2.762  3.747   1.00 22.96 ? 53  LEU A CG  1 
ATOM   451  C  CD1 . LEU A 1 54  ? -11.827 -2.858  4.246   1.00 22.63 ? 53  LEU A CD1 1 
ATOM   452  C  CD2 . LEU A 1 54  ? -10.122 -1.390  3.132   1.00 30.08 ? 53  LEU A CD2 1 
ATOM   453  N  N   . VAL A 1 55  ? -6.123  -2.297  6.164   1.00 16.65 ? 54  VAL A N   1 
ATOM   454  C  CA  . VAL A 1 55  ? -5.069  -2.624  7.119   1.00 16.64 ? 54  VAL A CA  1 
ATOM   455  C  C   . VAL A 1 55  ? -5.495  -2.174  8.513   1.00 16.85 ? 54  VAL A C   1 
ATOM   456  O  O   . VAL A 1 55  ? -5.891  -1.015  8.677   1.00 17.05 ? 54  VAL A O   1 
ATOM   457  C  CB  . VAL A 1 55  ? -3.727  -1.978  6.718   1.00 16.35 ? 54  VAL A CB  1 
ATOM   458  C  CG1 . VAL A 1 55  ? -2.631  -2.372  7.699   1.00 18.22 ? 54  VAL A CG1 1 
ATOM   459  C  CG2 . VAL A 1 55  ? -3.342  -2.387  5.294   1.00 18.74 ? 54  VAL A CG2 1 
ATOM   460  N  N   . PRO A 1 56  ? -5.397  -3.028  9.534   1.00 17.17 ? 55  PRO A N   1 
ATOM   461  C  CA  . PRO A 1 56  ? -5.733  -2.578  10.895  1.00 17.94 ? 55  PRO A CA  1 
ATOM   462  C  C   . PRO A 1 56  ? -4.877  -1.377  11.275  1.00 18.95 ? 55  PRO A C   1 
ATOM   463  O  O   . PRO A 1 56  ? -3.666  -1.377  11.061  1.00 17.17 ? 55  PRO A O   1 
ATOM   464  C  CB  . PRO A 1 56  ? -5.381  -3.794  11.755  1.00 19.87 ? 55  PRO A CB  1 
ATOM   465  C  CG  . PRO A 1 56  ? -5.542  -4.937  10.829  1.00 25.94 ? 55  PRO A CG  1 
ATOM   466  C  CD  . PRO A 1 56  ? -4.983  -4.435  9.517   1.00 19.44 ? 55  PRO A CD  1 
ATOM   467  N  N   . ASP A 1 57  ? -5.505  -0.344  11.846  1.00 16.93 ? 56  ASP A N   1 
ATOM   468  C  CA  . ASP A 1 57  ? -4.806  0.937   11.950  1.00 16.74 ? 56  ASP A CA  1 
ATOM   469  C  C   . ASP A 1 57  ? -3.760  0.998   13.067  1.00 18.49 ? 56  ASP A C   1 
ATOM   470  O  O   . ASP A 1 57  ? -3.120  2.049   13.222  1.00 20.48 ? 56  ASP A O   1 
ATOM   471  C  CB  . ASP A 1 57  ? -5.741  2.148   12.070  1.00 19.50 ? 56  ASP A CB  1 
ATOM   472  C  CG  . ASP A 1 57  ? -6.346  2.321   13.460  1.00 20.47 ? 56  ASP A CG  1 
ATOM   473  O  OD1 . ASP A 1 57  ? -6.178  1.446   14.334  1.00 21.64 ? 56  ASP A OD1 1 
ATOM   474  O  OD2 . ASP A 1 57  ? -6.873  3.433   13.693  1.00 19.44 ? 56  ASP A OD2 1 
ATOM   475  N  N   . HIS A 1 58  ? -3.583  -0.080  13.834  1.00 19.53 ? 57  HIS A N   1 
ATOM   476  C  CA  . HIS A 1 58  ? -2.638  -0.109  14.942  1.00 19.97 ? 57  HIS A CA  1 
ATOM   477  C  C   . HIS A 1 58  ? -1.293  -0.697  14.556  1.00 22.35 ? 57  HIS A C   1 
ATOM   478  O  O   . HIS A 1 58  ? -0.353  -0.622  15.358  1.00 25.65 ? 57  HIS A O   1 
ATOM   479  C  CB  . HIS A 1 58  ? -3.225  -0.918  16.108  1.00 25.34 ? 57  HIS A CB  1 
ATOM   480  C  CG  . HIS A 1 58  ? -3.351  -2.381  15.827  1.00 27.12 ? 57  HIS A CG  1 
ATOM   481  N  ND1 . HIS A 1 58  ? -2.345  -3.284  16.100  1.00 30.49 ? 57  HIS A ND1 1 
ATOM   482  C  CD2 . HIS A 1 58  ? -4.350  -3.094  15.256  1.00 26.36 ? 57  HIS A CD2 1 
ATOM   483  C  CE1 . HIS A 1 58  ? -2.726  -4.492  15.724  1.00 32.73 ? 57  HIS A CE1 1 
ATOM   484  N  NE2 . HIS A 1 58  ? -3.937  -4.403  15.206  1.00 35.63 ? 57  HIS A NE2 1 
ATOM   485  N  N   . VAL A 1 59  ? -1.163  -1.274  13.361  1.00 18.76 ? 58  VAL A N   1 
ATOM   486  C  CA  . VAL A 1 59  ? 0.100   -1.908  13.001  1.00 18.68 ? 58  VAL A CA  1 
ATOM   487  C  C   . VAL A 1 59  ? 1.085   -0.844  12.539  1.00 20.55 ? 58  VAL A C   1 
ATOM   488  O  O   . VAL A 1 59  ? 0.702   0.225   12.050  1.00 24.07 ? 58  VAL A O   1 
ATOM   489  C  CB  . VAL A 1 59  ? -0.059  -3.012  11.933  1.00 20.22 ? 58  VAL A CB  1 
ATOM   490  C  CG1 . VAL A 1 59  ? -1.068  -4.076  12.366  1.00 21.11 ? 58  VAL A CG1 1 
ATOM   491  C  CG2 . VAL A 1 59  ? -0.426  -2.426  10.623  1.00 20.61 ? 58  VAL A CG2 1 
ATOM   492  N  N   . ASN A 1 60  ? 2.366   -1.166  12.646  1.00 16.16 ? 59  ASN A N   1 
ATOM   493  C  CA  . ASN A 1 60  ? 3.390   -0.266  12.143  1.00 15.57 ? 59  ASN A CA  1 
ATOM   494  C  C   . ASN A 1 60  ? 3.848   -0.692  10.753  1.00 16.64 ? 59  ASN A C   1 
ATOM   495  O  O   . ASN A 1 60  ? 3.429   -1.714  10.207  1.00 16.02 ? 59  ASN A O   1 
ATOM   496  C  CB  . ASN A 1 60  ? 4.542   -0.090  13.138  1.00 17.22 ? 59  ASN A CB  1 
ATOM   497  C  CG  . ASN A 1 60  ? 5.287   -1.373  13.432  1.00 19.58 ? 59  ASN A CG  1 
ATOM   498  O  OD1 . ASN A 1 60  ? 5.258   -2.317  12.662  1.00 19.72 ? 59  ASN A OD1 1 
ATOM   499  N  ND2 . ASN A 1 60  ? 6.016   -1.381  14.546  1.00 23.63 ? 59  ASN A ND2 1 
ATOM   500  N  N   . MET A 1 61  ? 4.740   0.100   10.173  1.00 15.15 ? 60  MET A N   1 
ATOM   501  C  CA  . MET A 1 61  ? 5.171   -0.158  8.811   1.00 16.46 ? 60  MET A CA  1 
ATOM   502  C  C   . MET A 1 61  ? 6.006   -1.443  8.734   1.00 16.33 ? 60  MET A C   1 
ATOM   503  O  O   . MET A 1 61  ? 5.937   -2.167  7.736   1.00 17.39 ? 60  MET A O   1 
ATOM   504  C  CB  . MET A 1 61  ? 5.997   1.056   8.399   1.00 20.09 ? 60  MET A CB  1 
ATOM   505  C  CG  . MET A 1 61  ? 5.282   2.175   7.612   1.00 22.17 ? 60  MET A CG  1 
ATOM   506  S  SD  . MET A 1 61  ? 3.798   1.851   6.654   1.00 22.68 ? 60  MET A SD  1 
ATOM   507  C  CE  . MET A 1 61  ? 4.544   1.101   5.209   1.00 28.30 ? 60  MET A CE  1 
ATOM   508  N  N   A SER A 1 62  ? 6.790   -1.746  9.778   0.92 18.07 ? 61  SER A N   1 
ATOM   509  N  N   B SER A 1 62  ? 6.779   -1.747  9.781   0.08 18.21 ? 61  SER A N   1 
ATOM   510  C  CA  A SER A 1 62  ? 7.534   -3.001  9.810   0.92 18.02 ? 61  SER A CA  1 
ATOM   511  C  CA  B SER A 1 62  ? 7.539   -2.994  9.802   0.08 18.21 ? 61  SER A CA  1 
ATOM   512  C  C   A SER A 1 62  ? 6.585   -4.187  9.687   0.92 18.36 ? 61  SER A C   1 
ATOM   513  C  C   B SER A 1 62  ? 6.616   -4.204  9.729   0.08 18.42 ? 61  SER A C   1 
ATOM   514  O  O   A SER A 1 62  ? 6.824   -5.122  8.911   0.92 19.45 ? 61  SER A O   1 
ATOM   515  O  O   B SER A 1 62  ? 6.923   -5.191  9.050   0.08 19.50 ? 61  SER A O   1 
ATOM   516  C  CB  A SER A 1 62  ? 8.321   -3.090  11.114  0.92 21.92 ? 61  SER A CB  1 
ATOM   517  C  CB  B SER A 1 62  ? 8.411   -3.056  11.055  0.08 21.93 ? 61  SER A CB  1 
ATOM   518  O  OG  A SER A 1 62  ? 8.882   -4.387  11.263  0.92 23.46 ? 61  SER A OG  1 
ATOM   519  O  OG  B SER A 1 62  ? 7.620   -3.132  12.226  0.08 20.61 ? 61  SER A OG  1 
ATOM   520  N  N   . GLU A 1 63  ? 5.479   -4.150  10.426  1.00 16.59 ? 62  GLU A N   1 
ATOM   521  C  CA  . GLU A 1 63  ? 4.508   -5.233  10.337  1.00 17.14 ? 62  GLU A CA  1 
ATOM   522  C  C   . GLU A 1 63  ? 3.830   -5.267  8.977   1.00 18.35 ? 62  GLU A C   1 
ATOM   523  O  O   . GLU A 1 63  ? 3.539   -6.350  8.450   1.00 18.36 ? 62  GLU A O   1 
ATOM   524  C  CB  . GLU A 1 63  ? 3.460   -5.089  11.433  1.00 17.90 ? 62  GLU A CB  1 
ATOM   525  C  CG  . GLU A 1 63  ? 2.396   -6.198  11.524  1.00 16.84 ? 62  GLU A CG  1 
ATOM   526  C  CD  . GLU A 1 63  ? 2.902   -7.630  11.361  1.00 20.94 ? 62  GLU A CD  1 
ATOM   527  O  OE1 . GLU A 1 63  ? 4.050   -7.910  11.747  1.00 20.17 ? 62  GLU A OE1 1 
ATOM   528  O  OE2 . GLU A 1 63  ? 2.119   -8.489  10.896  1.00 19.85 ? 62  GLU A OE2 1 
ATOM   529  N  N   . LEU A 1 64  ? 3.521   -4.103  8.401   1.00 16.85 ? 63  LEU A N   1 
ATOM   530  C  CA  . LEU A 1 64  ? 2.907   -4.111  7.079   1.00 17.75 ? 63  LEU A CA  1 
ATOM   531  C  C   . LEU A 1 64  ? 3.832   -4.743  6.052   1.00 16.21 ? 63  LEU A C   1 
ATOM   532  O  O   . LEU A 1 64  ? 3.373   -5.492  5.183   1.00 18.15 ? 63  LEU A O   1 
ATOM   533  C  CB  . LEU A 1 64  ? 2.474   -2.701  6.663   1.00 18.00 ? 63  LEU A CB  1 
ATOM   534  C  CG  . LEU A 1 64  ? 1.783   -2.657  5.294   1.00 16.17 ? 63  LEU A CG  1 
ATOM   535  C  CD1 . LEU A 1 64  ? 0.556   -3.559  5.211   1.00 19.69 ? 63  LEU A CD1 1 
ATOM   536  C  CD2 . LEU A 1 64  ? 1.427   -1.212  4.961   1.00 22.75 ? 63  LEU A CD2 1 
ATOM   537  N  N   . ILE A 1 65  ? 5.134   -4.449  6.131   1.00 16.67 ? 64  ILE A N   1 
ATOM   538  C  CA  . ILE A 1 65  ? 6.090   -5.107  5.241   1.00 18.87 ? 64  ILE A CA  1 
ATOM   539  C  C   . ILE A 1 65  ? 6.010   -6.618  5.402   1.00 17.34 ? 64  ILE A C   1 
ATOM   540  O  O   . ILE A 1 65  ? 5.962   -7.368  4.420   1.00 19.34 ? 64  ILE A O   1 
ATOM   541  C  CB  . ILE A 1 65  ? 7.506   -4.594  5.520   1.00 18.16 ? 64  ILE A CB  1 
ATOM   542  C  CG1 . ILE A 1 65  ? 7.632   -3.150  5.026   1.00 20.88 ? 64  ILE A CG1 1 
ATOM   543  C  CG2 . ILE A 1 65  ? 8.536   -5.496  4.846   1.00 18.97 ? 64  ILE A CG2 1 
ATOM   544  C  CD1 . ILE A 1 65  ? 8.850   -2.434  5.545   1.00 22.74 ? 64  ILE A CD1 1 
ATOM   545  N  N   . LYS A 1 66  ? 5.982   -7.093  6.650   1.00 16.54 ? 65  LYS A N   1 
ATOM   546  C  CA  . LYS A 1 66  ? 5.907   -8.532  6.874   1.00 16.02 ? 65  LYS A CA  1 
ATOM   547  C  C   . LYS A 1 66  ? 4.621   -9.110  6.308   1.00 18.67 ? 65  LYS A C   1 
ATOM   548  O  O   . LYS A 1 66  ? 4.629   -10.199 5.718   1.00 17.71 ? 65  LYS A O   1 
ATOM   549  C  CB  . LYS A 1 66  ? 6.005   -8.827  8.364   1.00 17.86 ? 65  LYS A CB  1 
ATOM   550  C  CG  . LYS A 1 66  ? 7.337   -8.432  8.994   1.00 18.05 ? 65  LYS A CG  1 
ATOM   551  C  CD  . LYS A 1 66  ? 7.456   -9.016  10.388  1.00 23.27 ? 65  LYS A CD  1 
ATOM   552  C  CE  . LYS A 1 66  ? 8.721   -8.585  11.091  1.00 23.41 ? 65  LYS A CE  1 
ATOM   553  N  NZ  . LYS A 1 66  ? 8.620   -8.918  12.538  1.00 30.19 ? 65  LYS A NZ  1 
ATOM   554  N  N   . ILE A 1 67  ? 3.507   -8.393  6.473   1.00 16.99 ? 66  ILE A N   1 
ATOM   555  C  CA  . ILE A 1 67  ? 2.228   -8.831  5.924   1.00 17.16 ? 66  ILE A CA  1 
ATOM   556  C  C   . ILE A 1 67  ? 2.316   -8.965  4.410   1.00 16.68 ? 66  ILE A C   1 
ATOM   557  O  O   . ILE A 1 67  ? 1.875   -9.966  3.831   1.00 18.29 ? 66  ILE A O   1 
ATOM   558  C  CB  . ILE A 1 67  ? 1.099   -7.867  6.333   1.00 18.92 ? 66  ILE A CB  1 
ATOM   559  C  CG1 . ILE A 1 67  ? 0.762   -8.006  7.827   1.00 19.22 ? 66  ILE A CG1 1 
ATOM   560  C  CG2 . ILE A 1 67  ? -0.127  -8.087  5.460   1.00 19.92 ? 66  ILE A CG2 1 
ATOM   561  C  CD1 . ILE A 1 67  ? 0.108   -6.743  8.423   1.00 20.48 ? 66  ILE A CD1 1 
ATOM   562  N  N   . ILE A 1 68  ? 2.883   -7.963  3.741   1.00 17.63 ? 67  ILE A N   1 
ATOM   563  C  CA  A ILE A 1 68  ? 2.938   -8.021  2.283   0.35 18.52 ? 67  ILE A CA  1 
ATOM   564  C  CA  B ILE A 1 68  ? 2.944   -8.014  2.281   0.65 18.49 ? 67  ILE A CA  1 
ATOM   565  C  C   . ILE A 1 68  ? 3.900   -9.107  1.817   1.00 19.99 ? 67  ILE A C   1 
ATOM   566  O  O   . ILE A 1 68  ? 3.609   -9.839  0.859   1.00 21.31 ? 67  ILE A O   1 
ATOM   567  C  CB  A ILE A 1 68  ? 3.250   -6.642  1.677   0.35 17.85 ? 67  ILE A CB  1 
ATOM   568  C  CB  B ILE A 1 68  ? 3.304   -6.639  1.695   0.65 17.85 ? 67  ILE A CB  1 
ATOM   569  C  CG1 A ILE A 1 68  ? 2.166   -5.635  2.077   0.35 19.01 ? 67  ILE A CG1 1 
ATOM   570  C  CG1 B ILE A 1 68  ? 2.271   -5.579  2.100   0.65 19.15 ? 67  ILE A CG1 1 
ATOM   571  C  CG2 A ILE A 1 68  ? 3.357   -6.740  0.162   0.35 21.81 ? 67  ILE A CG2 1 
ATOM   572  C  CG2 B ILE A 1 68  ? 3.411   -6.732  0.174   0.65 21.86 ? 67  ILE A CG2 1 
ATOM   573  C  CD1 A ILE A 1 68  ? 0.764   -6.159  1.917   0.35 18.38 ? 67  ILE A CD1 1 
ATOM   574  C  CD1 B ILE A 1 68  ? 2.771   -4.158  1.897   0.65 18.18 ? 67  ILE A CD1 1 
ATOM   575  N  N   . ARG A 1 69  ? 5.050   -9.250  2.494   1.00 19.18 ? 68  ARG A N   1 
ATOM   576  C  CA  . ARG A 1 69  ? 5.960   -10.343 2.150   1.00 20.01 ? 68  ARG A CA  1 
ATOM   577  C  C   . ARG A 1 69  ? 5.266   -11.692 2.276   1.00 19.92 ? 68  ARG A C   1 
ATOM   578  O  O   . ARG A 1 69  ? 5.444   -12.565 1.415   1.00 21.31 ? 68  ARG A O   1 
ATOM   579  C  CB  . ARG A 1 69  ? 7.230   -10.295 3.008   1.00 19.39 ? 68  ARG A CB  1 
ATOM   580  C  CG  . ARG A 1 69  ? 8.156   -9.124  2.711   1.00 21.11 ? 68  ARG A CG  1 
ATOM   581  C  CD  . ARG A 1 69  ? 9.407   -9.196  3.584   1.00 21.74 ? 68  ARG A CD  1 
ATOM   582  N  NE  . ARG A 1 69  ? 10.178  -10.406 3.311   1.00 24.12 ? 68  ARG A NE  1 
ATOM   583  C  CZ  . ARG A 1 69  ? 11.130  -10.498 2.396   1.00 23.68 ? 68  ARG A CZ  1 
ATOM   584  N  NH1 . ARG A 1 69  ? 11.576  -9.432  1.749   1.00 23.21 ? 68  ARG A NH1 1 
ATOM   585  N  NH2 . ARG A 1 69  ? 11.651  -11.690 2.120   1.00 28.33 ? 68  ARG A NH2 1 
ATOM   586  N  N   . ARG A 1 70  ? 4.465   -11.888 3.335   1.00 18.11 ? 69  ARG A N   1 
ATOM   587  C  CA  . ARG A 1 70  ? 3.732   -13.147 3.493   1.00 18.68 ? 69  ARG A CA  1 
ATOM   588  C  C   . ARG A 1 70  ? 2.688   -13.315 2.398   1.00 20.49 ? 69  ARG A C   1 
ATOM   589  O  O   . ARG A 1 70  ? 2.470   -14.433 1.917   1.00 23.63 ? 69  ARG A O   1 
ATOM   590  C  CB  . ARG A 1 70  ? 3.081   -13.258 4.880   1.00 17.91 ? 69  ARG A CB  1 
ATOM   591  C  CG  . ARG A 1 70  ? 4.053   -13.516 6.020   1.00 16.57 ? 69  ARG A CG  1 
ATOM   592  C  CD  . ARG A 1 70  ? 3.377   -13.938 7.311   1.00 19.27 ? 69  ARG A CD  1 
ATOM   593  N  NE  . ARG A 1 70  ? 2.620   -12.853 7.947   1.00 18.67 ? 69  ARG A NE  1 
ATOM   594  C  CZ  . ARG A 1 70  ? 3.093   -12.074 8.910   1.00 19.84 ? 69  ARG A CZ  1 
ATOM   595  N  NH1 . ARG A 1 70  ? 4.353   -12.144 9.297   1.00 17.92 ? 69  ARG A NH1 1 
ATOM   596  N  NH2 . ARG A 1 70  ? 2.281   -11.202 9.504   1.00 18.32 ? 69  ARG A NH2 1 
ATOM   597  N  N   . ARG A 1 71  ? 2.016   -12.226 2.003   1.00 20.06 ? 70  ARG A N   1 
ATOM   598  C  CA  . ARG A 1 71  ? 1.000   -12.343 0.964   1.00 21.81 ? 70  ARG A CA  1 
ATOM   599  C  C   . ARG A 1 71  ? 1.624   -12.665 -0.388  1.00 26.67 ? 70  ARG A C   1 
ATOM   600  O  O   . ARG A 1 71  ? 0.994   -13.332 -1.215  1.00 27.13 ? 70  ARG A O   1 
ATOM   601  C  CB  . ARG A 1 71  ? 0.163   -11.069 0.906   1.00 23.39 ? 70  ARG A CB  1 
ATOM   602  C  CG  . ARG A 1 71  ? -1.020  -11.151 -0.041  1.00 33.88 ? 70  ARG A CG  1 
ATOM   603  C  CD  . ARG A 1 71  ? -2.196  -10.361 0.480   1.00 27.33 ? 70  ARG A CD  1 
ATOM   604  N  NE  . ARG A 1 71  ? -3.463  -10.725 -0.142  1.00 24.18 ? 70  ARG A NE  1 
ATOM   605  C  CZ  . ARG A 1 71  ? -4.622  -10.791 0.495   1.00 22.98 ? 70  ARG A CZ  1 
ATOM   606  N  NH1 . ARG A 1 71  ? -4.707  -10.574 1.800   1.00 24.58 ? 70  ARG A NH1 1 
ATOM   607  N  NH2 . ARG A 1 71  ? -5.730  -11.042 -0.201  1.00 25.87 ? 70  ARG A NH2 1 
ATOM   608  N  N   . LEU A 1 72  ? 2.854   -12.214 -0.625  1.00 23.14 ? 71  LEU A N   1 
ATOM   609  C  CA  . LEU A 1 72  ? 3.586   -12.587 -1.828  1.00 24.99 ? 71  LEU A CA  1 
ATOM   610  C  C   . LEU A 1 72  ? 4.255   -13.950 -1.708  1.00 30.05 ? 71  LEU A C   1 
ATOM   611  O  O   . LEU A 1 72  ? 4.833   -14.426 -2.693  1.00 32.38 ? 71  LEU A O   1 
ATOM   612  C  CB  . LEU A 1 72  ? 4.631   -11.520 -2.153  1.00 26.89 ? 71  LEU A CB  1 
ATOM   613  C  CG  . LEU A 1 72  ? 4.054   -10.179 -2.604  1.00 23.92 ? 71  LEU A CG  1 
ATOM   614  C  CD1 . LEU A 1 72  ? 5.132   -9.111  -2.670  1.00 28.48 ? 71  LEU A CD1 1 
ATOM   615  C  CD2 . LEU A 1 72  ? 3.335   -10.325 -3.946  1.00 26.86 ? 71  LEU A CD2 1 
ATOM   616  N  N   . GLN A 1 73  ? 4.177   -14.589 -0.543  1.00 24.22 ? 72  GLN A N   1 
ATOM   617  C  CA  . GLN A 1 73  ? 4.878   -15.845 -0.264  1.00 32.51 ? 72  GLN A CA  1 
ATOM   618  C  C   . GLN A 1 73  ? 6.351   -15.795 -0.638  1.00 36.59 ? 72  GLN A C   1 
ATOM   619  O  O   . GLN A 1 73  ? 6.883   -16.662 -1.337  1.00 36.88 ? 72  GLN A O   1 
ATOM   620  C  CB  . GLN A 1 73  ? 4.156   -17.085 -0.794  1.00 37.29 ? 72  GLN A CB  1 
ATOM   621  C  CG  . GLN A 1 73  ? 2.916   -17.427 0.005   1.00 38.08 ? 72  GLN A CG  1 
ATOM   622  C  CD  . GLN A 1 73  ? 3.276   -17.928 1.408   1.00 47.12 ? 72  GLN A CD  1 
ATOM   623  O  OE1 . GLN A 1 73  ? 3.191   -19.127 1.689   1.00 36.05 ? 72  GLN A OE1 1 
ATOM   624  N  NE2 . GLN A 1 73  ? 3.627   -17.000 2.310   1.00 41.29 ? 72  GLN A NE2 1 
ATOM   625  N  N   . LEU A 1 74  ? 7.018   -14.768 -0.135  1.00 30.62 ? 73  LEU A N   1 
ATOM   626  C  CA  . LEU A 1 74  ? 8.436   -14.612 -0.368  1.00 28.08 ? 73  LEU A CA  1 
ATOM   627  C  C   . LEU A 1 74  ? 9.215   -15.507 0.580   1.00 27.45 ? 73  LEU A C   1 
ATOM   628  O  O   . LEU A 1 74  ? 8.762   -15.841 1.676   1.00 29.44 ? 73  LEU A O   1 
ATOM   629  C  CB  . LEU A 1 74  ? 8.852   -13.164 -0.130  1.00 22.50 ? 73  LEU A CB  1 
ATOM   630  C  CG  . LEU A 1 74  ? 8.204   -12.127 -1.048  1.00 23.98 ? 73  LEU A CG  1 
ATOM   631  C  CD1 . LEU A 1 74  ? 8.874   -10.778 -0.871  1.00 25.62 ? 73  LEU A CD1 1 
ATOM   632  C  CD2 . LEU A 1 74  ? 8.220   -12.561 -2.511  1.00 25.72 ? 73  LEU A CD2 1 
ATOM   633  N  N   . ASN A 1 75  ? 10.394  -15.907 0.138   1.00 33.07 ? 74  ASN A N   1 
ATOM   634  C  CA  . ASN A 1 75  ? 11.337  -16.568 1.017   1.00 35.14 ? 74  ASN A CA  1 
ATOM   635  C  C   . ASN A 1 75  ? 12.393  -15.570 1.491   1.00 31.87 ? 74  ASN A C   1 
ATOM   636  O  O   . ASN A 1 75  ? 12.432  -14.409 1.062   1.00 31.00 ? 74  ASN A O   1 
ATOM   637  C  CB  . ASN A 1 75  ? 11.880  -17.853 0.379   1.00 38.87 ? 74  ASN A CB  1 
ATOM   638  C  CG  . ASN A 1 75  ? 12.742  -17.591 -0.835  1.00 40.66 ? 74  ASN A CG  1 
ATOM   639  O  OD1 . ASN A 1 75  ? 13.485  -16.615 -0.894  1.00 44.01 ? 74  ASN A OD1 1 
ATOM   640  N  ND2 . ASN A 1 75  ? 12.643  -18.476 -1.824  1.00 50.00 ? 74  ASN A ND2 1 
ATOM   641  N  N   . ALA A 1 76  ? 13.265  -16.035 2.386   1.00 34.43 ? 75  ALA A N   1 
ATOM   642  C  CA  . ALA A 1 76  ? 14.176  -15.142 3.089   1.00 36.44 ? 75  ALA A CA  1 
ATOM   643  C  C   . ALA A 1 76  ? 15.206  -14.483 2.181   1.00 43.74 ? 75  ALA A C   1 
ATOM   644  O  O   . ALA A 1 76  ? 15.798  -13.474 2.577   1.00 49.46 ? 75  ALA A O   1 
ATOM   645  C  CB  . ALA A 1 76  ? 14.881  -15.891 4.220   1.00 40.70 ? 75  ALA A CB  1 
ATOM   646  N  N   . ASN A 1 77  ? 15.448  -15.012 0.983   1.00 37.23 ? 76  ASN A N   1 
ATOM   647  C  CA  . ASN A 1 77  ? 16.486  -14.458 0.124   1.00 44.44 ? 76  ASN A CA  1 
ATOM   648  C  C   . ASN A 1 77  ? 15.935  -13.586 -1.001  1.00 44.75 ? 76  ASN A C   1 
ATOM   649  O  O   . ASN A 1 77  ? 16.687  -13.219 -1.911  1.00 45.74 ? 76  ASN A O   1 
ATOM   650  C  CB  . ASN A 1 77  ? 17.393  -15.562 -0.428  1.00 44.74 ? 76  ASN A CB  1 
ATOM   651  C  CG  . ASN A 1 77  ? 16.630  -16.810 -0.799  1.00 54.57 ? 76  ASN A CG  1 
ATOM   652  O  OD1 . ASN A 1 77  ? 15.906  -16.827 -1.794  1.00 61.34 ? 76  ASN A OD1 1 
ATOM   653  N  ND2 . ASN A 1 77  ? 16.766  -17.857 0.010   1.00 49.94 ? 76  ASN A ND2 1 
ATOM   654  N  N   . GLN A 1 78  ? 14.648  -13.241 -0.964  1.00 32.33 ? 77  GLN A N   1 
ATOM   655  C  CA  . GLN A 1 78  ? 14.069  -12.321 -1.934  1.00 34.63 ? 77  GLN A CA  1 
ATOM   656  C  C   . GLN A 1 78  ? 13.987  -10.935 -1.311  1.00 26.78 ? 77  GLN A C   1 
ATOM   657  O  O   . GLN A 1 78  ? 13.436  -10.772 -0.216  1.00 27.23 ? 77  GLN A O   1 
ATOM   658  C  CB  . GLN A 1 78  ? 12.679  -12.785 -2.369  1.00 28.78 ? 77  GLN A CB  1 
ATOM   659  C  CG  . GLN A 1 78  ? 12.642  -14.238 -2.818  1.00 39.35 ? 77  GLN A CG  1 
ATOM   660  C  CD  . GLN A 1 78  ? 11.297  -14.649 -3.379  1.00 39.58 ? 77  GLN A CD  1 
ATOM   661  O  OE1 . GLN A 1 78  ? 10.508  -15.311 -2.704  1.00 42.47 ? 77  GLN A OE1 1 
ATOM   662  N  NE2 . GLN A 1 78  ? 11.034  -14.273 -4.626  1.00 47.89 ? 77  GLN A NE2 1 
ATOM   663  N  N   . ALA A 1 79  ? 14.559  -9.949  -1.998  1.00 29.59 ? 78  ALA A N   1 
ATOM   664  C  CA  . ALA A 1 79  ? 14.504  -8.570  -1.539  1.00 29.63 ? 78  ALA A CA  1 
ATOM   665  C  C   . ALA A 1 79  ? 13.149  -7.959  -1.871  1.00 27.16 ? 78  ALA A C   1 
ATOM   666  O  O   . ALA A 1 79  ? 12.517  -8.300  -2.874  1.00 26.06 ? 78  ALA A O   1 
ATOM   667  C  CB  . ALA A 1 79  ? 15.601  -7.739  -2.205  1.00 32.71 ? 78  ALA A CB  1 
ATOM   668  N  N   . PHE A 1 80  ? 12.710  -7.046  -1.009  1.00 24.82 ? 79  PHE A N   1 
ATOM   669  C  CA  . PHE A 1 80  ? 11.415  -6.397  -1.167  1.00 23.35 ? 79  PHE A CA  1 
ATOM   670  C  C   . PHE A 1 80  ? 11.542  -4.983  -0.628  1.00 27.37 ? 79  PHE A C   1 
ATOM   671  O  O   . PHE A 1 80  ? 11.945  -4.794  0.523   1.00 25.11 ? 79  PHE A O   1 
ATOM   672  C  CB  . PHE A 1 80  ? 10.349  -7.181  -0.400  1.00 24.17 ? 79  PHE A CB  1 
ATOM   673  C  CG  . PHE A 1 80  ? 9.019   -6.496  -0.309  1.00 22.33 ? 79  PHE A CG  1 
ATOM   674  C  CD1 . PHE A 1 80  ? 8.052   -6.709  -1.273  1.00 23.03 ? 79  PHE A CD1 1 
ATOM   675  C  CD2 . PHE A 1 80  ? 8.713   -5.689  0.777   1.00 25.02 ? 79  PHE A CD2 1 
ATOM   676  C  CE1 . PHE A 1 80  ? 6.805   -6.104  -1.179  1.00 23.27 ? 79  PHE A CE1 1 
ATOM   677  C  CE2 . PHE A 1 80  ? 7.477   -5.076  0.874   1.00 22.69 ? 79  PHE A CE2 1 
ATOM   678  C  CZ  . PHE A 1 80  ? 6.524   -5.281  -0.104  1.00 21.90 ? 79  PHE A CZ  1 
ATOM   679  N  N   . PHE A 1 81  ? 11.214  -3.998  -1.457  1.00 23.65 ? 80  PHE A N   1 
ATOM   680  C  CA  . PHE A 1 81  ? 11.247  -2.597  -1.059  1.00 24.46 ? 80  PHE A CA  1 
ATOM   681  C  C   . PHE A 1 81  ? 9.882   -1.976  -1.317  1.00 20.14 ? 80  PHE A C   1 
ATOM   682  O  O   . PHE A 1 81  ? 9.218   -2.312  -2.299  1.00 21.74 ? 80  PHE A O   1 
ATOM   683  C  CB  . PHE A 1 81  ? 12.331  -1.832  -1.822  1.00 26.89 ? 80  PHE A CB  1 
ATOM   684  C  CG  . PHE A 1 81  ? 13.715  -2.395  -1.630  1.00 29.17 ? 80  PHE A CG  1 
ATOM   685  C  CD1 . PHE A 1 81  ? 14.204  -3.380  -2.474  1.00 31.78 ? 80  PHE A CD1 1 
ATOM   686  C  CD2 . PHE A 1 81  ? 14.505  -1.966  -0.575  1.00 35.56 ? 80  PHE A CD2 1 
ATOM   687  C  CE1 . PHE A 1 81  ? 15.476  -3.904  -2.288  1.00 36.18 ? 80  PHE A CE1 1 
ATOM   688  C  CE2 . PHE A 1 81  ? 15.773  -2.491  -0.381  1.00 40.87 ? 80  PHE A CE2 1 
ATOM   689  C  CZ  . PHE A 1 81  ? 16.256  -3.459  -1.240  1.00 40.39 ? 80  PHE A CZ  1 
ATOM   690  N  N   . LEU A 1 82  ? 9.460   -1.089  -0.417  1.00 22.51 ? 81  LEU A N   1 
ATOM   691  C  CA  . LEU A 1 82  ? 8.114   -0.524  -0.424  1.00 21.37 ? 81  LEU A CA  1 
ATOM   692  C  C   . LEU A 1 82  ? 8.201   0.992   -0.397  1.00 25.12 ? 81  LEU A C   1 
ATOM   693  O  O   . LEU A 1 82  ? 8.818   1.564   0.508   1.00 27.65 ? 81  LEU A O   1 
ATOM   694  C  CB  . LEU A 1 82  ? 7.330   -1.010  0.793   1.00 24.85 ? 81  LEU A CB  1 
ATOM   695  C  CG  . LEU A 1 82  ? 5.800   -0.925  0.790   1.00 21.46 ? 81  LEU A CG  1 
ATOM   696  C  CD1 . LEU A 1 82  ? 5.108   -1.542  -0.430  1.00 21.55 ? 81  LEU A CD1 1 
ATOM   697  C  CD2 . LEU A 1 82  ? 5.273   -1.514  2.090   1.00 25.52 ? 81  LEU A CD2 1 
ATOM   698  N  N   . LEU A 1 83  ? 7.585   1.638   -1.376  1.00 19.47 ? 82  LEU A N   1 
ATOM   699  C  CA  . LEU A 1 83  ? 7.400   3.076   -1.325  1.00 20.81 ? 82  LEU A CA  1 
ATOM   700  C  C   . LEU A 1 83  ? 6.024   3.402   -0.782  1.00 17.02 ? 82  LEU A C   1 
ATOM   701  O  O   . LEU A 1 83  ? 5.058   2.661   -0.984  1.00 18.11 ? 82  LEU A O   1 
ATOM   702  C  CB  . LEU A 1 83  ? 7.547   3.767   -2.676  1.00 20.70 ? 82  LEU A CB  1 
ATOM   703  C  CG  . LEU A 1 83  ? 8.750   3.453   -3.555  1.00 23.91 ? 82  LEU A CG  1 
ATOM   704  C  CD1 . LEU A 1 83  ? 8.597   4.098   -4.912  1.00 29.05 ? 82  LEU A CD1 1 
ATOM   705  C  CD2 . LEU A 1 83  ? 9.999   3.948   -2.853  1.00 27.74 ? 82  LEU A CD2 1 
ATOM   706  N  N   . VAL A 1 84  ? 5.945   4.525   -0.093  1.00 16.57 ? 83  VAL A N   1 
ATOM   707  C  CA  . VAL A 1 84  ? 4.689   5.053   0.422   1.00 16.41 ? 83  VAL A CA  1 
ATOM   708  C  C   . VAL A 1 84  ? 4.554   6.474   -0.099  1.00 16.24 ? 83  VAL A C   1 
ATOM   709  O  O   . VAL A 1 84  ? 5.466   7.293   0.079   1.00 15.80 ? 83  VAL A O   1 
ATOM   710  C  CB  . VAL A 1 84  ? 4.673   5.062   1.963   1.00 16.38 ? 83  VAL A CB  1 
ATOM   711  C  CG1 . VAL A 1 84  ? 3.317   5.551   2.475   1.00 19.65 ? 83  VAL A CG1 1 
ATOM   712  C  CG2 . VAL A 1 84  ? 5.000   3.680   2.533   1.00 20.33 ? 83  VAL A CG2 1 
ATOM   713  N  N   . ASN A 1 85  ? 3.417   6.768   -0.734  1.00 15.46 ? 84  ASN A N   1 
ATOM   714  C  CA  . ASN A 1 85  ? 3.157   8.113   -1.250  1.00 16.79 ? 84  ASN A CA  1 
ATOM   715  C  C   . ASN A 1 85  ? 4.304   8.575   -2.141  1.00 17.39 ? 84  ASN A C   1 
ATOM   716  O  O   . ASN A 1 85  ? 4.691   9.744   -2.123  1.00 16.80 ? 84  ASN A O   1 
ATOM   717  C  CB  . ASN A 1 85  ? 2.904   9.085   -0.096  1.00 17.27 ? 84  ASN A CB  1 
ATOM   718  C  CG  . ASN A 1 85  ? 2.448   10.476  -0.547  1.00 19.04 ? 84  ASN A CG  1 
ATOM   719  O  OD1 . ASN A 1 85  ? 1.779   10.640  -1.570  1.00 19.10 ? 84  ASN A OD1 1 
ATOM   720  N  ND2 . ASN A 1 85  ? 2.788   11.483  0.250   1.00 16.53 ? 84  ASN A ND2 1 
ATOM   721  N  N   . GLY A 1 86  ? 4.894   7.628   -2.867  1.00 15.51 ? 85  GLY A N   1 
ATOM   722  C  CA  . GLY A 1 86  ? 5.904   7.926   -3.859  1.00 19.14 ? 85  GLY A CA  1 
ATOM   723  C  C   . GLY A 1 86  ? 7.335   7.980   -3.369  1.00 17.71 ? 85  GLY A C   1 
ATOM   724  O  O   . GLY A 1 86  ? 8.232   8.227   -4.186  1.00 19.35 ? 85  GLY A O   1 
ATOM   725  N  N   . HIS A 1 87  ? 7.593   7.774   -2.078  1.00 17.29 ? 86  HIS A N   1 
ATOM   726  C  CA  . HIS A 1 87  ? 8.940   7.934   -1.546  1.00 16.76 ? 86  HIS A CA  1 
ATOM   727  C  C   . HIS A 1 87  ? 9.257   6.802   -0.581  1.00 18.40 ? 86  HIS A C   1 
ATOM   728  O  O   . HIS A 1 87  ? 8.378   6.040   -0.165  1.00 16.98 ? 86  HIS A O   1 
ATOM   729  C  CB  . HIS A 1 87  ? 9.108   9.283   -0.830  1.00 20.24 ? 86  HIS A CB  1 
ATOM   730  C  CG  . HIS A 1 87  ? 8.152   9.488   0.303   1.00 18.62 ? 86  HIS A CG  1 
ATOM   731  N  ND1 . HIS A 1 87  ? 8.362   8.948   1.554   1.00 20.15 ? 86  HIS A ND1 1 
ATOM   732  C  CD2 . HIS A 1 87  ? 6.985   10.174  0.380   1.00 18.73 ? 86  HIS A CD2 1 
ATOM   733  C  CE1 . HIS A 1 87  ? 7.360   9.279   2.351   1.00 19.21 ? 86  HIS A CE1 1 
ATOM   734  N  NE2 . HIS A 1 87  ? 6.514   10.026  1.664   1.00 19.04 ? 86  HIS A NE2 1 
ATOM   735  N  N   A SER A 1 88  ? 10.530  6.688   -0.225  0.12 18.55 ? 87  SER A N   1 
ATOM   736  N  N   B SER A 1 88  ? 10.533  6.711   -0.210  0.88 18.36 ? 87  SER A N   1 
ATOM   737  C  CA  A SER A 1 88  ? 10.943  5.629   0.682   0.12 19.75 ? 87  SER A CA  1 
ATOM   738  C  CA  B SER A 1 88  ? 10.970  5.678   0.717   0.88 19.63 ? 87  SER A CA  1 
ATOM   739  C  C   A SER A 1 88  ? 10.436  5.906   2.094   0.12 17.92 ? 87  SER A C   1 
ATOM   740  C  C   B SER A 1 88  ? 10.391  5.915   2.102   0.88 17.70 ? 87  SER A C   1 
ATOM   741  O  O   A SER A 1 88  ? 10.202  7.053   2.485   0.12 19.84 ? 87  SER A O   1 
ATOM   742  O  O   B SER A 1 88  ? 10.096  7.045   2.503   0.88 19.86 ? 87  SER A O   1 
ATOM   743  C  CB  A SER A 1 88  ? 12.465  5.494   0.692   0.12 21.91 ? 87  SER A CB  1 
ATOM   744  C  CB  B SER A 1 88  ? 12.499  5.648   0.837   0.88 21.48 ? 87  SER A CB  1 
ATOM   745  O  OG  A SER A 1 88  ? 13.069  6.621   1.297   0.12 22.25 ? 87  SER A OG  1 
ATOM   746  O  OG  B SER A 1 88  ? 13.124  5.626   -0.431  0.88 26.88 ? 87  SER A OG  1 
ATOM   747  N  N   . MET A 1 89  ? 10.264  4.832   2.858   1.00 18.64 ? 88  MET A N   1 
ATOM   748  C  CA  . MET A 1 89  ? 9.784   4.945   4.227   1.00 19.95 ? 88  MET A CA  1 
ATOM   749  C  C   . MET A 1 89  ? 10.819  5.633   5.088   1.00 19.59 ? 88  MET A C   1 
ATOM   750  O  O   . MET A 1 89  ? 12.016  5.364   4.981   1.00 21.39 ? 88  MET A O   1 
ATOM   751  C  CB  . MET A 1 89  ? 9.538   3.555   4.795   1.00 21.25 ? 88  MET A CB  1 
ATOM   752  C  CG  . MET A 1 89  ? 8.311   2.890   4.200   1.00 24.01 ? 88  MET A CG  1 
ATOM   753  S  SD  . MET A 1 89  ? 8.273   1.161   4.706   1.00 28.61 ? 88  MET A SD  1 
ATOM   754  C  CE  . MET A 1 89  ? 8.637   1.403   6.413   1.00 36.62 ? 88  MET A CE  1 
ATOM   755  N  N   . VAL A 1 90  ? 10.358  6.518   5.958   1.00 19.03 ? 89  VAL A N   1 
ATOM   756  C  CA  . VAL A 1 90  ? 11.314  7.169   6.842   1.00 19.81 ? 89  VAL A CA  1 
ATOM   757  C  C   . VAL A 1 90  ? 11.784  6.201   7.920   1.00 27.12 ? 89  VAL A C   1 
ATOM   758  O  O   . VAL A 1 90  ? 12.992  6.032   8.142   1.00 24.64 ? 89  VAL A O   1 
ATOM   759  C  CB  . VAL A 1 90  ? 10.736  8.471   7.409   1.00 20.02 ? 89  VAL A CB  1 
ATOM   760  C  CG1 . VAL A 1 90  ? 11.630  8.989   8.530   1.00 22.83 ? 89  VAL A CG1 1 
ATOM   761  C  CG2 . VAL A 1 90  ? 10.589  9.513   6.286   1.00 25.25 ? 89  VAL A CG2 1 
ATOM   762  N  N   . SER A 1 91  ? 10.839  5.515   8.567   1.00 24.17 ? 90  SER A N   1 
ATOM   763  C  CA  . SER A 1 91  ? 11.137  4.470   9.537   1.00 24.43 ? 90  SER A CA  1 
ATOM   764  C  C   . SER A 1 91  ? 10.074  3.382   9.464   1.00 26.63 ? 90  SER A C   1 
ATOM   765  O  O   . SER A 1 91  ? 8.881   3.677   9.317   1.00 25.67 ? 90  SER A O   1 
ATOM   766  C  CB  . SER A 1 91  ? 11.146  5.019   10.967  1.00 26.30 ? 90  SER A CB  1 
ATOM   767  O  OG  . SER A 1 91  ? 11.402  3.980   11.918  1.00 24.81 ? 90  SER A OG  1 
ATOM   768  N  N   . VAL A 1 92  ? 10.514  2.123   9.584   1.00 23.25 ? 91  VAL A N   1 
ATOM   769  C  CA  . VAL A 1 92  ? 9.579   1.007   9.707   1.00 25.36 ? 91  VAL A CA  1 
ATOM   770  C  C   . VAL A 1 92  ? 8.814   1.016   11.020  1.00 29.88 ? 91  VAL A C   1 
ATOM   771  O  O   . VAL A 1 92  ? 7.838   0.268   11.176  1.00 23.93 ? 91  VAL A O   1 
ATOM   772  C  CB  . VAL A 1 92  ? 10.271  -0.364  9.551   1.00 28.92 ? 91  VAL A CB  1 
ATOM   773  C  CG1 . VAL A 1 92  ? 10.979  -0.477  8.206   1.00 30.81 ? 91  VAL A CG1 1 
ATOM   774  C  CG2 . VAL A 1 92  ? 11.236  -0.588  10.707  1.00 31.89 ? 91  VAL A CG2 1 
ATOM   775  N  N   . SER A 1 93  ? 9.234   1.819   11.980  1.00 25.70 ? 92  SER A N   1 
ATOM   776  C  CA  . SER A 1 93  ? 8.574   1.831   13.274  1.00 23.28 ? 92  SER A CA  1 
ATOM   777  C  C   . SER A 1 93  ? 7.300   2.650   13.297  1.00 21.10 ? 92  SER A C   1 
ATOM   778  O  O   . SER A 1 93  ? 6.582   2.628   14.304  1.00 21.84 ? 92  SER A O   1 
ATOM   779  C  CB  . SER A 1 93  ? 9.530   2.376   14.326  1.00 27.53 ? 92  SER A CB  1 
ATOM   780  O  OG  . SER A 1 93  ? 9.296   3.760   14.547  1.00 36.02 ? 92  SER A OG  1 
ATOM   781  N  N   . THR A 1 94  ? 6.974   3.360   12.218  1.00 23.89 ? 93  THR A N   1 
ATOM   782  C  CA  . THR A 1 94  ? 5.913   4.352   12.339  1.00 23.71 ? 93  THR A CA  1 
ATOM   783  C  C   . THR A 1 94  ? 4.546   3.661   12.313  1.00 21.29 ? 93  THR A C   1 
ATOM   784  O  O   . THR A 1 94  ? 4.307   2.808   11.452  1.00 22.76 ? 93  THR A O   1 
ATOM   785  C  CB  . THR A 1 94  ? 5.984   5.333   11.179  1.00 23.89 ? 93  THR A CB  1 
ATOM   786  O  OG1 . THR A 1 94  ? 7.274   5.958   11.167  1.00 28.10 ? 93  THR A OG1 1 
ATOM   787  C  CG2 . THR A 1 94  ? 4.961   6.439   11.420  1.00 23.77 ? 93  THR A CG2 1 
ATOM   788  N  N   . PRO A 1 95  ? 3.641   3.997   13.230  1.00 20.03 ? 94  PRO A N   1 
ATOM   789  C  CA  . PRO A 1 95  ? 2.273   3.443   13.198  1.00 26.06 ? 94  PRO A CA  1 
ATOM   790  C  C   . PRO A 1 95  ? 1.509   3.834   11.933  1.00 23.28 ? 94  PRO A C   1 
ATOM   791  O  O   . PRO A 1 95  ? 1.567   4.979   11.486  1.00 21.56 ? 94  PRO A O   1 
ATOM   792  C  CB  . PRO A 1 95  ? 1.623   4.091   14.425  1.00 28.07 ? 94  PRO A CB  1 
ATOM   793  C  CG  . PRO A 1 95  ? 2.775   4.422   15.334  1.00 28.56 ? 94  PRO A CG  1 
ATOM   794  C  CD  . PRO A 1 95  ? 3.881   4.846   14.411  1.00 26.11 ? 94  PRO A CD  1 
ATOM   795  N  N   . ILE A 1 96  ? 0.730   2.893   11.376  1.00 19.69 ? 95  ILE A N   1 
ATOM   796  C  CA  . ILE A 1 96  ? 0.074   3.188   10.100  1.00 18.56 ? 95  ILE A CA  1 
ATOM   797  C  C   . ILE A 1 96  ? -0.998  4.275   10.232  1.00 18.03 ? 95  ILE A C   1 
ATOM   798  O  O   . ILE A 1 96  ? -1.262  5.008   9.276   1.00 16.60 ? 95  ILE A O   1 
ATOM   799  C  CB  . ILE A 1 96  ? -0.433  1.925   9.367   1.00 16.98 ? 95  ILE A CB  1 
ATOM   800  C  CG1 . ILE A 1 96  ? -0.764  2.268   7.922   1.00 17.57 ? 95  ILE A CG1 1 
ATOM   801  C  CG2 . ILE A 1 96  ? -1.667  1.349   10.062  1.00 19.45 ? 95  ILE A CG2 1 
ATOM   802  C  CD1 . ILE A 1 96  ? -0.951  1.075   6.994   1.00 22.07 ? 95  ILE A CD1 1 
ATOM   803  N  N   . SER A 1 97  ? -1.636  4.417   11.397  1.00 17.01 ? 96  SER A N   1 
ATOM   804  C  CA  . SER A 1 97  ? -2.603  5.501   11.557  1.00 17.45 ? 96  SER A CA  1 
ATOM   805  C  C   . SER A 1 97  ? -1.935  6.865   11.383  1.00 16.08 ? 96  SER A C   1 
ATOM   806  O  O   . SER A 1 97  ? -2.533  7.794   10.821  1.00 17.05 ? 96  SER A O   1 
ATOM   807  C  CB  . SER A 1 97  ? -3.305  5.405   12.907  1.00 19.80 ? 96  SER A CB  1 
ATOM   808  O  OG  . SER A 1 97  ? -2.366  5.516   13.963  1.00 20.15 ? 96  SER A OG  1 
ATOM   809  N  N   . GLU A 1 98  ? -0.686  6.994   11.844  1.00 16.62 ? 97  GLU A N   1 
ATOM   810  C  CA  . GLU A 1 98  ? 0.072   8.233   11.683  1.00 16.45 ? 97  GLU A CA  1 
ATOM   811  C  C   . GLU A 1 98  ? 0.590   8.376   10.258  1.00 17.58 ? 97  GLU A C   1 
ATOM   812  O  O   . GLU A 1 98  ? 0.521   9.469   9.677   1.00 17.58 ? 97  GLU A O   1 
ATOM   813  C  CB  . GLU A 1 98  ? 1.248   8.243   12.658  1.00 19.71 ? 97  GLU A CB  1 
ATOM   814  C  CG  . GLU A 1 98  ? 0.862   8.487   14.100  1.00 26.33 ? 97  GLU A CG  1 
ATOM   815  C  CD  . GLU A 1 98  ? 2.053   8.383   15.048  1.00 29.49 ? 97  GLU A CD  1 
ATOM   816  O  OE1 . GLU A 1 98  ? 1.869   7.917   16.194  1.00 43.03 ? 97  GLU A OE1 1 
ATOM   817  O  OE2 . GLU A 1 98  ? 3.172   8.751   14.632  1.00 34.25 ? 97  GLU A OE2 1 
ATOM   818  N  N   . VAL A 1 99  ? 1.083   7.286   9.670   1.00 16.89 ? 98  VAL A N   1 
ATOM   819  C  CA  . VAL A 1 99  ? 1.483   7.337   8.266   1.00 15.81 ? 98  VAL A CA  1 
ATOM   820  C  C   . VAL A 1 99  ? 0.314   7.795   7.406   1.00 16.89 ? 98  VAL A C   1 
ATOM   821  O  O   . VAL A 1 99  ? 0.481   8.620   6.499   1.00 16.94 ? 98  VAL A O   1 
ATOM   822  C  CB  . VAL A 1 99  ? 2.016   5.973   7.795   1.00 16.04 ? 98  VAL A CB  1 
ATOM   823  C  CG1 . VAL A 1 99  ? 2.354   6.013   6.320   1.00 17.80 ? 98  VAL A CG1 1 
ATOM   824  C  CG2 . VAL A 1 99  ? 3.231   5.548   8.617   1.00 18.70 ? 98  VAL A CG2 1 
ATOM   825  N  N   . TYR A 1 100 ? -0.886  7.262   7.671   1.00 14.70 ? 99  TYR A N   1 
ATOM   826  C  CA  . TYR A 1 100 ? -2.054  7.646   6.886   1.00 14.63 ? 99  TYR A CA  1 
ATOM   827  C  C   . TYR A 1 100 ? -2.312  9.140   6.971   1.00 15.53 ? 99  TYR A C   1 
ATOM   828  O  O   . TYR A 1 100 ? -2.525  9.804   5.951   1.00 16.08 ? 99  TYR A O   1 
ATOM   829  C  CB  . TYR A 1 100 ? -3.284  6.900   7.400   1.00 16.30 ? 99  TYR A CB  1 
ATOM   830  C  CG  . TYR A 1 100 ? -4.522  7.217   6.600   1.00 14.53 ? 99  TYR A CG  1 
ATOM   831  C  CD1 . TYR A 1 100 ? -4.676  6.740   5.297   1.00 15.36 ? 99  TYR A CD1 1 
ATOM   832  C  CD2 . TYR A 1 100 ? -5.510  8.033   7.116   1.00 14.94 ? 99  TYR A CD2 1 
ATOM   833  C  CE1 . TYR A 1 100 ? -5.807  7.038   4.553   1.00 14.71 ? 99  TYR A CE1 1 
ATOM   834  C  CE2 . TYR A 1 100 ? -6.644  8.339   6.375   1.00 15.40 ? 99  TYR A CE2 1 
ATOM   835  C  CZ  . TYR A 1 100 ? -6.785  7.837   5.096   1.00 14.61 ? 99  TYR A CZ  1 
ATOM   836  O  OH  . TYR A 1 100 ? -7.904  8.141   4.364   1.00 15.73 ? 99  TYR A OH  1 
ATOM   837  N  N   . GLU A 1 101 ? -2.353  9.679   8.190   1.00 15.29 ? 100 GLU A N   1 
ATOM   838  C  CA  . GLU A 1 101 ? -2.616  11.103  8.356   1.00 17.05 ? 100 GLU A CA  1 
ATOM   839  C  C   . GLU A 1 101 ? -1.648  11.971  7.563   1.00 17.29 ? 100 GLU A C   1 
ATOM   840  O  O   . GLU A 1 101 ? -2.060  12.975  6.959   1.00 20.73 ? 100 GLU A O   1 
ATOM   841  C  CB  . GLU A 1 101 ? -2.610  11.468  9.839   1.00 19.74 ? 100 GLU A CB  1 
ATOM   842  C  CG  . GLU A 1 101 ? -3.771  10.885  10.607  1.00 25.69 ? 100 GLU A CG  1 
ATOM   843  C  CD  . GLU A 1 101 ? -4.368  11.900  11.561  1.00 36.38 ? 100 GLU A CD  1 
ATOM   844  O  OE1 . GLU A 1 101 ? -3.776  12.995  11.714  1.00 29.77 ? 100 GLU A OE1 1 
ATOM   845  O  OE2 . GLU A 1 101 ? -5.470  11.650  12.089  1.00 35.99 ? 100 GLU A OE2 1 
ATOM   846  N  N   . SER A 1 102 ? -0.373  11.595  7.527   1.00 17.37 ? 101 SER A N   1 
ATOM   847  C  CA  . SER A 1 102 ? 0.615   12.441  6.876   1.00 19.09 ? 101 SER A CA  1 
ATOM   848  C  C   . SER A 1 102 ? 0.793   12.133  5.394   1.00 19.81 ? 101 SER A C   1 
ATOM   849  O  O   . SER A 1 102 ? 1.128   13.043  4.626   1.00 21.75 ? 101 SER A O   1 
ATOM   850  C  CB  . SER A 1 102 ? 1.956   12.348  7.600   1.00 24.95 ? 101 SER A CB  1 
ATOM   851  O  OG  . SER A 1 102 ? 2.605   11.128  7.317   1.00 38.49 ? 101 SER A OG  1 
ATOM   852  N  N   . GLU A 1 103 ? 0.563   10.888  4.949   1.00 15.55 ? 102 GLU A N   1 
ATOM   853  C  CA  . GLU A 1 103 ? 0.928   10.482  3.599   1.00 15.47 ? 102 GLU A CA  1 
ATOM   854  C  C   . GLU A 1 103 ? -0.256  10.121  2.713   1.00 15.99 ? 102 GLU A C   1 
ATOM   855  O  O   . GLU A 1 103 ? -0.040  9.759   1.549   1.00 15.77 ? 102 GLU A O   1 
ATOM   856  C  CB  . GLU A 1 103 ? 1.898   9.297   3.632   1.00 17.10 ? 102 GLU A CB  1 
ATOM   857  C  CG  . GLU A 1 103 ? 3.143   9.489   4.497   1.00 19.63 ? 102 GLU A CG  1 
ATOM   858  C  CD  . GLU A 1 103 ? 4.133   10.493  3.946   1.00 23.27 ? 102 GLU A CD  1 
ATOM   859  O  OE1 . GLU A 1 103 ? 4.128   10.761  2.723   1.00 21.35 ? 102 GLU A OE1 1 
ATOM   860  O  OE2 . GLU A 1 103 ? 4.946   11.004  4.743   1.00 34.66 ? 102 GLU A OE2 1 
ATOM   861  N  N   . LYS A 1 104 ? -1.486  10.205  3.215   1.00 15.12 ? 103 LYS A N   1 
ATOM   862  C  CA  . LYS A 1 104 ? -2.635  9.873   2.386   1.00 15.97 ? 103 LYS A CA  1 
ATOM   863  C  C   . LYS A 1 104 ? -2.718  10.770  1.150   1.00 15.92 ? 103 LYS A C   1 
ATOM   864  O  O   . LYS A 1 104 ? -2.325  11.940  1.160   1.00 17.37 ? 103 LYS A O   1 
ATOM   865  C  CB  . LYS A 1 104 ? -3.934  9.966   3.190   1.00 16.73 ? 103 LYS A CB  1 
ATOM   866  C  CG  . LYS A 1 104 ? -4.302  11.358  3.553   1.00 17.96 ? 103 LYS A CG  1 
ATOM   867  C  CD  . LYS A 1 104 ? -5.164  11.440  4.804   1.00 23.11 ? 103 LYS A CD  1 
ATOM   868  C  CE  . LYS A 1 104 ? -5.616  12.873  5.028   1.00 24.11 ? 103 LYS A CE  1 
ATOM   869  N  NZ  . LYS A 1 104 ? -4.553  13.721  5.617   1.00 28.29 ? 103 LYS A NZ  1 
ATOM   870  N  N   . ASP A 1 105 ? -3.224  10.191  0.077   1.00 15.07 ? 104 ASP A N   1 
ATOM   871  C  CA  . ASP A 1 105 ? -3.579  10.930  -1.122  1.00 15.07 ? 104 ASP A CA  1 
ATOM   872  C  C   . ASP A 1 105 ? -4.814  11.790  -0.867  1.00 16.81 ? 104 ASP A C   1 
ATOM   873  O  O   . ASP A 1 105 ? -5.596  11.548  0.051   1.00 15.87 ? 104 ASP A O   1 
ATOM   874  C  CB  . ASP A 1 105 ? -3.891  9.917   -2.221  1.00 16.67 ? 104 ASP A CB  1 
ATOM   875  C  CG  . ASP A 1 105 ? -3.846  10.510  -3.582  1.00 17.77 ? 104 ASP A CG  1 
ATOM   876  O  OD1 . ASP A 1 105 ? -2.748  10.508  -4.178  1.00 19.29 ? 104 ASP A OD1 1 
ATOM   877  O  OD2 . ASP A 1 105 ? -4.907  10.963  -4.044  1.00 18.05 ? 104 ASP A OD2 1 
ATOM   878  N  N   . GLU A 1 106 ? -5.010  12.807  -1.708  1.00 18.52 ? 105 GLU A N   1 
ATOM   879  C  CA  . GLU A 1 106 ? -6.222  13.609  -1.611  1.00 17.17 ? 105 GLU A CA  1 
ATOM   880  C  C   . GLU A 1 106 ? -7.490  12.791  -1.879  1.00 17.41 ? 105 GLU A C   1 
ATOM   881  O  O   . GLU A 1 106 ? -8.577  13.190  -1.429  1.00 19.15 ? 105 GLU A O   1 
ATOM   882  C  CB  . GLU A 1 106 ? -6.071  14.806  -2.555  1.00 18.86 ? 105 GLU A CB  1 
ATOM   883  C  CG  . GLU A 1 106 ? -5.215  15.912  -1.959  1.00 25.58 ? 105 GLU A CG  1 
ATOM   884  C  CD  . GLU A 1 106 ? -5.354  17.239  -2.671  1.00 31.23 ? 105 GLU A CD  1 
ATOM   885  O  OE1 . GLU A 1 106 ? -5.963  17.270  -3.756  1.00 26.22 ? 105 GLU A OE1 1 
ATOM   886  O  OE2 . GLU A 1 106 ? -4.851  18.253  -2.147  1.00 36.07 ? 105 GLU A OE2 1 
ATOM   887  N  N   . ASP A 1 107 ? -7.377  11.636  -2.561  1.00 16.16 ? 106 ASP A N   1 
ATOM   888  C  CA  . ASP A 1 107 ? -8.541  10.775  -2.753  1.00 17.11 ? 106 ASP A CA  1 
ATOM   889  C  C   . ASP A 1 107 ? -8.879  9.931   -1.526  1.00 19.99 ? 106 ASP A C   1 
ATOM   890  O  O   . ASP A 1 107 ? -9.928  9.267   -1.516  1.00 19.69 ? 106 ASP A O   1 
ATOM   891  C  CB  . ASP A 1 107 ? -8.427  9.936   -4.028  1.00 17.17 ? 106 ASP A CB  1 
ATOM   892  C  CG  . ASP A 1 107 ? -7.412  8.803   -3.933  1.00 16.71 ? 106 ASP A CG  1 
ATOM   893  O  OD1 . ASP A 1 107 ? -6.838  8.519   -2.857  1.00 16.28 ? 106 ASP A OD1 1 
ATOM   894  O  OD2 . ASP A 1 107 ? -7.165  8.195   -4.997  1.00 16.86 ? 106 ASP A OD2 1 
ATOM   895  N  N   . GLY A 1 108 ? -8.026  9.952   -0.505  1.00 16.05 ? 107 GLY A N   1 
ATOM   896  C  CA  . GLY A 1 108 ? -8.248  9.255   0.740   1.00 15.82 ? 107 GLY A CA  1 
ATOM   897  C  C   . GLY A 1 108 ? -7.548  7.918   0.847   1.00 14.24 ? 107 GLY A C   1 
ATOM   898  O  O   . GLY A 1 108 ? -7.515  7.344   1.938   1.00 15.47 ? 107 GLY A O   1 
ATOM   899  N  N   . PHE A 1 109 ? -7.011  7.395   -0.246  1.00 14.64 ? 108 PHE A N   1 
ATOM   900  C  CA  . PHE A 1 109 ? -6.242  6.164   -0.177  1.00 13.86 ? 108 PHE A CA  1 
ATOM   901  C  C   . PHE A 1 109 ? -4.796  6.458   0.192   1.00 16.64 ? 108 PHE A C   1 
ATOM   902  O  O   . PHE A 1 109 ? -4.274  7.548   -0.068  1.00 15.39 ? 108 PHE A O   1 
ATOM   903  C  CB  . PHE A 1 109 ? -6.257  5.437   -1.520  1.00 13.73 ? 108 PHE A CB  1 
ATOM   904  C  CG  . PHE A 1 109 ? -7.517  4.636   -1.765  1.00 16.02 ? 108 PHE A CG  1 
ATOM   905  C  CD1 . PHE A 1 109 ? -7.774  3.481   -1.047  1.00 16.39 ? 108 PHE A CD1 1 
ATOM   906  C  CD2 . PHE A 1 109 ? -8.443  5.043   -2.724  1.00 14.71 ? 108 PHE A CD2 1 
ATOM   907  C  CE1 . PHE A 1 109 ? -8.938  2.735   -1.269  1.00 16.93 ? 108 PHE A CE1 1 
ATOM   908  C  CE2 . PHE A 1 109 ? -9.610  4.294   -2.955  1.00 17.97 ? 108 PHE A CE2 1 
ATOM   909  C  CZ  . PHE A 1 109 ? -9.855  3.149   -2.229  1.00 16.37 ? 108 PHE A CZ  1 
ATOM   910  N  N   . LEU A 1 110 ? -4.153  5.471   0.805   1.00 14.52 ? 109 LEU A N   1 
ATOM   911  C  CA  . LEU A 1 110 ? -2.717  5.491   1.027   1.00 13.60 ? 109 LEU A CA  1 
ATOM   912  C  C   . LEU A 1 110 ? -2.064  4.596   -0.027  1.00 13.79 ? 109 LEU A C   1 
ATOM   913  O  O   . LEU A 1 110 ? -2.335  3.392   -0.066  1.00 15.45 ? 109 LEU A O   1 
ATOM   914  C  CB  . LEU A 1 110 ? -2.428  5.010   2.448   1.00 14.27 ? 109 LEU A CB  1 
ATOM   915  C  CG  . LEU A 1 110 ? -0.958  4.998   2.870   1.00 13.80 ? 109 LEU A CG  1 
ATOM   916  C  CD1 . LEU A 1 110 ? -0.317  6.418   2.818   1.00 16.32 ? 109 LEU A CD1 1 
ATOM   917  C  CD2 . LEU A 1 110 ? -0.852  4.435   4.269   1.00 16.93 ? 109 LEU A CD2 1 
ATOM   918  N  N   . TYR A 1 111 ? -1.198  5.176   -0.873  1.00 14.30 ? 110 TYR A N   1 
ATOM   919  C  CA  . TYR A 1 111 ? -0.650  4.494   -2.050  1.00 14.29 ? 110 TYR A CA  1 
ATOM   920  C  C   . TYR A 1 111 ? 0.750   3.968   -1.791  1.00 14.68 ? 110 TYR A C   1 
ATOM   921  O  O   . TYR A 1 111 ? 1.630   4.702   -1.327  1.00 16.26 ? 110 TYR A O   1 
ATOM   922  C  CB  . TYR A 1 111 ? -0.603  5.398   -3.288  1.00 16.33 ? 110 TYR A CB  1 
ATOM   923  C  CG  . TYR A 1 111 ? -1.965  5.624   -3.889  1.00 15.35 ? 110 TYR A CG  1 
ATOM   924  C  CD1 . TYR A 1 111 ? -2.812  6.606   -3.408  1.00 14.05 ? 110 TYR A CD1 1 
ATOM   925  C  CD2 . TYR A 1 111 ? -2.414  4.837   -4.947  1.00 16.89 ? 110 TYR A CD2 1 
ATOM   926  C  CE1 . TYR A 1 111 ? -4.081  6.803   -3.967  1.00 15.46 ? 110 TYR A CE1 1 
ATOM   927  C  CE2 . TYR A 1 111 ? -3.675  5.032   -5.507  1.00 16.05 ? 110 TYR A CE2 1 
ATOM   928  C  CZ  . TYR A 1 111 ? -4.500  6.003   -5.018  1.00 14.12 ? 110 TYR A CZ  1 
ATOM   929  O  OH  . TYR A 1 111 ? -5.747  6.178   -5.564  1.00 16.02 ? 110 TYR A OH  1 
ATOM   930  N  N   . MET A 1 112 ? 0.951   2.696   -2.112  1.00 14.98 ? 111 MET A N   1 
ATOM   931  C  CA  . MET A 1 112 ? 2.231   2.025   -1.958  1.00 15.53 ? 111 MET A CA  1 
ATOM   932  C  C   . MET A 1 112 ? 2.600   1.273   -3.222  1.00 16.81 ? 111 MET A C   1 
ATOM   933  O  O   . MET A 1 112 ? 1.736   0.766   -3.937  1.00 17.61 ? 111 MET A O   1 
ATOM   934  C  CB  . MET A 1 112 ? 2.205   1.085   -0.735  1.00 18.08 ? 111 MET A CB  1 
ATOM   935  C  CG  . MET A 1 112 ? 1.715   1.778   0.536   1.00 17.45 ? 111 MET A CG  1 
ATOM   936  S  SD  . MET A 1 112 ? 1.955   0.717   1.940   1.00 18.11 ? 111 MET A SD  1 
ATOM   937  C  CE  . MET A 1 112 ? 1.152   1.721   3.198   1.00 19.43 ? 111 MET A CE  1 
ATOM   938  N  N   A VAL A 1 113 ? 3.911   1.202   -3.478  0.81 16.75 ? 112 VAL A N   1 
ATOM   939  N  N   B VAL A 1 113 ? 3.893   1.231   -3.521  0.19 16.87 ? 112 VAL A N   1 
ATOM   940  C  CA  A VAL A 1 113 ? 4.476   0.527   -4.644  0.81 17.78 ? 112 VAL A CA  1 
ATOM   941  C  CA  B VAL A 1 113 ? 4.395   0.445   -4.639  0.19 17.87 ? 112 VAL A CA  1 
ATOM   942  C  C   A VAL A 1 113 ? 5.634   -0.336  -4.161  0.81 16.57 ? 112 VAL A C   1 
ATOM   943  C  C   B VAL A 1 113 ? 5.617   -0.336  -4.184  0.19 16.75 ? 112 VAL A C   1 
ATOM   944  O  O   A VAL A 1 113 ? 6.431   0.106   -3.332  0.81 17.62 ? 112 VAL A O   1 
ATOM   945  O  O   B VAL A 1 113 ? 6.423   0.158   -3.388  0.19 17.71 ? 112 VAL A O   1 
ATOM   946  C  CB  A VAL A 1 113 ? 4.970   1.545   -5.698  0.81 17.52 ? 112 VAL A CB  1 
ATOM   947  C  CB  B VAL A 1 113 ? 4.690   1.289   -5.900  0.19 19.10 ? 112 VAL A CB  1 
ATOM   948  C  CG1 A VAL A 1 113 ? 5.541   0.829   -6.918  0.81 20.46 ? 112 VAL A CG1 1 
ATOM   949  C  CG1 B VAL A 1 113 ? 3.430   1.990   -6.394  0.19 19.40 ? 112 VAL A CG1 1 
ATOM   950  C  CG2 A VAL A 1 113 ? 3.829   2.470   -6.122  0.81 20.67 ? 112 VAL A CG2 1 
ATOM   951  C  CG2 B VAL A 1 113 ? 5.755   2.304   -5.608  0.19 19.96 ? 112 VAL A CG2 1 
ATOM   952  N  N   . TYR A 1 114 ? 5.745   -1.563  -4.676  1.00 19.05 ? 113 TYR A N   1 
ATOM   953  C  CA  . TYR A 1 114 ? 6.818   -2.454  -4.262  1.00 18.80 ? 113 TYR A CA  1 
ATOM   954  C  C   . TYR A 1 114 ? 7.676   -2.889  -5.441  1.00 20.91 ? 113 TYR A C   1 
ATOM   955  O  O   . TYR A 1 114 ? 7.216   -2.963  -6.583  1.00 20.84 ? 113 TYR A O   1 
ATOM   956  C  CB  . TYR A 1 114 ? 6.316   -3.680  -3.490  1.00 20.38 ? 113 TYR A CB  1 
ATOM   957  C  CG  . TYR A 1 114 ? 5.465   -4.650  -4.264  1.00 18.60 ? 113 TYR A CG  1 
ATOM   958  C  CD1 . TYR A 1 114 ? 4.089   -4.507  -4.307  1.00 20.59 ? 113 TYR A CD1 1 
ATOM   959  C  CD2 . TYR A 1 114 ? 6.035   -5.727  -4.950  1.00 21.25 ? 113 TYR A CD2 1 
ATOM   960  C  CE1 . TYR A 1 114 ? 3.301   -5.397  -5.011  1.00 24.00 ? 113 TYR A CE1 1 
ATOM   961  C  CE2 . TYR A 1 114 ? 5.255   -6.616  -5.655  1.00 21.50 ? 113 TYR A CE2 1 
ATOM   962  C  CZ  . TYR A 1 114 ? 3.889   -6.457  -5.673  1.00 22.93 ? 113 TYR A CZ  1 
ATOM   963  O  OH  . TYR A 1 114 ? 3.097   -7.339  -6.372  1.00 25.75 ? 113 TYR A OH  1 
ATOM   964  N  N   . ALA A 1 115 ? 8.930   -3.202  -5.141  1.00 21.22 ? 114 ALA A N   1 
ATOM   965  C  CA  . ALA A 1 115 ? 9.868   -3.667  -6.147  1.00 24.03 ? 114 ALA A CA  1 
ATOM   966  C  C   . ALA A 1 115 ? 10.928  -4.504  -5.448  1.00 26.53 ? 114 ALA A C   1 
ATOM   967  O  O   . ALA A 1 115 ? 11.058  -4.480  -4.220  1.00 24.18 ? 114 ALA A O   1 
ATOM   968  C  CB  . ALA A 1 115 ? 10.489  -2.491  -6.910  1.00 22.38 ? 114 ALA A CB  1 
ATOM   969  N  N   . SER A 1 116 ? 11.698  -5.245  -6.248  1.00 26.50 ? 115 SER A N   1 
ATOM   970  C  CA  . SER A 1 116 ? 12.798  -6.050  -5.729  1.00 30.48 ? 115 SER A CA  1 
ATOM   971  C  C   . SER A 1 116 ? 14.126  -5.306  -5.733  1.00 35.09 ? 115 SER A C   1 
ATOM   972  O  O   . SER A 1 116 ? 15.124  -5.841  -5.234  1.00 34.30 ? 115 SER A O   1 
ATOM   973  C  CB  . SER A 1 116 ? 12.919  -7.361  -6.515  1.00 29.32 ? 115 SER A CB  1 
ATOM   974  O  OG  . SER A 1 116 ? 13.147  -7.101  -7.883  1.00 32.17 ? 115 SER A OG  1 
ATOM   975  N  N   . GLN A 1 117 ? 14.163  -4.097  -6.287  1.00 29.17 ? 116 GLN A N   1 
ATOM   976  C  CA  . GLN A 1 117 ? 15.332  -3.236  -6.245  1.00 33.63 ? 116 GLN A CA  1 
ATOM   977  C  C   . GLN A 1 117 ? 14.952  -1.913  -5.592  1.00 45.62 ? 116 GLN A C   1 
ATOM   978  O  O   . GLN A 1 117 ? 13.777  -1.543  -5.528  1.00 43.29 ? 116 GLN A O   1 
ATOM   979  C  CB  . GLN A 1 117 ? 15.896  -2.987  -7.652  1.00 39.26 ? 116 GLN A CB  1 
ATOM   980  N  N   . GLU A 1 118 ? 15.963  -1.201  -5.103  1.00 38.75 ? 117 GLU A N   1 
ATOM   981  C  CA  . GLU A 1 118 ? 15.735  0.050   -4.394  1.00 48.22 ? 117 GLU A CA  1 
ATOM   982  C  C   . GLU A 1 118 ? 15.368  1.212   -5.313  1.00 51.39 ? 117 GLU A C   1 
ATOM   983  O  O   . GLU A 1 118 ? 14.897  2.242   -4.819  1.00 56.93 ? 117 GLU A O   1 
ATOM   984  C  CB  . GLU A 1 118 ? 16.975  0.409   -3.572  1.00 48.33 ? 117 GLU A CB  1 
ATOM   985  C  CG  . GLU A 1 118 ? 16.729  0.476   -2.074  1.00 57.04 ? 117 GLU A CG  1 
ATOM   986  C  CD  . GLU A 1 118 ? 18.017  0.494   -1.268  1.00 65.13 ? 117 GLU A CD  1 
ATOM   987  O  OE1 . GLU A 1 118 ? 19.065  0.890   -1.824  1.00 68.17 ? 117 GLU A OE1 1 
ATOM   988  O  OE2 . GLU A 1 118 ? 17.979  0.113   -0.078  1.00 65.41 ? 117 GLU A OE2 1 
ATOM   989  N  N   . THR A 1 119 ? 15.546  1.075   -6.626  1.00 49.66 ? 118 THR A N   1 
ATOM   990  C  CA  . THR A 1 119 ? 15.397  2.213   -7.528  1.00 52.18 ? 118 THR A CA  1 
ATOM   991  C  C   . THR A 1 119 ? 14.146  2.153   -8.402  1.00 56.39 ? 118 THR A C   1 
ATOM   992  O  O   . THR A 1 119 ? 14.252  2.043   -9.628  1.00 61.12 ? 118 THR A O   1 
ATOM   993  C  CB  . THR A 1 119 ? 16.642  2.345   -8.412  1.00 52.58 ? 118 THR A CB  1 
ATOM   994  N  N   . PHE A 1 120 ? 12.961  2.236   -7.801  1.00 53.97 ? 119 PHE A N   1 
ATOM   995  C  CA  . PHE A 1 120 ? 11.748  2.478   -8.590  1.00 53.35 ? 119 PHE A CA  1 
ATOM   996  C  C   . PHE A 1 120 ? 11.746  3.909   -9.131  1.00 65.86 ? 119 PHE A C   1 
ATOM   997  O  O   . PHE A 1 120 ? 10.791  4.342   -9.780  1.00 61.91 ? 119 PHE A O   1 
ATOM   998  C  CB  . PHE A 1 120 ? 10.372  2.167   -7.913  1.00 51.37 ? 119 PHE A CB  1 
ATOM   999  C  CG  . PHE A 1 120 ? 10.413  1.532   -6.524  1.00 46.55 ? 119 PHE A CG  1 
ATOM   1000 C  CD1 . PHE A 1 120 ? 11.455  1.721   -5.623  1.00 41.43 ? 119 PHE A CD1 1 
ATOM   1001 C  CD2 . PHE A 1 120 ? 9.326   0.771   -6.109  1.00 31.94 ? 119 PHE A CD2 1 
ATOM   1002 C  CE1 . PHE A 1 120 ? 11.439  1.126   -4.382  1.00 41.92 ? 119 PHE A CE1 1 
ATOM   1003 C  CE2 . PHE A 1 120 ? 9.308   0.179   -4.863  1.00 30.54 ? 119 PHE A CE2 1 
ATOM   1004 C  CZ  . PHE A 1 120 ? 10.361  0.361   -3.999  1.00 40.35 ? 119 PHE A CZ  1 
HETATM 1005 C  C1  . EDO B 2 .   ? 6.499   6.713   5.760   1.00 36.18 ? 201 EDO A C1  1 
HETATM 1006 O  O1  . EDO B 2 .   ? 7.599   7.598   5.469   1.00 23.13 ? 201 EDO A O1  1 
HETATM 1007 C  C2  . EDO B 2 .   ? 6.978   5.476   6.520   1.00 37.81 ? 201 EDO A C2  1 
HETATM 1008 O  O2  . EDO B 2 .   ? 7.680   5.852   7.717   1.00 42.38 ? 201 EDO A O2  1 
HETATM 1009 C  C1  . EDO C 2 .   ? 4.358   11.322  -7.375  1.00 38.54 ? 202 EDO A C1  1 
HETATM 1010 O  O1  . EDO C 2 .   ? 4.782   10.173  -6.630  1.00 43.60 ? 202 EDO A O1  1 
HETATM 1011 C  C2  . EDO C 2 .   ? 5.439   11.674  -8.388  1.00 46.13 ? 202 EDO A C2  1 
HETATM 1012 O  O2  . EDO C 2 .   ? 4.850   12.431  -9.454  1.00 50.43 ? 202 EDO A O2  1 
HETATM 1013 C  C1  . EDO D 2 .   ? 12.120  9.578   2.602   1.00 27.22 ? 203 EDO A C1  1 
HETATM 1014 O  O1  . EDO D 2 .   ? 12.515  10.256  1.402   1.00 38.18 ? 203 EDO A O1  1 
HETATM 1015 C  C2  . EDO D 2 .   ? 13.382  9.142   3.328   1.00 22.64 ? 203 EDO A C2  1 
HETATM 1016 O  O2  . EDO D 2 .   ? 14.075  10.280  3.857   1.00 21.25 ? 203 EDO A O2  1 
HETATM 1017 C  C1  . EDO E 2 .   ? -4.414  -6.894  5.163   1.00 28.92 ? 204 EDO A C1  1 
HETATM 1018 O  O1  . EDO E 2 .   ? -4.645  -6.218  6.402   1.00 32.30 ? 204 EDO A O1  1 
HETATM 1019 C  C2  . EDO E 2 .   ? -5.239  -8.173  5.170   1.00 28.07 ? 204 EDO A C2  1 
HETATM 1020 O  O2  . EDO E 2 .   ? -6.631  -7.857  5.021   1.00 33.02 ? 204 EDO A O2  1 
HETATM 1021 C  C1  . EDO F 2 .   ? -3.951  13.091  -6.583  1.00 34.42 ? 205 EDO A C1  1 
HETATM 1022 O  O1  . EDO F 2 .   ? -3.289  12.758  -7.816  1.00 29.19 ? 205 EDO A O1  1 
HETATM 1023 C  C2  . EDO F 2 .   ? -5.451  12.815  -6.666  1.00 25.65 ? 205 EDO A C2  1 
HETATM 1024 O  O2  . EDO F 2 .   ? -5.697  11.403  -6.660  1.00 27.99 ? 205 EDO A O2  1 
HETATM 1025 C  C1  . EDO G 2 .   ? 10.280  -11.735 8.061   1.00 28.30 ? 206 EDO A C1  1 
HETATM 1026 O  O1  . EDO G 2 .   ? 10.318  -11.242 9.403   1.00 33.19 ? 206 EDO A O1  1 
HETATM 1027 C  C2  . EDO G 2 .   ? 9.874   -10.602 7.126   1.00 33.18 ? 206 EDO A C2  1 
HETATM 1028 O  O2  . EDO G 2 .   ? 10.987  -9.720  6.945   1.00 48.94 ? 206 EDO A O2  1 
HETATM 1029 C  C1  . EDO H 2 .   ? 10.926  -5.238  9.236   1.00 38.06 ? 207 EDO A C1  1 
HETATM 1030 O  O1  . EDO H 2 .   ? 11.306  -3.943  8.761   1.00 45.50 ? 207 EDO A O1  1 
HETATM 1031 C  C2  . EDO H 2 .   ? 9.942   -5.862  8.258   1.00 26.68 ? 207 EDO A C2  1 
HETATM 1032 O  O2  . EDO H 2 .   ? 10.639  -6.822  7.447   1.00 46.83 ? 207 EDO A O2  1 
HETATM 1033 C  C1  . EDO I 2 .   ? 2.617   2.265   -10.567 1.00 47.99 ? 208 EDO A C1  1 
HETATM 1034 O  O1  . EDO I 2 .   ? 2.678   3.204   -9.483  1.00 44.86 ? 208 EDO A O1  1 
HETATM 1035 C  C2  . EDO I 2 .   ? 3.812   1.317   -10.528 1.00 44.19 ? 208 EDO A C2  1 
HETATM 1036 O  O2  . EDO I 2 .   ? 5.022   1.996   -10.898 1.00 36.72 ? 208 EDO A O2  1 
HETATM 1037 C  C1  . EDO J 2 .   ? -12.985 2.639   -5.884  1.00 27.12 ? 209 EDO A C1  1 
HETATM 1038 O  O1  . EDO J 2 .   ? -14.387 2.388   -5.706  1.00 50.05 ? 209 EDO A O1  1 
HETATM 1039 C  C2  . EDO J 2 .   ? -12.267 1.333   -5.600  1.00 36.55 ? 209 EDO A C2  1 
HETATM 1040 O  O2  . EDO J 2 .   ? -11.593 1.461   -4.345  1.00 48.97 ? 209 EDO A O2  1 
HETATM 1041 CL CL  . CL  K 3 .   ? -13.544 -1.786  11.437  1.00 23.18 ? 210 CL  A CL  1 
HETATM 1042 O  O   . HOH L 4 .   ? -3.088  -2.035  -9.866  1.00 40.59 ? 301 HOH A O   1 
HETATM 1043 O  O   . HOH L 4 .   ? 4.388   9.877   13.274  1.00 45.77 ? 302 HOH A O   1 
HETATM 1044 O  O   . HOH L 4 .   ? -0.950  2.501   13.905  1.00 32.25 ? 303 HOH A O   1 
HETATM 1045 O  O   . HOH L 4 .   ? -6.470  9.402   12.511  1.00 22.94 ? 304 HOH A O   1 
HETATM 1046 O  O   . HOH L 4 .   ? 6.892   -5.593  -15.491 1.00 46.30 ? 305 HOH A O   1 
HETATM 1047 O  O   . HOH L 4 .   ? 4.462   -21.193 0.999   1.00 29.26 ? 306 HOH A O   1 
HETATM 1048 O  O   . HOH L 4 .   ? 10.933  2.288   1.732   1.00 25.02 ? 307 HOH A O   1 
HETATM 1049 O  O   . HOH L 4 .   ? -9.519  15.522  -0.891  1.00 47.15 ? 308 HOH A O   1 
HETATM 1050 O  O   . HOH L 4 .   ? 14.828  5.151   9.751   1.00 27.66 ? 309 HOH A O   1 
HETATM 1051 O  O   . HOH L 4 .   ? 8.409   -18.754 -1.112  1.00 36.28 ? 310 HOH A O   1 
HETATM 1052 O  O   . HOH L 4 .   ? -7.481  -0.585  15.357  1.00 34.28 ? 311 HOH A O   1 
HETATM 1053 O  O   . HOH L 4 .   ? 12.827  -12.476 -5.374  1.00 58.21 ? 312 HOH A O   1 
HETATM 1054 O  O   . HOH L 4 .   ? -10.070 -5.558  -0.843  1.00 34.53 ? 313 HOH A O   1 
HETATM 1055 O  O   . HOH L 4 .   ? -10.163 7.083   5.750   1.00 23.46 ? 314 HOH A O   1 
HETATM 1056 O  O   . HOH L 4 .   ? 3.020   10.516  -4.652  1.00 30.56 ? 315 HOH A O   1 
HETATM 1057 O  O   . HOH L 4 .   ? 6.265   0.784   16.217  1.00 32.42 ? 316 HOH A O   1 
HETATM 1058 O  O   . HOH L 4 .   ? 6.458   -8.465  14.061  1.00 24.69 ? 317 HOH A O   1 
HETATM 1059 O  O   . HOH L 4 .   ? 14.039  3.545   11.631  1.00 27.27 ? 318 HOH A O   1 
HETATM 1060 O  O   . HOH L 4 .   ? -2.633  3.873   -8.873  1.00 24.90 ? 319 HOH A O   1 
HETATM 1061 O  O   . HOH L 4 .   ? 6.641   -15.409 3.290   1.00 28.11 ? 320 HOH A O   1 
HETATM 1062 O  O   . HOH L 4 .   ? -0.705  13.759  2.778   1.00 32.88 ? 321 HOH A O   1 
HETATM 1063 O  O   . HOH L 4 .   ? -17.894 1.400   -8.994  1.00 39.07 ? 322 HOH A O   1 
HETATM 1064 O  O   . HOH L 4 .   ? -20.483 14.188  -9.176  1.00 34.59 ? 323 HOH A O   1 
HETATM 1065 O  O   . HOH L 4 .   ? -11.698 3.353   7.328   1.00 18.26 ? 324 HOH A O   1 
HETATM 1066 O  O   . HOH L 4 .   ? 13.098  -4.682  -10.017 1.00 51.94 ? 325 HOH A O   1 
HETATM 1067 O  O   . HOH L 4 .   ? -16.946 12.341  -11.654 1.00 23.89 ? 326 HOH A O   1 
HETATM 1068 O  O   . HOH L 4 .   ? -11.804 5.363   9.317   1.00 18.90 ? 327 HOH A O   1 
HETATM 1069 O  O   . HOH L 4 .   ? -1.758  -5.126  -6.665  1.00 30.89 ? 328 HOH A O   1 
HETATM 1070 O  O   . HOH L 4 .   ? -5.960  -6.276  -8.507  1.00 35.58 ? 329 HOH A O   1 
HETATM 1071 O  O   . HOH L 4 .   ? -1.072  13.702  -0.570  1.00 27.93 ? 330 HOH A O   1 
HETATM 1072 O  O   . HOH L 4 .   ? 1.463   12.939  -3.088  1.00 20.77 ? 331 HOH A O   1 
HETATM 1073 O  O   . HOH L 4 .   ? 4.263   -4.324  -12.653 1.00 39.02 ? 332 HOH A O   1 
HETATM 1074 O  O   . HOH L 4 .   ? 1.003   11.795  11.119  1.00 32.81 ? 333 HOH A O   1 
HETATM 1075 O  O   . HOH L 4 .   ? 7.747   8.550   -6.910  1.00 43.80 ? 334 HOH A O   1 
HETATM 1076 O  O   . HOH L 4 .   ? 0.195   2.549   -5.646  1.00 22.33 ? 335 HOH A O   1 
HETATM 1077 O  O   . HOH L 4 .   ? -0.406  -11.479 4.517   1.00 18.88 ? 336 HOH A O   1 
HETATM 1078 O  O   . HOH L 4 .   ? -1.192  6.108   -11.235 1.00 37.38 ? 337 HOH A O   1 
HETATM 1079 O  O   . HOH L 4 .   ? -5.350  7.598   10.857  1.00 20.20 ? 338 HOH A O   1 
HETATM 1080 O  O   . HOH L 4 .   ? -17.968 8.337   5.162   1.00 34.52 ? 339 HOH A O   1 
HETATM 1081 O  O   . HOH L 4 .   ? -11.065 -3.197  15.022  1.00 45.68 ? 340 HOH A O   1 
HETATM 1082 O  O   . HOH L 4 .   ? -0.539  7.977   -0.603  1.00 15.91 ? 341 HOH A O   1 
HETATM 1083 O  O   . HOH L 4 .   ? -0.377  9.384   -2.933  1.00 20.77 ? 342 HOH A O   1 
HETATM 1084 O  O   . HOH L 4 .   ? 1.704   14.137  0.134   1.00 20.70 ? 343 HOH A O   1 
HETATM 1085 O  O   . HOH L 4 .   ? -2.675  13.957  -2.931  1.00 23.00 ? 344 HOH A O   1 
HETATM 1086 O  O   . HOH L 4 .   ? -8.381  -2.674  12.961  1.00 26.80 ? 345 HOH A O   1 
HETATM 1087 O  O   . HOH L 4 .   ? -7.932  -6.291  2.983   1.00 25.14 ? 346 HOH A O   1 
HETATM 1088 O  O   . HOH L 4 .   ? -16.148 6.903   10.067  1.00 21.55 ? 347 HOH A O   1 
HETATM 1089 O  O   . HOH L 4 .   ? 7.597   -6.059  13.249  1.00 28.66 ? 348 HOH A O   1 
HETATM 1090 O  O   . HOH L 4 .   ? 3.857   4.965   -3.361  1.00 20.27 ? 349 HOH A O   1 
HETATM 1091 O  O   . HOH L 4 .   ? 0.144   -4.324  -9.211  1.00 36.28 ? 350 HOH A O   1 
HETATM 1092 O  O   . HOH L 4 .   ? -17.720 -0.112  -10.139 1.00 50.50 ? 351 HOH A O   1 
HETATM 1093 O  O   . HOH L 4 .   ? 14.489  -6.873  1.319   1.00 32.30 ? 352 HOH A O   1 
HETATM 1094 O  O   . HOH L 4 .   ? 11.838  -6.722  2.856   1.00 25.76 ? 353 HOH A O   1 
HETATM 1095 O  O   . HOH L 4 .   ? 2.777   -12.727 -10.698 1.00 42.46 ? 354 HOH A O   1 
HETATM 1096 O  O   . HOH L 4 .   ? 11.886  -3.086  2.944   1.00 37.49 ? 355 HOH A O   1 
HETATM 1097 O  O   . HOH L 4 .   ? 12.753  -9.780  10.259  1.00 46.49 ? 356 HOH A O   1 
HETATM 1098 O  O   . HOH L 4 .   ? 2.639   -3.489  14.476  1.00 24.38 ? 357 HOH A O   1 
HETATM 1099 O  O   . HOH L 4 .   ? 20.817  3.303   -1.705  1.00 43.25 ? 358 HOH A O   1 
HETATM 1100 O  O   . HOH L 4 .   ? -14.017 4.255   -14.166 1.00 37.03 ? 359 HOH A O   1 
HETATM 1101 O  O   . HOH L 4 .   ? 11.317  -0.894  1.942   1.00 31.25 ? 360 HOH A O   1 
HETATM 1102 O  O   . HOH L 4 .   ? -16.017 2.430   -13.790 1.00 35.58 ? 361 HOH A O   1 
HETATM 1103 O  O   . HOH L 4 .   ? -13.600 -4.085  9.660   1.00 32.16 ? 362 HOH A O   1 
HETATM 1104 O  O   . HOH L 4 .   ? -2.691  14.617  3.383   1.00 46.67 ? 363 HOH A O   1 
HETATM 1105 O  O   . HOH L 4 .   ? 13.516  1.637   9.758   1.00 37.71 ? 364 HOH A O   1 
HETATM 1106 O  O   . HOH L 4 .   ? 16.340  -10.576 -4.420  1.00 40.49 ? 365 HOH A O   1 
HETATM 1107 O  O   . HOH L 4 .   ? -0.303  8.603   -7.472  1.00 31.89 ? 366 HOH A O   1 
HETATM 1108 O  O   . HOH L 4 .   ? 8.212   -3.281  15.561  1.00 46.79 ? 367 HOH A O   1 
HETATM 1109 O  O   . HOH L 4 .   ? -0.460  -12.239 -3.708  1.00 31.96 ? 368 HOH A O   1 
HETATM 1110 O  O   . HOH L 4 .   ? -11.346 4.735   4.806   1.00 18.47 ? 369 HOH A O   1 
HETATM 1111 O  O   . HOH L 4 .   ? 13.143  -5.893  -11.715 1.00 44.59 ? 370 HOH A O   1 
HETATM 1112 O  O   . HOH L 4 .   ? 4.413   9.483   9.282   1.00 38.81 ? 371 HOH A O   1 
HETATM 1113 O  O   . HOH L 4 .   ? -8.652  -4.875  -5.199  1.00 24.26 ? 372 HOH A O   1 
HETATM 1114 O  O   . HOH L 4 .   ? 1.098   4.482   -7.038  1.00 29.41 ? 373 HOH A O   1 
HETATM 1115 O  O   . HOH L 4 .   ? 13.010  -10.741 -4.901  1.00 46.91 ? 374 HOH A O   1 
HETATM 1116 O  O   . HOH L 4 .   ? -0.789  12.340  12.759  1.00 40.03 ? 375 HOH A O   1 
HETATM 1117 O  O   . HOH L 4 .   ? 0.047   -5.935  -7.729  1.00 43.11 ? 376 HOH A O   1 
HETATM 1118 O  O   . HOH L 4 .   ? -18.049 0.048   -7.610  1.00 54.91 ? 377 HOH A O   1 
HETATM 1119 O  O   . HOH L 4 .   ? -3.984  -7.390  -9.089  1.00 43.16 ? 378 HOH A O   1 
HETATM 1120 O  O   . HOH L 4 .   ? -10.665 -1.842  -9.573  1.00 50.53 ? 379 HOH A O   1 
HETATM 1121 O  O   . HOH L 4 .   ? -12.951 12.308  1.371   1.00 41.60 ? 380 HOH A O   1 
HETATM 1122 O  O   . HOH L 4 .   ? -8.361  -5.658  -7.162  1.00 48.66 ? 381 HOH A O   1 
HETATM 1123 O  O   . HOH L 4 .   ? -5.455  -7.103  13.642  1.00 40.38 ? 382 HOH A O   1 
HETATM 1124 O  O   . HOH L 4 .   ? -11.789 10.924  0.915   1.00 32.74 ? 383 HOH A O   1 
HETATM 1125 O  O   . HOH L 4 .   ? 4.622   6.719   -7.128  1.00 43.02 ? 384 HOH A O   1 
HETATM 1126 O  O   . HOH L 4 .   ? -3.279  -14.271 -0.134  1.00 39.59 ? 385 HOH A O   1 
HETATM 1127 O  O   . HOH L 4 .   ? -12.878 14.792  -1.466  1.00 44.20 ? 386 HOH A O   1 
HETATM 1128 O  O   . HOH L 4 .   ? -17.399 -2.859  12.050  1.00 49.51 ? 387 HOH A O   1 
HETATM 1129 O  O   . HOH L 4 .   ? 2.592   6.075   -5.515  1.00 28.06 ? 388 HOH A O   1 
HETATM 1130 O  O   . HOH L 4 .   ? 1.248   8.199   -4.813  1.00 26.49 ? 389 HOH A O   1 
HETATM 1131 O  O   . HOH L 4 .   ? -0.974  5.815   -8.462  1.00 31.54 ? 390 HOH A O   1 
HETATM 1132 O  O   . HOH L 4 .   ? -10.753 -6.045  -3.327  1.00 42.42 ? 391 HOH A O   1 
HETATM 1133 O  O   . HOH L 4 .   ? -16.424 -1.735  -4.578  1.00 47.36 ? 392 HOH A O   1 
HETATM 1134 O  O   . HOH L 4 .   ? -12.019 -5.387  0.886   1.00 43.95 ? 393 HOH A O   1 
HETATM 1135 O  O   . HOH L 4 .   ? 1.461   -6.265  14.900  1.00 34.80 ? 394 HOH A O   1 
HETATM 1136 O  O   . HOH L 4 .   ? -16.998 -3.146  -2.857  1.00 50.21 ? 395 HOH A O   1 
# 
